data_6QUC
#
_entry.id   6QUC
#
_cell.length_a   118.500
_cell.length_b   119.683
_cell.length_c   144.602
_cell.angle_alpha   90.00
_cell.angle_beta   90.00
_cell.angle_gamma   90.00
#
_symmetry.space_group_name_H-M   'P 21 21 21'
#
loop_
_entity.id
_entity.type
_entity.pdbx_description
1 polymer Beta-galactosidase
2 non-polymer 'CALCIUM ION'
3 non-polymer IMIDAZOLE
4 water water
#
_entity_poly.entity_id   1
_entity_poly.type   'polypeptide(L)'
_entity_poly.pdbx_seq_one_letter_code
;VEDATRSDSTTQMSSTPEVVYSSAVDSKQNRTSDFDANWKFMLSDSVQAQDPAFDDSAWQQVDLPHDYSITQKYSQSNEA
ESAYLPGGTGWYRKSFTIDRDLAGKRIAINFDGVYMNATVWFNGVKLGTHPYGYSPFSFDLTGNAKFGGENTIVVKVENR
LPSSRWYSGSGIYRDVTLTVTDGVHVGNNGVAIKTPSLATQNGGDVTMNLTTKVANDTEAAANITLKQTVFPKGGKTDAA
IGTVTTASKSIAAGASADVTSTITAASPKLWSIKNPNLYTVRTEVLNGGKVLDTYDTEYGFRWTGFDATSGFSLNGEKVK
LKGVSMHHDQGSLGAVANRRAIERQVEILQKMGVNSIRTTHNPAAKALIDVCNEKGVLVVEEVFDMWNRSKNGNTEDYGK
WFGQAIAGDNAVLGGDKDETWAKFDLTSTINRDRNAPSVIMWSLGNEMMEGISGSVSGFPATSAKLVAWTKAADSTRPMT
YGDNKIKANWNESNTMGDNLTANGGVVGTNYSDGANYDKIRTTHPSWAIYGSETASAINSRGIYNRTTGGAQSSDKQLTS
YDNSAVGWGAVASSAWYDVVQRDFVAGTYVWTGFDYLGEPTPWNGTGSGAVGSWPSPKNSYFGIVDTAGFPKDTYYFYQS
QWNDDVHTLHILPAWNENVVAKGSGNNVPVVVYTDAAKVKLYFTPKGSTEKRLIGEKSFTKKTTAAGYTYQVYEGSDKDS
TAHKNMYLTWNVPWAEGTISAEAYDENNRLIPEGSTEGNASVTTTGKAAKLKADADRKTITADGKDLSYIEVDVTDANGH
IVPDAANRVTFDVKGAGKLVGVDNGSSPDHDSYQADNRKAFSGKVLAIVQSTKEAGEITVTAKADGLQSSTVKIATTAVP
GTSTE
;
_entity_poly.pdbx_strand_id   A,B
#
loop_
_chem_comp.id
_chem_comp.type
_chem_comp.name
_chem_comp.formula
CA non-polymer 'CALCIUM ION' 'Ca 2'
IMD non-polymer IMIDAZOLE 'C3 H5 N2 1'
#
# COMPACT_ATOMS: atom_id res chain seq x y z
N SER A 22 -5.79 -14.60 30.51
CA SER A 22 -4.60 -14.22 29.75
C SER A 22 -4.78 -12.82 29.15
N SER A 23 -5.91 -12.61 28.47
CA SER A 23 -6.22 -11.29 27.92
C SER A 23 -6.62 -10.33 29.04
N ALA A 24 -6.61 -9.04 28.72
CA ALA A 24 -6.82 -8.00 29.70
C ALA A 24 -7.75 -6.93 29.17
N VAL A 25 -8.62 -6.42 30.04
CA VAL A 25 -9.53 -5.33 29.73
C VAL A 25 -9.25 -4.20 30.71
N ASP A 26 -8.99 -3.00 30.18
CA ASP A 26 -8.66 -1.85 31.02
C ASP A 26 -9.37 -0.61 30.47
N SER A 27 -9.15 0.51 31.17
CA SER A 27 -9.83 1.76 30.85
C SER A 27 -9.25 2.49 29.65
N LYS A 28 -8.09 2.08 29.15
CA LYS A 28 -7.45 2.78 28.04
C LYS A 28 -7.80 2.20 26.67
N GLN A 29 -8.68 1.22 26.61
CA GLN A 29 -9.09 0.67 25.32
C GLN A 29 -10.23 1.49 24.73
N ASN A 30 -10.45 1.30 23.43
CA ASN A 30 -11.54 1.98 22.75
C ASN A 30 -12.87 1.55 23.36
N ARG A 31 -13.87 2.43 23.20
CA ARG A 31 -15.22 2.15 23.69
C ARG A 31 -15.69 0.76 23.26
N THR A 32 -15.54 0.44 21.98
CA THR A 32 -15.80 -0.89 21.46
C THR A 32 -14.49 -1.43 20.89
N SER A 33 -14.04 -2.57 21.39
CA SER A 33 -12.72 -3.08 21.04
C SER A 33 -12.81 -4.53 20.58
N ASP A 34 -11.81 -4.93 19.80
CA ASP A 34 -11.72 -6.28 19.26
C ASP A 34 -11.53 -7.29 20.38
N PHE A 35 -12.42 -8.29 20.42
CA PHE A 35 -12.35 -9.36 21.42
C PHE A 35 -12.12 -10.72 20.78
N ASP A 36 -11.53 -10.77 19.57
CA ASP A 36 -11.41 -12.03 18.84
C ASP A 36 -10.32 -12.94 19.39
N ALA A 37 -9.32 -12.38 20.04
CA ALA A 37 -8.08 -13.13 20.28
C ALA A 37 -8.19 -14.07 21.48
N ASN A 38 -7.41 -15.15 21.43
CA ASN A 38 -7.10 -15.99 22.59
C ASN A 38 -8.35 -16.66 23.17
N TRP A 39 -9.02 -17.43 22.33
CA TRP A 39 -10.11 -18.28 22.78
C TRP A 39 -9.66 -19.73 22.83
N LYS A 40 -10.28 -20.51 23.70
CA LYS A 40 -10.12 -21.95 23.73
C LYS A 40 -11.35 -22.61 23.12
N PHE A 41 -11.14 -23.65 22.32
CA PHE A 41 -12.23 -24.32 21.63
C PHE A 41 -12.10 -25.83 21.79
N MET A 42 -13.24 -26.51 21.88
CA MET A 42 -13.26 -27.96 21.76
C MET A 42 -14.60 -28.40 21.22
N LEU A 43 -14.56 -29.36 20.29
CA LEU A 43 -15.75 -30.03 19.77
C LEU A 43 -16.10 -31.19 20.70
N SER A 44 -17.32 -31.17 21.24
CA SER A 44 -17.78 -32.23 22.12
C SER A 44 -19.27 -32.17 22.34
N ASP A 45 -19.94 -33.31 22.20
CA ASP A 45 -21.36 -33.44 22.45
C ASP A 45 -21.66 -33.91 23.87
N SER A 46 -20.65 -33.99 24.74
CA SER A 46 -20.84 -34.49 26.10
C SER A 46 -20.27 -33.60 27.19
N VAL A 47 -19.30 -32.73 26.90
CA VAL A 47 -18.63 -31.97 27.95
C VAL A 47 -19.55 -30.89 28.49
N GLN A 48 -19.36 -30.55 29.77
CA GLN A 48 -20.10 -29.51 30.47
C GLN A 48 -19.06 -28.54 31.02
N ALA A 49 -18.70 -27.53 30.23
CA ALA A 49 -17.57 -26.65 30.51
C ALA A 49 -17.99 -25.20 30.77
N GLN A 50 -19.17 -24.99 31.38
CA GLN A 50 -19.61 -23.63 31.66
C GLN A 50 -19.02 -23.06 32.94
N ASP A 51 -18.49 -23.91 33.83
CA ASP A 51 -17.96 -23.45 35.11
C ASP A 51 -16.58 -22.80 34.93
N PRO A 52 -16.33 -21.67 35.59
CA PRO A 52 -15.00 -21.05 35.49
C PRO A 52 -13.86 -21.98 35.89
N ALA A 53 -14.06 -22.81 36.90
CA ALA A 53 -13.02 -23.71 37.38
C ALA A 53 -12.75 -24.87 36.44
N PHE A 54 -13.41 -24.94 35.28
CA PHE A 54 -13.18 -26.05 34.35
C PHE A 54 -11.76 -26.00 33.83
N ASP A 55 -11.18 -27.18 33.61
CA ASP A 55 -9.80 -27.30 33.15
C ASP A 55 -9.81 -27.35 31.63
N ASP A 56 -9.48 -26.22 31.00
CA ASP A 56 -9.39 -26.15 29.55
C ASP A 56 -7.96 -26.00 29.07
N SER A 57 -6.98 -26.27 29.93
CA SER A 57 -5.58 -26.04 29.57
C SER A 57 -5.18 -26.85 28.35
N ALA A 58 -5.83 -27.99 28.12
CA ALA A 58 -5.54 -28.83 26.97
C ALA A 58 -6.33 -28.45 25.72
N TRP A 59 -7.20 -27.44 25.80
CA TRP A 59 -8.04 -27.12 24.65
C TRP A 59 -7.25 -26.39 23.57
N GLN A 60 -7.71 -26.53 22.33
CA GLN A 60 -7.13 -25.82 21.21
C GLN A 60 -7.34 -24.33 21.35
N GLN A 61 -6.32 -23.55 20.98
CA GLN A 61 -6.39 -22.10 21.05
C GLN A 61 -6.62 -21.55 19.65
N VAL A 62 -7.64 -20.71 19.49
CA VAL A 62 -8.01 -20.14 18.20
C VAL A 62 -8.29 -18.65 18.37
N ASP A 63 -8.05 -17.91 17.30
CA ASP A 63 -8.51 -16.53 17.19
C ASP A 63 -9.76 -16.49 16.34
N LEU A 64 -10.80 -15.83 16.84
CA LEU A 64 -12.03 -15.68 16.09
C LEU A 64 -11.82 -14.71 14.93
N PRO A 65 -12.68 -14.77 13.89
CA PRO A 65 -13.78 -15.70 13.64
C PRO A 65 -13.33 -17.12 13.30
N HIS A 66 -14.22 -18.09 13.52
CA HIS A 66 -13.85 -19.49 13.52
C HIS A 66 -15.04 -20.33 13.06
N ASP A 67 -14.75 -21.34 12.22
CA ASP A 67 -15.76 -22.26 11.70
C ASP A 67 -15.25 -23.67 11.98
N TYR A 68 -15.96 -24.41 12.85
CA TYR A 68 -15.53 -25.76 13.19
C TYR A 68 -16.23 -26.84 12.39
N SER A 69 -17.07 -26.46 11.41
CA SER A 69 -17.58 -27.46 10.48
C SER A 69 -16.59 -27.71 9.35
N ILE A 70 -15.90 -26.65 8.90
CA ILE A 70 -15.08 -26.72 7.69
C ILE A 70 -13.86 -27.61 7.87
N THR A 71 -13.50 -27.97 9.10
CA THR A 71 -12.33 -28.80 9.35
C THR A 71 -12.65 -30.28 9.49
N GLN A 72 -13.93 -30.65 9.57
CA GLN A 72 -14.32 -32.05 9.71
C GLN A 72 -14.46 -32.68 8.33
N LYS A 73 -14.47 -34.01 8.33
CA LYS A 73 -14.48 -34.79 7.10
C LYS A 73 -15.88 -34.83 6.49
N TYR A 74 -15.93 -34.94 5.16
CA TYR A 74 -17.18 -35.21 4.47
C TYR A 74 -17.67 -36.60 4.83
N SER A 75 -18.98 -36.75 4.95
CA SER A 75 -19.58 -38.01 5.34
C SER A 75 -20.83 -38.27 4.52
N GLN A 76 -20.95 -39.49 3.99
CA GLN A 76 -22.11 -39.83 3.17
C GLN A 76 -23.40 -39.76 3.95
N SER A 77 -23.34 -39.93 5.27
CA SER A 77 -24.54 -39.89 6.09
C SER A 77 -25.02 -38.48 6.37
N ASN A 78 -24.29 -37.45 5.94
CA ASN A 78 -24.78 -36.08 6.05
C ASN A 78 -25.63 -35.75 4.83
N GLU A 79 -25.90 -34.46 4.58
CA GLU A 79 -26.79 -34.05 3.52
C GLU A 79 -26.04 -33.25 2.47
N ALA A 80 -26.36 -33.50 1.19
CA ALA A 80 -25.66 -32.85 0.10
C ALA A 80 -25.86 -31.34 0.10
N GLU A 81 -27.07 -30.88 0.43
CA GLU A 81 -27.36 -29.45 0.32
C GLU A 81 -26.52 -28.64 1.31
N SER A 82 -26.10 -29.23 2.42
CA SER A 82 -25.19 -28.60 3.36
C SER A 82 -23.77 -29.15 3.24
N ALA A 83 -23.39 -29.59 2.04
CA ALA A 83 -22.02 -29.94 1.67
C ALA A 83 -21.52 -31.21 2.35
N TYR A 84 -22.41 -32.08 2.79
CA TYR A 84 -22.05 -33.34 3.45
C TYR A 84 -21.19 -33.12 4.70
N LEU A 85 -21.15 -31.89 5.22
CA LEU A 85 -20.31 -31.64 6.38
C LEU A 85 -21.14 -31.62 7.65
N PRO A 86 -20.58 -32.13 8.75
CA PRO A 86 -21.31 -32.14 10.01
C PRO A 86 -21.27 -30.80 10.71
N GLY A 87 -22.10 -30.67 11.73
CA GLY A 87 -22.07 -29.53 12.63
C GLY A 87 -21.59 -29.97 13.99
N GLY A 88 -22.52 -30.09 14.93
CA GLY A 88 -22.22 -30.63 16.24
C GLY A 88 -22.19 -29.54 17.30
N THR A 89 -21.77 -29.95 18.49
CA THR A 89 -21.72 -29.07 19.65
C THR A 89 -20.28 -28.60 19.86
N GLY A 90 -20.09 -27.29 19.83
CA GLY A 90 -18.78 -26.69 20.04
C GLY A 90 -18.78 -25.74 21.22
N TRP A 91 -17.68 -25.75 21.97
CA TRP A 91 -17.52 -24.93 23.16
C TRP A 91 -16.41 -23.92 22.95
N TYR A 92 -16.69 -22.65 23.26
CA TYR A 92 -15.70 -21.58 23.24
C TYR A 92 -15.57 -21.04 24.65
N ARG A 93 -14.33 -20.91 25.14
CA ARG A 93 -14.04 -20.36 26.46
C ARG A 93 -12.94 -19.32 26.34
N LYS A 94 -13.07 -18.23 27.09
CA LYS A 94 -12.03 -17.20 27.13
C LYS A 94 -11.90 -16.64 28.53
N SER A 95 -10.70 -16.71 29.09
CA SER A 95 -10.40 -16.16 30.41
C SER A 95 -9.65 -14.85 30.26
N PHE A 96 -10.04 -13.86 31.05
CA PHE A 96 -9.44 -12.54 30.93
C PHE A 96 -9.59 -11.80 32.26
N THR A 97 -8.69 -10.86 32.48
CA THR A 97 -8.79 -9.99 33.64
C THR A 97 -9.53 -8.71 33.27
N ILE A 98 -10.25 -8.17 34.24
CA ILE A 98 -10.87 -6.85 34.14
C ILE A 98 -10.18 -5.96 35.17
N ASP A 99 -9.65 -4.83 34.72
CA ASP A 99 -8.86 -3.99 35.62
C ASP A 99 -9.75 -3.34 36.68
N ARG A 100 -9.13 -3.00 37.82
CA ARG A 100 -9.85 -2.35 38.90
C ARG A 100 -10.52 -1.06 38.45
N ASP A 101 -9.85 -0.29 37.59
CA ASP A 101 -10.35 1.03 37.22
C ASP A 101 -11.58 0.99 36.33
N LEU A 102 -12.10 -0.19 36.02
CA LEU A 102 -13.36 -0.33 35.29
C LEU A 102 -14.54 -0.61 36.20
N ALA A 103 -14.31 -0.72 37.51
CA ALA A 103 -15.42 -0.82 38.45
C ALA A 103 -16.32 0.40 38.30
N GLY A 104 -17.63 0.16 38.33
CA GLY A 104 -18.57 1.22 38.05
C GLY A 104 -18.79 1.53 36.60
N LYS A 105 -18.12 0.83 35.69
CA LYS A 105 -18.35 0.99 34.26
C LYS A 105 -19.22 -0.16 33.76
N ARG A 106 -19.81 0.05 32.58
CA ARG A 106 -20.65 -0.96 31.95
C ARG A 106 -19.83 -1.75 30.95
N ILE A 107 -20.04 -3.07 30.93
CA ILE A 107 -19.33 -3.98 30.04
C ILE A 107 -20.35 -4.87 29.35
N ALA A 108 -20.22 -5.01 28.04
CA ALA A 108 -21.08 -5.89 27.26
C ALA A 108 -20.23 -6.59 26.20
N ILE A 109 -20.63 -7.80 25.84
CA ILE A 109 -20.00 -8.56 24.77
C ILE A 109 -20.97 -8.62 23.60
N ASN A 110 -20.45 -8.40 22.39
CA ASN A 110 -21.28 -8.31 21.20
C ASN A 110 -20.85 -9.36 20.19
N PHE A 111 -21.79 -10.19 19.74
CA PHE A 111 -21.55 -11.18 18.70
C PHE A 111 -22.23 -10.74 17.43
N ASP A 112 -21.46 -10.65 16.35
CA ASP A 112 -22.07 -10.33 15.06
C ASP A 112 -22.72 -11.55 14.41
N GLY A 113 -22.43 -12.76 14.90
CA GLY A 113 -23.05 -13.97 14.38
C GLY A 113 -22.49 -15.25 14.98
N VAL A 114 -23.38 -16.15 15.41
CA VAL A 114 -23.01 -17.46 15.94
C VAL A 114 -23.99 -18.49 15.38
N TYR A 115 -23.47 -19.48 14.65
CA TYR A 115 -24.30 -20.51 14.03
C TYR A 115 -24.06 -21.85 14.71
N MET A 116 -25.04 -22.36 15.44
CA MET A 116 -26.27 -21.65 15.79
C MET A 116 -26.65 -22.15 17.18
N ASN A 117 -27.80 -21.71 17.71
CA ASN A 117 -28.25 -22.12 19.04
C ASN A 117 -27.16 -21.90 20.09
N ALA A 118 -26.83 -20.63 20.29
CA ALA A 118 -25.78 -20.25 21.23
C ALA A 118 -26.33 -20.15 22.65
N THR A 119 -25.52 -20.59 23.61
CA THR A 119 -25.79 -20.36 25.03
C THR A 119 -24.55 -19.70 25.63
N VAL A 120 -24.76 -18.64 26.42
CA VAL A 120 -23.67 -17.82 26.94
C VAL A 120 -23.71 -17.84 28.46
N TRP A 121 -22.59 -18.24 29.07
CA TRP A 121 -22.36 -18.12 30.50
C TRP A 121 -21.26 -17.11 30.75
N PHE A 122 -21.35 -16.39 31.87
CA PHE A 122 -20.28 -15.51 32.31
C PHE A 122 -20.02 -15.79 33.79
N ASN A 123 -18.80 -16.23 34.10
CA ASN A 123 -18.41 -16.57 35.46
C ASN A 123 -19.37 -17.57 36.09
N GLY A 124 -19.77 -18.57 35.30
CA GLY A 124 -20.64 -19.61 35.78
C GLY A 124 -22.12 -19.28 35.78
N VAL A 125 -22.50 -18.04 35.49
CA VAL A 125 -23.89 -17.61 35.49
C VAL A 125 -24.41 -17.60 34.06
N LYS A 126 -25.51 -18.31 33.81
CA LYS A 126 -26.09 -18.38 32.48
C LYS A 126 -26.84 -17.09 32.16
N LEU A 127 -26.43 -16.41 31.08
CA LEU A 127 -27.02 -15.15 30.69
C LEU A 127 -28.21 -15.32 29.76
N GLY A 128 -28.18 -16.31 28.87
CA GLY A 128 -29.28 -16.51 27.95
C GLY A 128 -28.82 -17.33 26.75
N THR A 129 -29.68 -17.32 25.73
CA THR A 129 -29.47 -18.12 24.53
C THR A 129 -29.76 -17.27 23.30
N HIS A 130 -29.30 -17.75 22.14
CA HIS A 130 -29.71 -17.14 20.89
C HIS A 130 -29.80 -18.19 19.78
N PRO A 131 -31.00 -18.45 19.27
CA PRO A 131 -31.16 -19.48 18.23
C PRO A 131 -30.60 -19.11 16.86
N TYR A 132 -31.08 -18.03 16.27
CA TYR A 132 -30.78 -17.74 14.86
C TYR A 132 -29.29 -17.59 14.62
N GLY A 133 -28.81 -18.21 13.54
CA GLY A 133 -27.38 -18.25 13.26
C GLY A 133 -26.79 -17.06 12.55
N TYR A 134 -27.62 -16.13 12.05
CA TYR A 134 -27.13 -15.07 11.18
C TYR A 134 -27.39 -13.66 11.69
N SER A 135 -28.11 -13.49 12.83
CA SER A 135 -28.37 -12.13 13.28
C SER A 135 -27.47 -11.77 14.45
N PRO A 136 -27.14 -10.49 14.61
CA PRO A 136 -26.26 -10.08 15.71
C PRO A 136 -26.98 -9.97 17.04
N PHE A 137 -26.23 -10.18 18.12
CA PHE A 137 -26.80 -10.09 19.46
C PHE A 137 -25.67 -9.79 20.45
N SER A 138 -26.05 -9.46 21.67
CA SER A 138 -25.10 -9.06 22.70
C SER A 138 -25.64 -9.44 24.07
N PHE A 139 -24.75 -9.42 25.06
CA PHE A 139 -25.11 -9.68 26.46
C PHE A 139 -24.39 -8.67 27.35
N ASP A 140 -25.11 -8.13 28.32
CA ASP A 140 -24.47 -7.30 29.34
C ASP A 140 -23.69 -8.20 30.29
N LEU A 141 -22.44 -7.85 30.55
CA LEU A 141 -21.58 -8.60 31.46
C LEU A 141 -21.40 -7.90 32.81
N THR A 142 -21.95 -6.69 32.96
CA THR A 142 -21.63 -5.86 34.13
C THR A 142 -22.03 -6.54 35.43
N GLY A 143 -23.24 -7.08 35.49
CA GLY A 143 -23.77 -7.62 36.73
C GLY A 143 -23.00 -8.80 37.28
N ASN A 144 -22.27 -9.52 36.42
CA ASN A 144 -21.51 -10.68 36.85
C ASN A 144 -20.01 -10.49 36.71
N ALA A 145 -19.55 -9.30 36.38
CA ALA A 145 -18.12 -9.09 36.21
C ALA A 145 -17.41 -9.10 37.56
N LYS A 146 -16.21 -9.67 37.57
CA LYS A 146 -15.33 -9.64 38.74
C LYS A 146 -14.27 -8.59 38.44
N PHE A 147 -14.50 -7.37 38.95
CA PHE A 147 -13.60 -6.25 38.70
C PHE A 147 -12.31 -6.41 39.50
N GLY A 148 -11.18 -6.22 38.83
CA GLY A 148 -9.90 -6.48 39.45
C GLY A 148 -9.57 -7.95 39.58
N GLY A 149 -10.18 -8.81 38.76
CA GLY A 149 -9.93 -10.24 38.86
C GLY A 149 -10.05 -11.01 37.56
N GLU A 150 -10.01 -12.34 37.67
CA GLU A 150 -10.17 -13.21 36.52
C GLU A 150 -11.63 -13.37 36.16
N ASN A 151 -11.93 -13.40 34.86
CA ASN A 151 -13.29 -13.60 34.38
C ASN A 151 -13.28 -14.66 33.29
N THR A 152 -14.42 -15.34 33.15
CA THR A 152 -14.54 -16.40 32.15
C THR A 152 -15.88 -16.27 31.42
N ILE A 153 -15.80 -16.00 30.13
CA ILE A 153 -16.95 -16.04 29.23
C ILE A 153 -16.96 -17.39 28.52
N VAL A 154 -18.14 -17.99 28.41
CA VAL A 154 -18.29 -19.32 27.83
C VAL A 154 -19.45 -19.30 26.86
N VAL A 155 -19.25 -19.89 25.68
CA VAL A 155 -20.26 -19.95 24.63
C VAL A 155 -20.42 -21.41 24.20
N LYS A 156 -21.61 -21.96 24.38
CA LYS A 156 -21.95 -23.27 23.85
C LYS A 156 -22.70 -23.09 22.54
N VAL A 157 -22.27 -23.79 21.50
CA VAL A 157 -22.87 -23.69 20.17
C VAL A 157 -23.37 -25.07 19.78
N GLU A 158 -24.65 -25.15 19.42
CA GLU A 158 -25.32 -26.42 19.12
C GLU A 158 -25.91 -26.35 17.72
N ASN A 159 -25.07 -26.59 16.71
CA ASN A 159 -25.56 -26.67 15.33
C ASN A 159 -25.98 -28.11 15.05
N ARG A 160 -27.24 -28.42 15.36
CA ARG A 160 -27.80 -29.72 15.03
C ARG A 160 -28.21 -29.76 13.57
N LEU A 161 -27.67 -30.72 12.82
CA LEU A 161 -28.18 -30.94 11.48
C LEU A 161 -29.52 -31.68 11.56
N PRO A 162 -30.40 -31.49 10.56
CA PRO A 162 -30.26 -30.57 9.43
C PRO A 162 -30.96 -29.23 9.66
N SER A 163 -30.28 -28.13 9.33
CA SER A 163 -30.80 -26.80 9.61
C SER A 163 -30.69 -25.83 8.44
N SER A 164 -30.28 -26.28 7.25
CA SER A 164 -29.94 -25.31 6.22
C SER A 164 -30.01 -25.94 4.84
N ARG A 165 -30.48 -25.16 3.87
CA ARG A 165 -30.48 -25.52 2.46
C ARG A 165 -29.14 -25.28 1.78
N TRP A 166 -28.16 -24.73 2.52
CA TRP A 166 -26.82 -24.50 2.02
C TRP A 166 -25.85 -24.73 3.17
N TYR A 167 -24.56 -24.68 2.87
CA TYR A 167 -23.57 -24.86 3.94
C TYR A 167 -23.60 -23.66 4.88
N SER A 168 -23.87 -23.92 6.15
CA SER A 168 -23.94 -22.85 7.13
C SER A 168 -22.62 -22.61 7.83
N GLY A 169 -21.85 -23.67 8.08
CA GLY A 169 -20.75 -23.60 9.01
C GLY A 169 -21.25 -23.73 10.43
N SER A 170 -20.32 -23.68 11.37
CA SER A 170 -20.67 -23.75 12.77
C SER A 170 -19.66 -22.98 13.60
N GLY A 171 -20.14 -22.32 14.64
CA GLY A 171 -19.31 -21.65 15.60
C GLY A 171 -19.44 -20.14 15.51
N ILE A 172 -18.46 -19.47 16.10
CA ILE A 172 -18.44 -18.01 16.14
C ILE A 172 -17.69 -17.56 14.89
N TYR A 173 -18.44 -17.47 13.79
CA TYR A 173 -17.88 -17.24 12.47
C TYR A 173 -17.80 -15.77 12.10
N ARG A 174 -18.15 -14.87 13.03
CA ARG A 174 -18.03 -13.44 12.82
C ARG A 174 -17.36 -12.80 14.02
N ASP A 175 -16.95 -11.54 13.83
CA ASP A 175 -16.22 -10.80 14.84
C ASP A 175 -17.00 -10.71 16.16
N VAL A 176 -16.25 -10.69 17.26
CA VAL A 176 -16.77 -10.45 18.60
C VAL A 176 -16.08 -9.22 19.15
N THR A 177 -16.85 -8.32 19.77
CA THR A 177 -16.32 -7.10 20.34
C THR A 177 -16.75 -6.98 21.79
N LEU A 178 -16.07 -6.09 22.51
CA LEU A 178 -16.40 -5.76 23.89
C LEU A 178 -16.67 -4.27 23.97
N THR A 179 -17.78 -3.91 24.60
CA THR A 179 -18.19 -2.52 24.73
C THR A 179 -18.08 -2.12 26.19
N VAL A 180 -17.29 -1.10 26.47
CA VAL A 180 -17.11 -0.57 27.82
C VAL A 180 -17.47 0.91 27.81
N THR A 181 -18.40 1.31 28.68
CA THR A 181 -18.87 2.69 28.71
C THR A 181 -19.04 3.15 30.16
N ASP A 182 -19.19 4.48 30.29
CA ASP A 182 -19.62 5.09 31.54
C ASP A 182 -21.03 4.62 31.90
N GLY A 183 -21.40 4.83 33.16
CA GLY A 183 -22.74 4.46 33.59
C GLY A 183 -23.83 5.16 32.79
N VAL A 184 -23.59 6.42 32.43
CA VAL A 184 -24.44 7.16 31.50
C VAL A 184 -23.83 7.05 30.11
N HIS A 185 -24.61 6.57 29.16
CA HIS A 185 -24.06 6.19 27.86
C HIS A 185 -25.16 6.08 26.82
N VAL A 186 -24.78 6.32 25.57
CA VAL A 186 -25.65 5.99 24.45
C VAL A 186 -25.91 4.49 24.44
N GLY A 187 -27.16 4.11 24.18
CA GLY A 187 -27.51 2.71 24.12
C GLY A 187 -26.86 1.99 22.94
N ASN A 188 -26.90 0.66 23.02
CA ASN A 188 -26.39 -0.16 21.92
C ASN A 188 -27.14 0.14 20.63
N ASN A 189 -26.40 0.44 19.56
CA ASN A 189 -26.96 0.85 18.27
C ASN A 189 -28.02 1.94 18.46
N GLY A 190 -27.68 2.94 19.28
CA GLY A 190 -28.66 3.83 19.86
C GLY A 190 -28.98 5.10 19.12
N VAL A 191 -28.45 5.35 17.93
CA VAL A 191 -28.69 6.59 17.19
C VAL A 191 -29.36 6.26 15.86
N ALA A 192 -30.49 6.92 15.60
CA ALA A 192 -31.21 6.79 14.34
C ALA A 192 -31.22 8.13 13.61
N ILE A 193 -30.88 8.10 12.32
CA ILE A 193 -30.77 9.32 11.52
C ILE A 193 -31.77 9.25 10.37
N LYS A 194 -32.51 10.33 10.17
CA LYS A 194 -33.43 10.48 9.05
C LYS A 194 -33.19 11.81 8.35
N THR A 195 -33.27 11.80 7.02
CA THR A 195 -33.25 13.02 6.21
C THR A 195 -34.47 13.01 5.29
N PRO A 196 -35.66 13.24 5.84
CA PRO A 196 -36.90 13.02 5.05
C PRO A 196 -37.04 13.94 3.85
N SER A 197 -36.39 15.11 3.82
CA SER A 197 -36.53 16.05 2.72
C SER A 197 -35.27 16.14 1.87
N LEU A 198 -34.43 15.09 1.91
CA LEU A 198 -33.14 15.13 1.19
C LEU A 198 -33.35 15.32 -0.30
N ALA A 199 -34.40 14.72 -0.87
CA ALA A 199 -34.59 14.78 -2.31
C ALA A 199 -34.75 16.21 -2.80
N THR A 200 -35.45 17.05 -2.03
CA THR A 200 -35.66 18.44 -2.42
C THR A 200 -34.68 19.41 -1.76
N GLN A 201 -33.92 18.96 -0.77
CA GLN A 201 -32.93 19.80 -0.12
C GLN A 201 -31.52 19.59 -0.66
N ASN A 202 -31.31 18.58 -1.51
CA ASN A 202 -29.98 18.28 -2.02
C ASN A 202 -29.33 19.50 -2.65
N GLY A 203 -28.11 19.80 -2.22
CA GLY A 203 -27.35 20.93 -2.69
C GLY A 203 -27.33 22.11 -1.75
N GLY A 204 -28.28 22.19 -0.83
CA GLY A 204 -28.32 23.25 0.17
C GLY A 204 -28.34 22.70 1.58
N ASP A 205 -29.12 23.34 2.46
CA ASP A 205 -29.26 22.85 3.82
C ASP A 205 -30.13 21.60 3.86
N VAL A 206 -29.63 20.54 4.50
CA VAL A 206 -30.34 19.27 4.64
C VAL A 206 -30.73 19.09 6.10
N THR A 207 -32.01 18.83 6.33
CA THR A 207 -32.53 18.59 7.68
C THR A 207 -32.23 17.17 8.10
N MET A 208 -31.53 17.00 9.22
CA MET A 208 -31.28 15.70 9.82
C MET A 208 -32.07 15.59 11.11
N ASN A 209 -32.91 14.57 11.21
CA ASN A 209 -33.68 14.30 12.43
C ASN A 209 -33.13 13.05 13.09
N LEU A 210 -32.59 13.22 14.29
CA LEU A 210 -31.92 12.15 15.01
C LEU A 210 -32.71 11.75 16.25
N THR A 211 -32.62 10.48 16.60
CA THR A 211 -33.18 9.96 17.85
C THR A 211 -32.11 9.14 18.53
N THR A 212 -31.81 9.47 19.78
CA THR A 212 -30.69 8.87 20.51
C THR A 212 -31.21 8.28 21.81
N LYS A 213 -30.94 6.99 22.01
CA LYS A 213 -31.27 6.31 23.25
C LYS A 213 -30.14 6.51 24.25
N VAL A 214 -30.45 7.11 25.39
CA VAL A 214 -29.48 7.40 26.43
C VAL A 214 -29.89 6.65 27.68
N ALA A 215 -29.01 5.78 28.15
CA ALA A 215 -29.26 4.98 29.35
C ALA A 215 -28.50 5.57 30.53
N ASN A 216 -29.17 5.61 31.69
CA ASN A 216 -28.56 6.01 32.95
C ASN A 216 -28.51 4.76 33.84
N ASP A 217 -27.39 4.05 33.78
CA ASP A 217 -27.20 2.82 34.56
C ASP A 217 -26.45 3.05 35.86
N THR A 218 -26.58 4.24 36.45
CA THR A 218 -25.98 4.53 37.75
C THR A 218 -27.07 4.58 38.82
N GLU A 219 -26.64 4.83 40.05
CA GLU A 219 -27.53 4.91 41.20
C GLU A 219 -28.06 6.31 41.46
N ALA A 220 -27.73 7.29 40.61
CA ALA A 220 -28.13 8.67 40.82
C ALA A 220 -28.79 9.21 39.57
N ALA A 221 -29.72 10.15 39.77
CA ALA A 221 -30.30 10.86 38.65
C ALA A 221 -29.22 11.63 37.89
N ALA A 222 -29.51 11.93 36.62
CA ALA A 222 -28.55 12.62 35.78
C ALA A 222 -29.28 13.60 34.88
N ASN A 223 -28.67 14.76 34.68
CA ASN A 223 -29.17 15.79 33.76
C ASN A 223 -28.17 15.85 32.63
N ILE A 224 -28.53 15.29 31.48
CA ILE A 224 -27.56 15.16 30.40
C ILE A 224 -27.98 16.02 29.22
N THR A 225 -26.98 16.48 28.47
CA THR A 225 -27.16 17.10 27.17
C THR A 225 -26.40 16.28 26.13
N LEU A 226 -26.81 16.43 24.88
CA LEU A 226 -26.12 15.79 23.78
C LEU A 226 -25.48 16.85 22.90
N LYS A 227 -24.23 16.62 22.51
CA LYS A 227 -23.57 17.42 21.48
C LYS A 227 -23.27 16.51 20.30
N GLN A 228 -23.90 16.80 19.17
CA GLN A 228 -23.81 15.95 17.99
C GLN A 228 -23.21 16.73 16.82
N THR A 229 -22.32 16.08 16.09
CA THR A 229 -21.52 16.73 15.05
C THR A 229 -21.42 15.82 13.84
N VAL A 230 -21.50 16.43 12.65
CA VAL A 230 -21.46 15.72 11.38
C VAL A 230 -20.25 16.20 10.61
N PHE A 231 -19.33 15.30 10.28
CA PHE A 231 -18.08 15.67 9.64
C PHE A 231 -17.62 14.52 8.76
N PRO A 232 -16.78 14.78 7.75
CA PRO A 232 -16.32 13.71 6.86
C PRO A 232 -15.63 12.60 7.63
N LYS A 233 -15.90 11.36 7.21
CA LYS A 233 -15.28 10.19 7.82
C LYS A 233 -13.76 10.28 7.75
N GLY A 234 -13.10 10.00 8.88
CA GLY A 234 -11.66 10.06 8.95
C GLY A 234 -11.08 11.45 9.11
N GLY A 235 -11.89 12.50 8.92
CA GLY A 235 -11.42 13.87 9.04
C GLY A 235 -11.48 14.39 10.47
N LYS A 236 -11.25 15.70 10.59
CA LYS A 236 -11.29 16.38 11.89
C LYS A 236 -12.63 17.08 12.06
N THR A 237 -12.96 17.37 13.32
CA THR A 237 -14.24 18.00 13.62
C THR A 237 -14.30 19.44 13.13
N ASP A 238 -13.16 20.07 12.83
CA ASP A 238 -13.19 21.43 12.30
C ASP A 238 -13.78 21.48 10.90
N ALA A 239 -13.82 20.37 10.18
CA ALA A 239 -14.45 20.27 8.88
C ALA A 239 -15.93 19.90 8.99
N ALA A 240 -16.52 20.08 10.16
CA ALA A 240 -17.92 19.73 10.36
C ALA A 240 -18.81 20.57 9.46
N ILE A 241 -19.92 19.97 9.02
CA ILE A 241 -20.93 20.67 8.24
C ILE A 241 -22.23 20.84 9.01
N GLY A 242 -22.25 20.48 10.29
CA GLY A 242 -23.45 20.62 11.08
C GLY A 242 -23.28 20.15 12.50
N THR A 243 -23.91 20.84 13.45
CA THR A 243 -23.80 20.50 14.86
C THR A 243 -25.04 20.99 15.60
N VAL A 244 -25.39 20.29 16.68
CA VAL A 244 -26.47 20.71 17.57
C VAL A 244 -26.11 20.29 18.99
N THR A 245 -26.57 21.08 19.95
CA THR A 245 -26.52 20.72 21.36
C THR A 245 -27.94 20.75 21.92
N THR A 246 -28.36 19.64 22.52
CA THR A 246 -29.73 19.54 23.00
C THR A 246 -29.88 20.20 24.37
N ALA A 247 -31.11 20.59 24.68
CA ALA A 247 -31.43 21.08 26.01
C ALA A 247 -31.27 19.96 27.03
N SER A 248 -30.98 20.33 28.28
CA SER A 248 -30.74 19.35 29.31
C SER A 248 -32.00 18.54 29.61
N LYS A 249 -31.85 17.21 29.66
CA LYS A 249 -32.93 16.30 29.98
C LYS A 249 -32.51 15.48 31.19
N SER A 250 -33.40 15.39 32.19
CA SER A 250 -33.14 14.60 33.38
C SER A 250 -33.53 13.15 33.12
N ILE A 251 -32.65 12.22 33.51
CA ILE A 251 -32.86 10.80 33.34
C ILE A 251 -32.63 10.15 34.69
N ALA A 252 -33.69 9.60 35.27
CA ALA A 252 -33.59 9.01 36.59
C ALA A 252 -32.66 7.81 36.59
N ALA A 253 -32.19 7.44 37.78
CA ALA A 253 -31.33 6.27 37.93
C ALA A 253 -32.02 5.04 37.37
N GLY A 254 -31.26 4.22 36.66
CA GLY A 254 -31.78 3.01 36.08
C GLY A 254 -32.75 3.19 34.94
N ALA A 255 -33.00 4.41 34.50
CA ALA A 255 -33.95 4.67 33.43
C ALA A 255 -33.21 5.05 32.14
N SER A 256 -33.96 5.09 31.05
CA SER A 256 -33.45 5.47 29.75
C SER A 256 -34.41 6.46 29.09
N ALA A 257 -33.87 7.29 28.22
CA ALA A 257 -34.67 8.28 27.51
C ALA A 257 -34.30 8.31 26.02
N ASP A 258 -35.30 8.59 25.20
CA ASP A 258 -35.12 8.82 23.77
C ASP A 258 -35.04 10.32 23.56
N VAL A 259 -33.84 10.80 23.22
CA VAL A 259 -33.58 12.22 23.00
C VAL A 259 -33.59 12.50 21.51
N THR A 260 -34.51 13.34 21.06
CA THR A 260 -34.57 13.76 19.67
C THR A 260 -33.79 15.05 19.48
N SER A 261 -33.26 15.24 18.29
CA SER A 261 -32.52 16.44 17.94
C SER A 261 -32.60 16.65 16.44
N THR A 262 -32.23 17.85 16.02
CA THR A 262 -32.21 18.23 14.61
C THR A 262 -30.88 18.87 14.29
N ILE A 263 -30.23 18.39 13.23
CA ILE A 263 -29.01 19.00 12.71
C ILE A 263 -29.30 19.48 11.30
N THR A 264 -28.92 20.73 11.01
CA THR A 264 -28.94 21.26 9.65
C THR A 264 -27.55 21.05 9.05
N ALA A 265 -27.45 20.12 8.11
CA ALA A 265 -26.19 19.80 7.45
C ALA A 265 -26.01 20.70 6.24
N ALA A 266 -24.88 21.40 6.17
CA ALA A 266 -24.63 22.41 5.14
C ALA A 266 -24.06 21.73 3.91
N SER A 267 -24.89 21.56 2.88
CA SER A 267 -24.51 20.99 1.59
C SER A 267 -23.66 19.72 1.70
N PRO A 268 -24.20 18.64 2.27
CA PRO A 268 -23.44 17.41 2.36
C PRO A 268 -23.22 16.79 0.99
N LYS A 269 -22.07 16.16 0.82
CA LYS A 269 -21.81 15.41 -0.40
C LYS A 269 -22.63 14.12 -0.39
N LEU A 270 -23.34 13.87 -1.48
CA LEU A 270 -24.20 12.70 -1.55
C LEU A 270 -23.37 11.42 -1.58
N TRP A 271 -23.96 10.35 -1.06
CA TRP A 271 -23.40 9.01 -1.20
C TRP A 271 -23.97 8.38 -2.47
N SER A 272 -23.09 7.88 -3.34
CA SER A 272 -23.53 7.26 -4.58
C SER A 272 -22.59 6.10 -4.90
N ILE A 273 -22.98 5.34 -5.93
CA ILE A 273 -22.17 4.20 -6.37
C ILE A 273 -20.79 4.66 -6.83
N LYS A 274 -20.75 5.74 -7.62
CA LYS A 274 -19.45 6.21 -8.12
C LYS A 274 -18.68 6.96 -7.06
N ASN A 275 -19.35 7.66 -6.14
CA ASN A 275 -18.70 8.45 -5.10
C ASN A 275 -19.35 8.15 -3.75
N PRO A 276 -18.95 7.06 -3.11
CA PRO A 276 -19.53 6.68 -1.80
C PRO A 276 -18.99 7.51 -0.65
N ASN A 277 -19.35 8.80 -0.65
CA ASN A 277 -18.86 9.72 0.37
C ASN A 277 -19.51 9.39 1.72
N LEU A 278 -18.68 9.21 2.74
CA LEU A 278 -19.13 8.84 4.06
C LEU A 278 -18.87 9.97 5.05
N TYR A 279 -19.74 10.04 6.06
CA TYR A 279 -19.61 10.99 7.15
C TYR A 279 -19.66 10.25 8.47
N THR A 280 -19.01 10.83 9.47
CA THR A 280 -19.15 10.37 10.85
C THR A 280 -20.14 11.28 11.57
N VAL A 281 -21.14 10.69 12.19
CA VAL A 281 -22.09 11.42 13.03
C VAL A 281 -21.74 11.09 14.48
N ARG A 282 -21.17 12.05 15.19
CA ARG A 282 -20.65 11.85 16.53
C ARG A 282 -21.65 12.37 17.56
N THR A 283 -21.92 11.56 18.58
CA THR A 283 -22.78 11.96 19.69
C THR A 283 -21.93 11.95 20.95
N GLU A 284 -21.91 13.08 21.66
CA GLU A 284 -21.27 13.19 22.96
C GLU A 284 -22.34 13.38 24.03
N VAL A 285 -22.27 12.58 25.09
CA VAL A 285 -23.18 12.68 26.22
C VAL A 285 -22.49 13.47 27.32
N LEU A 286 -23.09 14.59 27.71
CA LEU A 286 -22.51 15.46 28.72
C LEU A 286 -23.38 15.49 29.97
N ASN A 287 -22.73 15.52 31.13
CA ASN A 287 -23.41 15.69 32.40
C ASN A 287 -22.46 16.50 33.27
N GLY A 288 -22.88 17.68 33.68
CA GLY A 288 -21.99 18.56 34.43
C GLY A 288 -20.82 19.06 33.62
N GLY A 289 -21.05 19.39 32.35
CA GLY A 289 -20.01 19.92 31.48
C GLY A 289 -18.96 18.93 31.02
N LYS A 290 -18.90 17.74 31.61
CA LYS A 290 -17.86 16.76 31.28
C LYS A 290 -18.44 15.71 30.34
N VAL A 291 -17.69 15.37 29.30
CA VAL A 291 -18.13 14.34 28.36
C VAL A 291 -17.98 12.97 29.03
N LEU A 292 -19.11 12.31 29.23
CA LEU A 292 -19.13 10.98 29.83
C LEU A 292 -19.03 9.86 28.80
N ASP A 293 -19.56 10.07 27.59
CA ASP A 293 -19.62 9.01 26.60
C ASP A 293 -19.59 9.62 25.21
N THR A 294 -18.84 8.99 24.30
CA THR A 294 -18.74 9.43 22.91
C THR A 294 -19.07 8.24 22.01
N TYR A 295 -20.13 8.38 21.21
CA TYR A 295 -20.62 7.32 20.34
C TYR A 295 -20.65 7.81 18.89
N ASP A 296 -19.99 7.08 18.00
CA ASP A 296 -19.92 7.43 16.59
C ASP A 296 -20.77 6.48 15.75
N THR A 297 -21.36 7.01 14.68
CA THR A 297 -22.08 6.17 13.73
C THR A 297 -21.75 6.62 12.31
N GLU A 298 -21.54 5.65 11.43
CA GLU A 298 -21.20 5.92 10.04
C GLU A 298 -22.48 6.20 9.25
N TYR A 299 -22.41 7.20 8.36
CA TYR A 299 -23.61 7.65 7.67
C TYR A 299 -23.25 8.10 6.26
N GLY A 300 -24.27 8.09 5.40
CA GLY A 300 -24.16 8.62 4.06
C GLY A 300 -25.48 9.24 3.63
N PHE A 301 -25.43 10.33 2.88
CA PHE A 301 -26.62 11.04 2.42
C PHE A 301 -27.03 10.51 1.05
N ARG A 302 -28.19 9.85 0.97
CA ARG A 302 -28.70 9.42 -0.33
C ARG A 302 -30.17 9.08 -0.17
N TRP A 303 -30.89 9.10 -1.29
CA TRP A 303 -32.28 8.67 -1.33
C TRP A 303 -32.50 7.81 -2.56
N THR A 304 -33.49 6.93 -2.48
CA THR A 304 -33.82 6.00 -3.54
C THR A 304 -35.28 6.16 -3.93
N GLY A 305 -35.65 5.56 -5.06
CA GLY A 305 -37.02 5.53 -5.50
C GLY A 305 -37.28 4.32 -6.38
N PHE A 306 -38.46 3.72 -6.23
CA PHE A 306 -38.90 2.62 -7.08
C PHE A 306 -40.20 3.04 -7.76
N ASP A 307 -40.15 3.18 -9.08
CA ASP A 307 -41.31 3.54 -9.88
C ASP A 307 -41.84 2.30 -10.59
N ALA A 308 -43.17 2.13 -10.58
CA ALA A 308 -43.78 0.95 -11.15
C ALA A 308 -43.56 0.82 -12.65
N THR A 309 -43.25 1.92 -13.33
CA THR A 309 -43.04 1.92 -14.78
C THR A 309 -41.58 2.00 -15.18
N SER A 310 -40.77 2.83 -14.50
CA SER A 310 -39.40 3.08 -14.92
C SER A 310 -38.34 2.54 -13.96
N GLY A 311 -38.74 1.87 -12.89
CA GLY A 311 -37.78 1.17 -12.06
C GLY A 311 -37.11 1.99 -10.97
N PHE A 312 -35.83 1.70 -10.74
CA PHE A 312 -35.09 2.20 -9.60
C PHE A 312 -34.31 3.47 -9.94
N SER A 313 -34.20 4.35 -8.96
CA SER A 313 -33.37 5.54 -9.08
C SER A 313 -32.60 5.75 -7.78
N LEU A 314 -31.38 6.28 -7.92
CA LEU A 314 -30.52 6.60 -6.79
C LEU A 314 -30.15 8.07 -6.88
N ASN A 315 -30.55 8.85 -5.86
CA ASN A 315 -30.30 10.29 -5.83
C ASN A 315 -30.90 10.99 -7.05
N GLY A 316 -32.08 10.54 -7.46
CA GLY A 316 -32.79 11.15 -8.57
C GLY A 316 -32.34 10.73 -9.95
N GLU A 317 -31.40 9.80 -10.06
CA GLU A 317 -30.90 9.33 -11.34
C GLU A 317 -31.31 7.87 -11.54
N LYS A 318 -31.83 7.57 -12.73
CA LYS A 318 -32.21 6.20 -13.04
C LYS A 318 -30.97 5.31 -13.07
N VAL A 319 -31.05 4.19 -12.36
CA VAL A 319 -29.96 3.23 -12.26
C VAL A 319 -30.55 1.83 -12.36
N LYS A 320 -29.98 1.00 -13.22
CA LYS A 320 -30.39 -0.40 -13.30
C LYS A 320 -29.68 -1.20 -12.22
N LEU A 321 -30.45 -2.03 -11.50
CA LEU A 321 -29.89 -2.87 -10.44
C LEU A 321 -29.31 -4.13 -11.08
N LYS A 322 -28.02 -4.07 -11.36
CA LYS A 322 -27.26 -5.22 -11.90
C LYS A 322 -26.67 -5.93 -10.69
N GLY A 323 -27.42 -6.89 -10.15
CA GLY A 323 -27.10 -7.48 -8.87
C GLY A 323 -26.86 -8.98 -8.96
N VAL A 324 -26.29 -9.51 -7.89
CA VAL A 324 -26.08 -10.93 -7.71
C VAL A 324 -26.56 -11.31 -6.32
N SER A 325 -27.02 -12.55 -6.20
CA SER A 325 -27.23 -13.13 -4.88
C SER A 325 -25.90 -13.71 -4.40
N MET A 326 -25.68 -13.63 -3.09
CA MET A 326 -24.44 -14.10 -2.49
C MET A 326 -24.75 -14.80 -1.18
N HIS A 327 -24.28 -16.02 -1.02
CA HIS A 327 -24.27 -16.65 0.28
C HIS A 327 -23.07 -16.19 1.10
N HIS A 328 -23.09 -16.52 2.39
CA HIS A 328 -22.16 -15.89 3.34
C HIS A 328 -20.78 -16.53 3.34
N ASP A 329 -20.66 -17.82 3.02
CA ASP A 329 -19.39 -18.50 3.22
C ASP A 329 -18.32 -17.94 2.29
N GLN A 330 -17.07 -18.20 2.65
CA GLN A 330 -15.92 -17.67 1.91
C GLN A 330 -15.05 -18.80 1.36
N GLY A 331 -15.66 -19.76 0.67
CA GLY A 331 -14.88 -20.77 -0.03
C GLY A 331 -14.16 -21.70 0.93
N SER A 332 -12.85 -21.85 0.71
CA SER A 332 -12.06 -22.80 1.49
C SER A 332 -11.96 -22.39 2.95
N LEU A 333 -12.21 -21.12 3.27
CA LEU A 333 -12.25 -20.66 4.65
C LEU A 333 -13.54 -21.04 5.37
N GLY A 334 -14.52 -21.61 4.67
CA GLY A 334 -15.76 -21.92 5.32
C GLY A 334 -16.58 -20.66 5.58
N ALA A 335 -17.31 -20.66 6.69
CA ALA A 335 -18.23 -19.58 7.00
C ALA A 335 -17.53 -18.35 7.57
N VAL A 336 -16.22 -18.42 7.80
CA VAL A 336 -15.50 -17.38 8.53
C VAL A 336 -15.60 -16.07 7.75
N ALA A 337 -16.16 -15.04 8.41
CA ALA A 337 -16.37 -13.73 7.80
C ALA A 337 -15.11 -12.88 7.94
N ASN A 338 -14.06 -13.33 7.26
CA ASN A 338 -12.82 -12.56 7.16
C ASN A 338 -13.04 -11.33 6.30
N ARG A 339 -12.59 -10.17 6.80
CA ARG A 339 -12.90 -8.91 6.11
C ARG A 339 -12.26 -8.85 4.74
N ARG A 340 -11.01 -9.30 4.62
CA ARG A 340 -10.35 -9.25 3.32
C ARG A 340 -11.02 -10.20 2.33
N ALA A 341 -11.37 -11.41 2.76
CA ALA A 341 -12.10 -12.34 1.90
C ALA A 341 -13.40 -11.71 1.40
N ILE A 342 -14.17 -11.12 2.31
CA ILE A 342 -15.41 -10.44 1.93
C ILE A 342 -15.12 -9.32 0.93
N GLU A 343 -14.10 -8.52 1.22
CA GLU A 343 -13.76 -7.40 0.35
C GLU A 343 -13.27 -7.87 -1.02
N ARG A 344 -12.54 -8.98 -1.06
CA ARG A 344 -12.11 -9.51 -2.35
C ARG A 344 -13.29 -9.95 -3.19
N GLN A 345 -14.30 -10.57 -2.57
CA GLN A 345 -15.51 -10.91 -3.29
C GLN A 345 -16.13 -9.68 -3.93
N VAL A 346 -16.29 -8.60 -3.16
CA VAL A 346 -16.90 -7.39 -3.67
C VAL A 346 -16.08 -6.80 -4.82
N GLU A 347 -14.75 -6.83 -4.69
CA GLU A 347 -13.88 -6.28 -5.73
C GLU A 347 -14.04 -7.05 -7.04
N ILE A 348 -14.11 -8.38 -6.96
CA ILE A 348 -14.28 -9.18 -8.16
C ILE A 348 -15.64 -8.93 -8.79
N LEU A 349 -16.68 -8.79 -7.97
CA LEU A 349 -18.01 -8.49 -8.48
C LEU A 349 -18.06 -7.12 -9.14
N GLN A 350 -17.39 -6.13 -8.54
CA GLN A 350 -17.39 -4.78 -9.11
C GLN A 350 -16.74 -4.77 -10.49
N LYS A 351 -15.67 -5.56 -10.68
CA LYS A 351 -15.03 -5.62 -11.99
C LYS A 351 -15.95 -6.24 -13.03
N MET A 352 -16.93 -7.04 -12.60
CA MET A 352 -17.95 -7.59 -13.49
C MET A 352 -19.05 -6.58 -13.81
N GLY A 353 -19.07 -5.42 -13.16
CA GLY A 353 -20.12 -4.45 -13.35
C GLY A 353 -21.24 -4.52 -12.33
N VAL A 354 -21.16 -5.42 -11.35
CA VAL A 354 -22.19 -5.51 -10.31
C VAL A 354 -22.25 -4.19 -9.54
N ASN A 355 -23.47 -3.71 -9.28
CA ASN A 355 -23.67 -2.56 -8.41
C ASN A 355 -24.59 -2.85 -7.24
N SER A 356 -24.95 -4.12 -7.02
CA SER A 356 -25.87 -4.42 -5.94
C SER A 356 -25.71 -5.88 -5.52
N ILE A 357 -25.90 -6.13 -4.22
CA ILE A 357 -25.84 -7.47 -3.66
C ILE A 357 -27.08 -7.71 -2.82
N ARG A 358 -27.69 -8.89 -3.00
CA ARG A 358 -28.78 -9.36 -2.16
C ARG A 358 -28.21 -10.42 -1.21
N THR A 359 -28.35 -10.20 0.10
CA THR A 359 -27.71 -11.07 1.09
C THR A 359 -28.61 -12.28 1.35
N THR A 360 -28.57 -13.23 0.41
CA THR A 360 -29.44 -14.39 0.43
C THR A 360 -28.86 -15.47 1.35
N HIS A 361 -29.66 -15.94 2.31
CA HIS A 361 -30.97 -15.39 2.64
C HIS A 361 -31.00 -15.08 4.13
N ASN A 362 -30.19 -14.12 4.56
CA ASN A 362 -29.94 -13.90 5.98
C ASN A 362 -29.08 -12.66 6.14
N PRO A 363 -29.10 -12.02 7.32
CA PRO A 363 -28.31 -10.80 7.50
C PRO A 363 -26.84 -11.02 7.18
N ALA A 364 -26.24 -10.00 6.59
CA ALA A 364 -24.82 -10.04 6.27
C ALA A 364 -23.98 -9.91 7.53
N ALA A 365 -22.70 -10.26 7.40
CA ALA A 365 -21.72 -9.81 8.38
C ALA A 365 -21.60 -8.29 8.29
N LYS A 366 -21.40 -7.65 9.44
CA LYS A 366 -21.21 -6.20 9.44
C LYS A 366 -20.06 -5.81 8.52
N ALA A 367 -19.02 -6.65 8.43
CA ALA A 367 -17.88 -6.36 7.56
C ALA A 367 -18.32 -6.16 6.11
N LEU A 368 -19.30 -6.93 5.65
CA LEU A 368 -19.81 -6.75 4.30
C LEU A 368 -20.51 -5.40 4.16
N ILE A 369 -21.30 -5.02 5.16
CA ILE A 369 -21.95 -3.73 5.15
C ILE A 369 -20.91 -2.61 5.14
N ASP A 370 -19.83 -2.78 5.92
CA ASP A 370 -18.75 -1.80 5.92
C ASP A 370 -18.15 -1.65 4.52
N VAL A 371 -17.87 -2.78 3.85
CA VAL A 371 -17.24 -2.72 2.54
C VAL A 371 -18.17 -2.06 1.53
N CYS A 372 -19.46 -2.41 1.56
CA CYS A 372 -20.39 -1.83 0.59
C CYS A 372 -20.61 -0.35 0.86
N ASN A 373 -20.66 0.07 2.12
CA ASN A 373 -20.63 1.50 2.44
C ASN A 373 -19.41 2.17 1.82
N GLU A 374 -18.26 1.51 1.90
CA GLU A 374 -17.00 2.11 1.49
C GLU A 374 -16.81 2.10 -0.02
N LYS A 375 -17.22 1.00 -0.67
CA LYS A 375 -16.95 0.83 -2.10
C LYS A 375 -18.11 1.24 -3.00
N GLY A 376 -19.27 1.54 -2.44
CA GLY A 376 -20.39 1.98 -3.26
C GLY A 376 -21.13 0.86 -3.94
N VAL A 377 -21.64 -0.08 -3.15
CA VAL A 377 -22.42 -1.20 -3.64
C VAL A 377 -23.74 -1.24 -2.87
N LEU A 378 -24.84 -1.25 -3.60
CA LEU A 378 -26.16 -1.27 -2.98
C LEU A 378 -26.46 -2.64 -2.39
N VAL A 379 -26.99 -2.66 -1.17
CA VAL A 379 -27.28 -3.91 -0.47
C VAL A 379 -28.77 -4.04 -0.26
N VAL A 380 -29.35 -5.12 -0.77
CA VAL A 380 -30.68 -5.58 -0.36
C VAL A 380 -30.41 -6.61 0.73
N GLU A 381 -30.56 -6.19 1.99
CA GLU A 381 -30.25 -7.07 3.12
C GLU A 381 -31.47 -7.89 3.48
N GLU A 382 -31.37 -9.20 3.29
CA GLU A 382 -32.41 -10.14 3.62
C GLU A 382 -32.19 -10.66 5.03
N VAL A 383 -33.29 -10.93 5.74
CA VAL A 383 -33.24 -11.31 7.13
C VAL A 383 -33.56 -12.80 7.33
N PHE A 384 -34.49 -13.33 6.54
CA PHE A 384 -34.99 -14.68 6.74
C PHE A 384 -35.02 -15.44 5.43
N ASP A 385 -34.84 -16.76 5.53
CA ASP A 385 -35.12 -17.64 4.42
C ASP A 385 -36.56 -18.10 4.55
N MET A 386 -36.79 -19.13 5.36
CA MET A 386 -38.14 -19.56 5.70
C MET A 386 -38.72 -18.69 6.81
N TRP A 387 -40.03 -18.82 7.01
CA TRP A 387 -40.70 -18.19 8.14
C TRP A 387 -41.03 -19.25 9.18
N ASN A 388 -42.32 -19.47 9.45
CA ASN A 388 -42.71 -20.40 10.50
C ASN A 388 -42.76 -21.86 10.05
N ARG A 389 -42.51 -22.16 8.78
CA ARG A 389 -42.53 -23.52 8.27
C ARG A 389 -41.16 -23.90 7.73
N SER A 390 -40.61 -25.00 8.22
CA SER A 390 -39.30 -25.47 7.83
C SER A 390 -39.30 -25.95 6.38
N LYS A 391 -38.12 -25.87 5.76
CA LYS A 391 -37.92 -26.26 4.37
C LYS A 391 -37.09 -27.53 4.27
N ASN A 392 -37.37 -28.32 3.23
CA ASN A 392 -36.47 -29.39 2.78
C ASN A 392 -36.16 -30.38 3.89
N GLY A 393 -37.14 -30.66 4.74
CA GLY A 393 -36.94 -31.58 5.85
C GLY A 393 -35.94 -31.12 6.88
N ASN A 394 -35.60 -29.83 6.90
CA ASN A 394 -34.62 -29.30 7.84
C ASN A 394 -35.33 -28.97 9.15
N THR A 395 -35.50 -30.00 9.97
CA THR A 395 -36.24 -29.89 11.22
C THR A 395 -35.57 -28.99 12.24
N GLU A 396 -34.30 -28.63 12.04
CA GLU A 396 -33.58 -27.77 12.96
C GLU A 396 -33.39 -26.35 12.42
N ASP A 397 -33.99 -26.01 11.28
CA ASP A 397 -33.81 -24.67 10.76
C ASP A 397 -34.63 -23.67 11.59
N TYR A 398 -34.56 -22.40 11.17
CA TYR A 398 -35.13 -21.32 11.96
C TYR A 398 -36.65 -21.38 12.08
N GLY A 399 -37.33 -22.11 11.20
CA GLY A 399 -38.78 -22.22 11.29
C GLY A 399 -39.26 -22.80 12.60
N LYS A 400 -38.39 -23.54 13.29
CA LYS A 400 -38.67 -24.02 14.63
C LYS A 400 -38.67 -22.89 15.66
N TRP A 401 -37.98 -21.77 15.37
CA TRP A 401 -37.86 -20.68 16.32
C TRP A 401 -38.63 -19.43 15.93
N PHE A 402 -38.94 -19.27 14.64
CA PHE A 402 -39.56 -18.06 14.10
C PHE A 402 -40.69 -17.54 14.97
N GLY A 403 -41.64 -18.41 15.32
CA GLY A 403 -42.81 -18.03 16.07
C GLY A 403 -42.79 -18.23 17.57
N GLN A 404 -41.65 -18.61 18.14
CA GLN A 404 -41.53 -18.79 19.57
C GLN A 404 -41.13 -17.51 20.29
N ALA A 405 -41.45 -17.47 21.58
CA ALA A 405 -41.15 -16.33 22.43
C ALA A 405 -39.80 -16.51 23.13
N ILE A 406 -39.29 -15.40 23.63
CA ILE A 406 -38.02 -15.38 24.36
C ILE A 406 -38.32 -15.63 25.84
N ALA A 407 -37.61 -16.58 26.43
CA ALA A 407 -37.83 -16.92 27.84
C ALA A 407 -37.56 -15.71 28.72
N GLY A 408 -38.29 -15.62 29.83
CA GLY A 408 -38.19 -14.48 30.73
C GLY A 408 -36.83 -14.32 31.38
N ASP A 409 -36.06 -15.40 31.49
CA ASP A 409 -34.73 -15.35 32.09
C ASP A 409 -33.63 -15.23 31.04
N ASN A 410 -33.99 -14.95 29.78
CA ASN A 410 -33.03 -14.80 28.69
C ASN A 410 -32.70 -13.33 28.52
N ALA A 411 -31.50 -12.94 28.93
CA ALA A 411 -31.08 -11.54 28.92
C ALA A 411 -30.45 -11.12 27.58
N VAL A 412 -30.64 -11.89 26.51
CA VAL A 412 -30.05 -11.54 25.22
C VAL A 412 -30.57 -10.19 24.77
N LEU A 413 -29.70 -9.42 24.10
CA LEU A 413 -30.00 -8.05 23.72
C LEU A 413 -29.71 -7.86 22.24
N GLY A 414 -30.38 -6.88 21.64
CA GLY A 414 -30.15 -6.52 20.25
C GLY A 414 -31.41 -6.03 19.56
N GLY A 415 -32.55 -6.66 19.85
CA GLY A 415 -33.81 -6.26 19.26
C GLY A 415 -34.94 -6.36 20.25
N ASP A 416 -36.15 -6.12 19.76
CA ASP A 416 -37.35 -6.15 20.59
C ASP A 416 -37.64 -7.57 21.05
N LYS A 417 -37.98 -7.70 22.32
CA LYS A 417 -38.15 -9.00 22.97
C LYS A 417 -39.60 -9.28 23.36
N ASP A 418 -40.53 -8.39 23.00
CA ASP A 418 -41.89 -8.49 23.48
C ASP A 418 -42.79 -9.39 22.63
N GLU A 419 -42.27 -9.99 21.56
CA GLU A 419 -43.09 -10.89 20.76
C GLU A 419 -42.38 -12.20 20.47
N THR A 420 -41.83 -12.36 19.27
CA THR A 420 -41.22 -13.62 18.88
C THR A 420 -39.77 -13.40 18.46
N TRP A 421 -39.05 -14.52 18.30
CA TRP A 421 -37.68 -14.46 17.80
C TRP A 421 -37.61 -13.77 16.45
N ALA A 422 -38.63 -13.97 15.60
CA ALA A 422 -38.65 -13.33 14.29
C ALA A 422 -38.57 -11.82 14.44
N LYS A 423 -39.35 -11.25 15.36
CA LYS A 423 -39.31 -9.81 15.58
C LYS A 423 -37.98 -9.39 16.19
N PHE A 424 -37.43 -10.21 17.10
CA PHE A 424 -36.13 -9.91 17.70
C PHE A 424 -35.04 -9.84 16.63
N ASP A 425 -34.91 -10.90 15.84
CA ASP A 425 -33.82 -10.97 14.87
C ASP A 425 -34.00 -9.96 13.74
N LEU A 426 -35.25 -9.66 13.39
CA LEU A 426 -35.51 -8.61 12.40
C LEU A 426 -35.07 -7.24 12.92
N THR A 427 -35.55 -6.86 14.10
CA THR A 427 -35.23 -5.53 14.62
C THR A 427 -33.76 -5.42 15.03
N SER A 428 -33.15 -6.53 15.45
CA SER A 428 -31.73 -6.49 15.78
C SER A 428 -30.88 -6.19 14.55
N THR A 429 -31.24 -6.78 13.40
CA THR A 429 -30.52 -6.53 12.17
C THR A 429 -30.72 -5.08 11.70
N ILE A 430 -31.95 -4.59 11.76
CA ILE A 430 -32.23 -3.22 11.36
C ILE A 430 -31.53 -2.22 12.27
N ASN A 431 -31.51 -2.50 13.58
CA ASN A 431 -30.82 -1.62 14.51
C ASN A 431 -29.34 -1.49 14.18
N ARG A 432 -28.69 -2.59 13.80
CA ARG A 432 -27.27 -2.54 13.49
C ARG A 432 -26.99 -1.73 12.22
N ASP A 433 -27.88 -1.82 11.22
CA ASP A 433 -27.56 -1.32 9.89
C ASP A 433 -28.42 -0.15 9.45
N ARG A 434 -29.27 0.40 10.33
CA ARG A 434 -30.24 1.42 9.92
C ARG A 434 -29.59 2.68 9.35
N ASN A 435 -28.33 2.96 9.70
CA ASN A 435 -27.66 4.16 9.24
C ASN A 435 -26.73 3.90 8.06
N ALA A 436 -26.62 2.65 7.61
CA ALA A 436 -25.69 2.29 6.54
C ALA A 436 -26.25 2.73 5.19
N PRO A 437 -25.56 3.63 4.48
CA PRO A 437 -26.12 4.11 3.20
C PRO A 437 -26.17 3.03 2.11
N SER A 438 -25.33 2.00 2.19
CA SER A 438 -25.36 0.96 1.16
C SER A 438 -26.64 0.13 1.20
N VAL A 439 -27.30 0.04 2.36
CA VAL A 439 -28.51 -0.77 2.49
C VAL A 439 -29.69 0.03 1.95
N ILE A 440 -30.32 -0.48 0.89
CA ILE A 440 -31.44 0.20 0.27
C ILE A 440 -32.78 -0.46 0.56
N MET A 441 -32.80 -1.75 0.91
CA MET A 441 -34.06 -2.44 1.16
C MET A 441 -33.85 -3.51 2.22
N TRP A 442 -34.91 -3.78 2.98
CA TRP A 442 -34.98 -4.93 3.88
C TRP A 442 -35.82 -6.01 3.21
N SER A 443 -35.21 -7.17 2.96
CA SER A 443 -35.93 -8.30 2.41
C SER A 443 -36.33 -9.21 3.56
N LEU A 444 -37.62 -9.55 3.62
CA LEU A 444 -38.19 -10.20 4.80
C LEU A 444 -38.32 -11.71 4.67
N GLY A 445 -38.03 -12.27 3.51
CA GLY A 445 -38.12 -13.70 3.33
C GLY A 445 -37.83 -14.07 1.90
N ASN A 446 -37.64 -15.37 1.67
CA ASN A 446 -37.32 -15.87 0.35
C ASN A 446 -38.04 -17.18 0.12
N GLU A 447 -38.83 -17.24 -0.95
CA GLU A 447 -39.59 -18.43 -1.33
C GLU A 447 -40.21 -19.08 -0.10
N MET A 448 -40.93 -18.25 0.67
CA MET A 448 -41.40 -18.67 1.99
C MET A 448 -42.31 -19.88 1.92
N MET A 449 -42.99 -20.08 0.79
CA MET A 449 -43.92 -21.18 0.62
C MET A 449 -43.35 -22.28 -0.28
N GLU A 450 -42.04 -22.33 -0.43
CA GLU A 450 -41.37 -23.32 -1.29
C GLU A 450 -40.65 -24.35 -0.42
N GLY A 451 -40.87 -25.62 -0.72
CA GLY A 451 -40.19 -26.69 -0.01
C GLY A 451 -40.74 -26.98 1.37
N ILE A 452 -41.99 -26.63 1.63
CA ILE A 452 -42.57 -26.80 2.97
C ILE A 452 -43.70 -27.82 2.92
N SER A 453 -44.36 -28.02 4.05
CA SER A 453 -45.55 -28.87 4.14
C SER A 453 -46.68 -28.07 4.75
N GLY A 454 -47.91 -28.48 4.45
CA GLY A 454 -49.07 -27.89 5.09
C GLY A 454 -49.68 -26.74 4.30
N SER A 455 -50.72 -26.17 4.90
CA SER A 455 -51.44 -25.06 4.29
C SER A 455 -50.60 -23.79 4.29
N VAL A 456 -50.85 -22.95 3.30
CA VAL A 456 -50.19 -21.64 3.17
C VAL A 456 -51.14 -20.50 3.49
N SER A 457 -52.36 -20.80 3.95
CA SER A 457 -53.36 -19.76 4.15
C SER A 457 -52.98 -18.75 5.23
N GLY A 458 -52.07 -19.10 6.13
CA GLY A 458 -51.65 -18.18 7.16
C GLY A 458 -50.51 -17.26 6.78
N PHE A 459 -49.95 -17.42 5.60
CA PHE A 459 -48.76 -16.69 5.19
C PHE A 459 -49.00 -15.22 4.85
N PRO A 460 -50.16 -14.84 4.27
CA PRO A 460 -50.42 -13.39 4.14
C PRO A 460 -50.38 -12.64 5.46
N ALA A 461 -50.94 -13.22 6.53
CA ALA A 461 -50.96 -12.54 7.82
C ALA A 461 -49.56 -12.48 8.44
N THR A 462 -48.78 -13.55 8.27
CA THR A 462 -47.39 -13.51 8.71
C THR A 462 -46.61 -12.44 7.95
N SER A 463 -46.82 -12.36 6.64
CA SER A 463 -46.13 -11.35 5.83
C SER A 463 -46.51 -9.94 6.26
N ALA A 464 -47.81 -9.70 6.46
CA ALA A 464 -48.28 -8.39 6.90
C ALA A 464 -47.72 -8.05 8.28
N LYS A 465 -47.55 -9.05 9.13
CA LYS A 465 -46.95 -8.82 10.45
C LYS A 465 -45.50 -8.35 10.31
N LEU A 466 -44.71 -9.07 9.49
CA LEU A 466 -43.32 -8.69 9.27
C LEU A 466 -43.22 -7.31 8.64
N VAL A 467 -44.14 -6.99 7.72
CA VAL A 467 -44.14 -5.68 7.09
C VAL A 467 -44.40 -4.58 8.12
N ALA A 468 -45.32 -4.82 9.05
CA ALA A 468 -45.62 -3.84 10.08
C ALA A 468 -44.42 -3.61 11.00
N TRP A 469 -43.79 -4.69 11.46
CA TRP A 469 -42.59 -4.57 12.29
C TRP A 469 -41.52 -3.75 11.59
N THR A 470 -41.28 -4.02 10.31
CA THR A 470 -40.21 -3.35 9.58
C THR A 470 -40.50 -1.86 9.43
N LYS A 471 -41.73 -1.52 9.07
CA LYS A 471 -42.11 -0.12 8.91
C LYS A 471 -41.92 0.66 10.20
N ALA A 472 -42.25 0.04 11.34
CA ALA A 472 -42.05 0.70 12.63
C ALA A 472 -40.57 0.75 13.01
N ALA A 473 -39.79 -0.26 12.62
CA ALA A 473 -38.38 -0.29 13.00
C ALA A 473 -37.58 0.73 12.20
N ASP A 474 -37.87 0.87 10.91
CA ASP A 474 -37.15 1.80 10.04
C ASP A 474 -38.09 2.26 8.94
N SER A 475 -38.56 3.51 9.03
CA SER A 475 -39.47 4.04 8.03
C SER A 475 -38.76 4.53 6.77
N THR A 476 -37.43 4.63 6.78
CA THR A 476 -36.70 5.27 5.70
C THR A 476 -36.50 4.36 4.50
N ARG A 477 -36.63 3.05 4.64
CA ARG A 477 -36.36 2.16 3.53
C ARG A 477 -37.59 1.32 3.20
N PRO A 478 -37.80 1.02 1.93
CA PRO A 478 -38.85 0.06 1.57
C PRO A 478 -38.44 -1.36 1.94
N MET A 479 -39.44 -2.17 2.28
CA MET A 479 -39.24 -3.59 2.53
C MET A 479 -39.63 -4.40 1.30
N THR A 480 -39.18 -5.65 1.25
CA THR A 480 -39.38 -6.49 0.08
C THR A 480 -39.26 -7.96 0.50
N TYR A 481 -39.34 -8.84 -0.49
CA TYR A 481 -39.01 -10.26 -0.34
C TYR A 481 -38.83 -10.85 -1.72
N GLY A 482 -38.36 -12.10 -1.77
CA GLY A 482 -38.30 -12.83 -3.02
C GLY A 482 -39.30 -13.97 -3.06
N ASP A 483 -40.34 -13.82 -3.87
CA ASP A 483 -41.43 -14.80 -3.94
C ASP A 483 -41.40 -15.46 -5.31
N ASN A 484 -41.23 -16.78 -5.33
CA ASN A 484 -41.25 -17.55 -6.55
C ASN A 484 -42.64 -18.07 -6.91
N LYS A 485 -43.64 -17.83 -6.06
CA LYS A 485 -45.00 -18.24 -6.34
C LYS A 485 -45.81 -17.15 -7.04
N ILE A 486 -45.21 -15.99 -7.28
CA ILE A 486 -45.90 -14.96 -8.04
C ILE A 486 -46.16 -15.44 -9.47
N LYS A 487 -45.17 -16.10 -10.08
CA LYS A 487 -45.34 -16.59 -11.44
C LYS A 487 -46.33 -17.74 -11.52
N ALA A 488 -46.64 -18.39 -10.40
CA ALA A 488 -47.69 -19.40 -10.36
C ALA A 488 -49.05 -18.79 -10.08
N ASN A 489 -49.12 -17.47 -9.91
CA ASN A 489 -50.38 -16.75 -9.70
C ASN A 489 -51.14 -17.29 -8.48
N TRP A 490 -50.40 -17.58 -7.41
CA TRP A 490 -51.05 -17.99 -6.16
C TRP A 490 -51.83 -16.83 -5.56
N ASN A 491 -53.00 -17.15 -5.01
CA ASN A 491 -53.80 -16.13 -4.32
C ASN A 491 -53.00 -15.47 -3.21
N GLU A 492 -52.25 -16.26 -2.44
CA GLU A 492 -51.49 -15.71 -1.33
C GLU A 492 -50.43 -14.73 -1.81
N SER A 493 -49.76 -15.05 -2.93
CA SER A 493 -48.74 -14.15 -3.44
C SER A 493 -49.34 -12.81 -3.86
N ASN A 494 -50.54 -12.83 -4.44
CA ASN A 494 -51.21 -11.59 -4.81
C ASN A 494 -51.54 -10.76 -3.58
N THR A 495 -52.12 -11.39 -2.56
CA THR A 495 -52.46 -10.68 -1.33
C THR A 495 -51.22 -10.08 -0.68
N MET A 496 -50.10 -10.82 -0.71
CA MET A 496 -48.89 -10.34 -0.04
C MET A 496 -48.26 -9.20 -0.82
N GLY A 497 -48.22 -9.30 -2.15
CA GLY A 497 -47.71 -8.21 -2.95
C GLY A 497 -48.50 -6.93 -2.80
N ASP A 498 -49.82 -7.05 -2.63
CA ASP A 498 -50.64 -5.87 -2.37
C ASP A 498 -50.26 -5.21 -1.05
N ASN A 499 -50.02 -6.02 -0.02
CA ASN A 499 -49.68 -5.47 1.29
C ASN A 499 -48.30 -4.82 1.29
N LEU A 500 -47.33 -5.46 0.62
CA LEU A 500 -46.04 -4.82 0.38
C LEU A 500 -46.23 -3.44 -0.26
N THR A 501 -46.97 -3.40 -1.36
CA THR A 501 -47.16 -2.14 -2.08
C THR A 501 -47.86 -1.10 -1.21
N ALA A 502 -48.88 -1.52 -0.46
CA ALA A 502 -49.63 -0.60 0.37
C ALA A 502 -48.79 0.02 1.48
N ASN A 503 -47.64 -0.59 1.81
CA ASN A 503 -46.76 -0.07 2.84
C ASN A 503 -45.46 0.51 2.27
N GLY A 504 -45.47 0.89 1.00
CA GLY A 504 -44.28 1.45 0.38
C GLY A 504 -43.23 0.45 0.01
N GLY A 505 -43.58 -0.84 -0.07
CA GLY A 505 -42.62 -1.88 -0.36
C GLY A 505 -42.48 -2.16 -1.85
N VAL A 506 -41.52 -3.03 -2.16
CA VAL A 506 -41.19 -3.42 -3.52
C VAL A 506 -41.32 -4.93 -3.62
N VAL A 507 -41.93 -5.40 -4.70
CA VAL A 507 -42.24 -6.81 -4.86
C VAL A 507 -41.13 -7.47 -5.67
N GLY A 508 -40.50 -8.48 -5.08
CA GLY A 508 -39.48 -9.25 -5.76
C GLY A 508 -40.02 -10.58 -6.23
N THR A 509 -39.88 -10.85 -7.53
CA THR A 509 -40.32 -12.10 -8.10
C THR A 509 -39.10 -12.95 -8.44
N ASN A 510 -39.15 -14.23 -8.04
CA ASN A 510 -38.09 -15.18 -8.33
C ASN A 510 -38.41 -15.96 -9.60
N TYR A 511 -37.48 -15.93 -10.55
CA TYR A 511 -37.47 -16.84 -11.70
C TYR A 511 -38.67 -16.63 -12.63
N SER A 512 -39.05 -15.38 -12.82
CA SER A 512 -39.98 -15.03 -13.88
C SER A 512 -39.22 -14.86 -15.19
N ASP A 513 -39.89 -15.14 -16.30
CA ASP A 513 -39.37 -14.83 -17.62
C ASP A 513 -40.07 -13.59 -18.16
N GLY A 514 -39.71 -13.22 -19.39
CA GLY A 514 -40.26 -12.02 -19.99
C GLY A 514 -41.77 -11.99 -20.01
N ALA A 515 -42.39 -13.12 -20.38
CA ALA A 515 -43.85 -13.18 -20.43
C ALA A 515 -44.45 -12.97 -19.04
N ASN A 516 -43.84 -13.57 -18.02
CA ASN A 516 -44.39 -13.41 -16.67
C ASN A 516 -44.15 -12.02 -16.11
N TYR A 517 -43.00 -11.40 -16.45
CA TYR A 517 -42.79 -9.99 -16.09
C TYR A 517 -43.94 -9.13 -16.63
N ASP A 518 -44.28 -9.31 -17.91
CA ASP A 518 -45.34 -8.54 -18.53
C ASP A 518 -46.70 -8.86 -17.89
N LYS A 519 -46.92 -10.12 -17.53
CA LYS A 519 -48.18 -10.49 -16.88
C LYS A 519 -48.34 -9.80 -15.54
N ILE A 520 -47.24 -9.70 -14.77
CA ILE A 520 -47.29 -9.01 -13.49
C ILE A 520 -47.61 -7.53 -13.70
N ARG A 521 -46.92 -6.90 -14.66
CA ARG A 521 -47.15 -5.49 -14.94
C ARG A 521 -48.60 -5.23 -15.32
N THR A 522 -49.19 -6.13 -16.11
CA THR A 522 -50.58 -5.97 -16.51
C THR A 522 -51.54 -6.26 -15.35
N THR A 523 -51.30 -7.36 -14.63
CA THR A 523 -52.24 -7.81 -13.60
C THR A 523 -52.16 -6.94 -12.35
N HIS A 524 -50.97 -6.50 -11.96
CA HIS A 524 -50.76 -5.72 -10.75
C HIS A 524 -50.04 -4.42 -11.09
N PRO A 525 -50.72 -3.48 -11.74
CA PRO A 525 -50.03 -2.27 -12.23
C PRO A 525 -49.51 -1.37 -11.12
N SER A 526 -50.00 -1.50 -9.89
CA SER A 526 -49.49 -0.68 -8.79
C SER A 526 -48.15 -1.18 -8.25
N TRP A 527 -47.80 -2.43 -8.52
CA TRP A 527 -46.58 -3.00 -7.97
C TRP A 527 -45.34 -2.43 -8.65
N ALA A 528 -44.35 -2.05 -7.85
CA ALA A 528 -42.99 -1.87 -8.34
C ALA A 528 -42.24 -3.18 -8.12
N ILE A 529 -41.68 -3.73 -9.18
CA ILE A 529 -41.13 -5.08 -9.14
C ILE A 529 -39.68 -5.07 -9.60
N TYR A 530 -39.02 -6.21 -9.35
CA TYR A 530 -37.66 -6.48 -9.79
C TYR A 530 -37.46 -7.99 -9.71
N GLY A 531 -36.43 -8.47 -10.40
CA GLY A 531 -36.09 -9.88 -10.34
C GLY A 531 -35.26 -10.20 -9.11
N SER A 532 -35.91 -10.64 -8.03
CA SER A 532 -35.20 -10.89 -6.78
C SER A 532 -34.26 -12.08 -6.85
N GLU A 533 -34.51 -13.02 -7.78
CA GLU A 533 -33.59 -14.14 -7.97
C GLU A 533 -33.76 -14.64 -9.38
N THR A 534 -32.68 -14.70 -10.14
CA THR A 534 -32.77 -14.92 -11.57
C THR A 534 -31.72 -15.93 -12.03
N ALA A 535 -31.92 -16.42 -13.25
CA ALA A 535 -30.99 -17.31 -13.95
C ALA A 535 -30.88 -18.66 -13.27
N SER A 536 -30.01 -18.76 -12.27
CA SER A 536 -29.63 -20.04 -11.68
C SER A 536 -29.10 -20.99 -12.75
N ALA A 537 -28.27 -20.45 -13.66
CA ALA A 537 -27.48 -21.27 -14.56
C ALA A 537 -26.46 -22.08 -13.77
N ILE A 538 -26.13 -23.26 -14.28
CA ILE A 538 -25.24 -24.18 -13.60
C ILE A 538 -24.09 -24.55 -14.54
N ASN A 539 -22.88 -24.12 -14.20
CA ASN A 539 -21.70 -24.33 -15.02
C ASN A 539 -20.50 -24.60 -14.14
N SER A 540 -19.60 -25.45 -14.62
CA SER A 540 -18.27 -25.56 -14.05
C SER A 540 -17.34 -24.57 -14.74
N ARG A 541 -16.14 -24.43 -14.19
CA ARG A 541 -15.12 -23.56 -14.79
C ARG A 541 -14.24 -24.38 -15.72
N GLY A 542 -14.22 -23.99 -17.00
CA GLY A 542 -13.25 -24.54 -17.93
C GLY A 542 -13.63 -25.86 -18.59
N ILE A 543 -14.92 -26.15 -18.75
CA ILE A 543 -15.37 -27.40 -19.33
C ILE A 543 -15.97 -27.09 -20.70
N TYR A 544 -15.40 -27.69 -21.75
CA TYR A 544 -15.80 -27.37 -23.10
C TYR A 544 -16.03 -28.57 -24.01
N ASN A 545 -15.78 -29.80 -23.53
CA ASN A 545 -15.92 -30.95 -24.45
C ASN A 545 -17.36 -31.28 -24.80
N ARG A 546 -18.29 -30.45 -24.33
CA ARG A 546 -19.70 -30.58 -24.63
C ARG A 546 -20.33 -29.22 -24.43
N THR A 547 -21.35 -28.92 -25.23
CA THR A 547 -22.06 -27.65 -25.15
C THR A 547 -23.36 -27.74 -24.37
N THR A 548 -23.75 -28.94 -23.96
CA THR A 548 -24.99 -29.18 -23.24
C THR A 548 -24.73 -29.32 -21.75
N GLY A 549 -25.78 -29.06 -20.97
CA GLY A 549 -25.74 -29.22 -19.53
C GLY A 549 -27.13 -29.35 -18.95
N GLY A 550 -27.39 -28.62 -17.86
CA GLY A 550 -28.71 -28.60 -17.26
C GLY A 550 -29.11 -29.86 -16.52
N ALA A 551 -28.23 -30.84 -16.40
CA ALA A 551 -28.55 -32.09 -15.72
C ALA A 551 -27.25 -32.78 -15.32
N GLN A 552 -27.38 -33.84 -14.54
CA GLN A 552 -26.21 -34.57 -14.07
C GLN A 552 -25.43 -35.14 -15.24
N SER A 553 -24.11 -35.15 -15.10
CA SER A 553 -23.21 -35.71 -16.09
C SER A 553 -22.45 -36.88 -15.47
N SER A 554 -21.66 -37.56 -16.29
CA SER A 554 -20.88 -38.69 -15.79
C SER A 554 -19.59 -38.23 -15.14
N ASP A 555 -19.03 -37.09 -15.55
CA ASP A 555 -17.76 -36.60 -15.01
C ASP A 555 -17.95 -35.63 -13.84
N LYS A 556 -19.16 -35.51 -13.32
CA LYS A 556 -19.48 -34.66 -12.16
C LYS A 556 -19.17 -33.19 -12.40
N GLN A 557 -19.12 -32.77 -13.65
CA GLN A 557 -18.87 -31.38 -14.01
C GLN A 557 -19.95 -30.93 -15.00
N LEU A 558 -19.92 -29.64 -15.33
CA LEU A 558 -20.91 -29.07 -16.21
C LEU A 558 -20.23 -28.17 -17.22
N THR A 559 -20.81 -28.11 -18.42
CA THR A 559 -20.25 -27.29 -19.49
C THR A 559 -20.13 -25.83 -19.05
N SER A 560 -19.10 -25.15 -19.58
CA SER A 560 -18.93 -23.72 -19.35
C SER A 560 -19.69 -22.86 -20.34
N TYR A 561 -20.16 -23.45 -21.44
CA TYR A 561 -21.09 -22.75 -22.33
C TYR A 561 -22.35 -22.36 -21.57
N ASP A 562 -22.95 -21.24 -21.97
CA ASP A 562 -24.16 -20.75 -21.29
C ASP A 562 -25.41 -21.38 -21.93
N ASN A 563 -25.43 -22.72 -21.92
CA ASN A 563 -26.58 -23.50 -22.38
C ASN A 563 -27.11 -24.42 -21.29
N SER A 564 -26.83 -24.10 -20.03
CA SER A 564 -27.07 -25.04 -18.93
C SER A 564 -27.68 -24.29 -17.76
N ALA A 565 -28.88 -24.69 -17.34
CA ALA A 565 -29.56 -24.07 -16.21
C ALA A 565 -30.55 -25.07 -15.65
N VAL A 566 -31.02 -24.79 -14.44
CA VAL A 566 -32.02 -25.64 -13.80
C VAL A 566 -33.36 -25.49 -14.50
N GLY A 567 -34.24 -26.48 -14.28
CA GLY A 567 -35.51 -26.51 -14.99
C GLY A 567 -36.37 -25.29 -14.75
N TRP A 568 -36.32 -24.73 -13.55
CA TRP A 568 -37.09 -23.53 -13.22
C TRP A 568 -36.31 -22.24 -13.49
N GLY A 569 -35.08 -22.34 -13.98
CA GLY A 569 -34.24 -21.20 -14.21
C GLY A 569 -34.11 -20.85 -15.68
N ALA A 570 -33.04 -20.12 -16.00
CA ALA A 570 -32.77 -19.70 -17.36
C ALA A 570 -31.28 -19.42 -17.48
N VAL A 571 -30.75 -19.56 -18.70
CA VAL A 571 -29.36 -19.22 -18.93
C VAL A 571 -29.16 -17.72 -18.74
N ALA A 572 -27.89 -17.33 -18.55
CA ALA A 572 -27.57 -15.94 -18.21
C ALA A 572 -28.10 -14.96 -19.25
N SER A 573 -27.86 -15.26 -20.54
CA SER A 573 -28.29 -14.35 -21.59
C SER A 573 -29.80 -14.19 -21.61
N SER A 574 -30.53 -15.27 -21.29
CA SER A 574 -31.99 -15.21 -21.29
C SER A 574 -32.51 -14.36 -20.14
N ALA A 575 -32.01 -14.60 -18.93
CA ALA A 575 -32.50 -13.87 -17.77
C ALA A 575 -32.13 -12.39 -17.82
N TRP A 576 -31.04 -12.03 -18.50
CA TRP A 576 -30.68 -10.63 -18.62
C TRP A 576 -31.40 -9.94 -19.77
N TYR A 577 -31.58 -10.64 -20.89
CA TYR A 577 -32.33 -10.10 -22.02
C TYR A 577 -33.76 -9.74 -21.60
N ASP A 578 -34.40 -10.59 -20.80
CA ASP A 578 -35.75 -10.31 -20.34
C ASP A 578 -35.81 -9.13 -19.38
N VAL A 579 -34.70 -8.81 -18.70
CA VAL A 579 -34.68 -7.73 -17.72
C VAL A 579 -34.28 -6.41 -18.36
N VAL A 580 -33.25 -6.43 -19.21
CA VAL A 580 -32.72 -5.19 -19.79
C VAL A 580 -33.73 -4.54 -20.74
N GLN A 581 -34.65 -5.32 -21.31
CA GLN A 581 -35.67 -4.77 -22.19
C GLN A 581 -36.75 -3.99 -21.45
N ARG A 582 -36.95 -4.26 -20.18
CA ARG A 582 -38.13 -3.79 -19.45
C ARG A 582 -37.70 -2.84 -18.34
N ASP A 583 -37.98 -1.55 -18.53
CA ASP A 583 -37.63 -0.56 -17.53
C ASP A 583 -38.43 -0.74 -16.24
N PHE A 584 -39.58 -1.40 -16.29
CA PHE A 584 -40.36 -1.63 -15.08
C PHE A 584 -39.80 -2.78 -14.24
N VAL A 585 -38.85 -3.54 -14.77
CA VAL A 585 -38.11 -4.53 -13.99
C VAL A 585 -36.85 -3.83 -13.50
N ALA A 586 -36.90 -3.33 -12.26
CA ALA A 586 -35.86 -2.43 -11.77
C ALA A 586 -34.47 -3.04 -11.85
N GLY A 587 -34.38 -4.37 -11.82
CA GLY A 587 -33.08 -5.00 -11.92
C GLY A 587 -33.17 -6.50 -11.72
N THR A 588 -32.02 -7.11 -11.45
CA THR A 588 -31.90 -8.55 -11.34
C THR A 588 -30.91 -8.87 -10.22
N TYR A 589 -31.09 -10.04 -9.59
CA TYR A 589 -30.16 -10.55 -8.60
C TYR A 589 -29.81 -11.98 -8.99
N VAL A 590 -28.79 -12.12 -9.83
CA VAL A 590 -28.44 -13.40 -10.42
C VAL A 590 -28.01 -14.39 -9.35
N TRP A 591 -28.52 -15.61 -9.44
CA TRP A 591 -28.16 -16.70 -8.54
C TRP A 591 -27.11 -17.57 -9.24
N THR A 592 -25.84 -17.47 -8.82
CA THR A 592 -25.29 -16.54 -7.83
C THR A 592 -24.03 -15.86 -8.36
N GLY A 593 -23.53 -14.86 -7.62
CA GLY A 593 -22.27 -14.25 -7.99
C GLY A 593 -21.09 -15.19 -7.79
N PHE A 594 -21.02 -15.83 -6.63
CA PHE A 594 -19.98 -16.79 -6.31
C PHE A 594 -20.62 -18.14 -6.02
N ASP A 595 -19.90 -19.20 -6.38
CA ASP A 595 -20.24 -20.52 -5.86
C ASP A 595 -20.12 -20.52 -4.34
N TYR A 596 -20.90 -21.38 -3.71
CA TYR A 596 -20.92 -21.51 -2.26
C TYR A 596 -20.94 -22.98 -1.92
N LEU A 597 -20.58 -23.31 -0.68
CA LEU A 597 -20.55 -24.70 -0.28
C LEU A 597 -21.97 -25.25 -0.13
N GLY A 598 -22.11 -26.55 -0.38
CA GLY A 598 -23.43 -27.16 -0.34
C GLY A 598 -24.18 -26.98 -1.65
N GLU A 599 -25.50 -27.16 -1.57
CA GLU A 599 -26.47 -27.16 -2.67
C GLU A 599 -25.83 -27.47 -4.01
N PRO A 600 -25.35 -28.70 -4.21
CA PRO A 600 -24.60 -29.02 -5.45
C PRO A 600 -25.51 -29.44 -6.59
N THR A 601 -26.63 -28.76 -6.74
CA THR A 601 -27.54 -28.99 -7.85
C THR A 601 -26.77 -28.96 -9.16
N PRO A 602 -27.01 -29.91 -10.09
CA PRO A 602 -28.05 -30.94 -10.11
C PRO A 602 -27.74 -32.22 -9.33
N TRP A 603 -26.69 -32.22 -8.50
CA TRP A 603 -26.42 -33.32 -7.58
C TRP A 603 -26.92 -33.01 -6.17
N ASN A 604 -28.01 -32.26 -6.05
CA ASN A 604 -28.50 -31.84 -4.75
C ASN A 604 -29.25 -32.97 -4.05
N GLY A 605 -29.24 -32.93 -2.72
CA GLY A 605 -29.96 -33.89 -1.90
C GLY A 605 -30.51 -33.25 -0.65
N THR A 606 -31.82 -33.39 -0.43
CA THR A 606 -32.43 -32.80 0.77
C THR A 606 -32.42 -33.74 1.96
N GLY A 607 -32.21 -35.05 1.75
CA GLY A 607 -32.01 -35.98 2.81
C GLY A 607 -30.56 -36.42 2.92
N SER A 608 -30.34 -37.42 3.77
CA SER A 608 -28.99 -37.96 3.92
C SER A 608 -28.70 -38.94 2.79
N GLY A 609 -27.42 -39.18 2.57
CA GLY A 609 -26.99 -40.12 1.55
C GLY A 609 -26.26 -39.42 0.41
N ALA A 610 -25.32 -40.14 -0.19
CA ALA A 610 -24.57 -39.61 -1.31
C ALA A 610 -25.44 -39.52 -2.55
N VAL A 611 -25.22 -38.47 -3.34
CA VAL A 611 -25.93 -38.28 -4.61
C VAL A 611 -24.98 -38.68 -5.72
N GLY A 612 -25.33 -39.74 -6.46
CA GLY A 612 -24.42 -40.30 -7.43
C GLY A 612 -23.31 -41.09 -6.75
N SER A 613 -22.21 -41.25 -7.47
CA SER A 613 -21.08 -42.01 -6.98
C SER A 613 -20.26 -41.17 -6.02
N TRP A 614 -20.07 -41.66 -4.80
CA TRP A 614 -19.24 -40.98 -3.82
C TRP A 614 -17.78 -41.08 -4.21
N PRO A 615 -17.00 -39.98 -4.11
CA PRO A 615 -17.32 -38.65 -3.59
C PRO A 615 -18.22 -37.82 -4.50
N SER A 616 -19.30 -37.27 -3.93
CA SER A 616 -20.31 -36.52 -4.65
C SER A 616 -19.96 -35.03 -4.68
N PRO A 617 -20.46 -34.31 -5.69
CA PRO A 617 -20.28 -32.85 -5.71
C PRO A 617 -20.75 -32.23 -4.39
N LYS A 618 -19.95 -31.30 -3.85
CA LYS A 618 -20.19 -30.77 -2.53
C LYS A 618 -20.36 -29.26 -2.46
N ASN A 619 -20.09 -28.52 -3.54
CA ASN A 619 -20.43 -27.10 -3.60
C ASN A 619 -21.23 -26.83 -4.87
N SER A 620 -21.64 -25.58 -5.02
CA SER A 620 -22.63 -25.24 -6.04
C SER A 620 -21.98 -25.10 -7.41
N TYR A 621 -22.84 -25.03 -8.42
CA TYR A 621 -22.45 -24.70 -9.78
C TYR A 621 -23.10 -23.41 -10.24
N PHE A 622 -23.91 -22.77 -9.39
CA PHE A 622 -24.64 -21.57 -9.79
C PHE A 622 -23.74 -20.35 -9.98
N GLY A 623 -22.54 -20.37 -9.42
CA GLY A 623 -21.76 -19.14 -9.32
C GLY A 623 -21.21 -18.69 -10.66
N ILE A 624 -21.33 -17.38 -10.91
CA ILE A 624 -20.62 -16.79 -12.03
C ILE A 624 -19.12 -16.92 -11.82
N VAL A 625 -18.69 -16.90 -10.56
CA VAL A 625 -17.31 -17.09 -10.14
C VAL A 625 -17.27 -18.29 -9.21
N ASP A 626 -16.21 -19.08 -9.27
CA ASP A 626 -16.17 -20.28 -8.44
C ASP A 626 -15.77 -19.92 -7.02
N THR A 627 -15.71 -20.93 -6.14
CA THR A 627 -15.45 -20.67 -4.72
C THR A 627 -14.09 -20.03 -4.50
N ALA A 628 -13.13 -20.31 -5.37
CA ALA A 628 -11.78 -19.78 -5.21
C ALA A 628 -11.62 -18.36 -5.74
N GLY A 629 -12.69 -17.76 -6.26
CA GLY A 629 -12.59 -16.45 -6.87
C GLY A 629 -12.20 -16.46 -8.33
N PHE A 630 -12.09 -17.64 -8.95
CA PHE A 630 -11.72 -17.75 -10.36
C PHE A 630 -12.95 -17.63 -11.24
N PRO A 631 -13.04 -16.63 -12.11
CA PRO A 631 -14.27 -16.44 -12.89
C PRO A 631 -14.47 -17.54 -13.92
N LYS A 632 -15.74 -17.89 -14.14
CA LYS A 632 -16.13 -18.72 -15.26
C LYS A 632 -16.34 -17.85 -16.49
N ASP A 633 -16.57 -18.50 -17.63
CA ASP A 633 -16.62 -17.78 -18.89
C ASP A 633 -17.76 -16.77 -18.91
N THR A 634 -18.90 -17.12 -18.34
CA THR A 634 -20.06 -16.22 -18.34
C THR A 634 -19.78 -14.93 -17.58
N TYR A 635 -18.77 -14.93 -16.71
CA TYR A 635 -18.36 -13.70 -16.03
C TYR A 635 -18.19 -12.55 -17.01
N TYR A 636 -17.58 -12.82 -18.18
CA TYR A 636 -17.30 -11.78 -19.15
C TYR A 636 -18.51 -11.42 -20.00
N PHE A 637 -19.47 -12.33 -20.15
CA PHE A 637 -20.75 -11.91 -20.73
C PHE A 637 -21.40 -10.84 -19.85
N TYR A 638 -21.55 -11.13 -18.55
CA TYR A 638 -22.09 -10.13 -17.63
C TYR A 638 -21.27 -8.86 -17.67
N GLN A 639 -19.93 -8.98 -17.66
CA GLN A 639 -19.09 -7.79 -17.70
C GLN A 639 -19.34 -6.98 -18.97
N SER A 640 -19.57 -7.66 -20.10
CA SER A 640 -19.88 -6.93 -21.33
C SER A 640 -21.21 -6.21 -21.23
N GLN A 641 -22.11 -6.69 -20.39
CA GLN A 641 -23.44 -6.10 -20.25
C GLN A 641 -23.50 -5.01 -19.19
N TRP A 642 -22.64 -5.06 -18.19
CA TRP A 642 -22.86 -4.28 -16.98
C TRP A 642 -21.78 -3.24 -16.69
N ASN A 643 -20.53 -3.49 -17.06
CA ASN A 643 -19.41 -2.65 -16.64
C ASN A 643 -19.15 -1.61 -17.73
N ASP A 644 -19.60 -0.38 -17.50
CA ASP A 644 -19.45 0.70 -18.45
C ASP A 644 -18.09 1.40 -18.35
N ASP A 645 -17.24 1.01 -17.40
CA ASP A 645 -15.91 1.59 -17.26
C ASP A 645 -14.81 0.72 -17.85
N VAL A 646 -15.18 -0.31 -18.62
CA VAL A 646 -14.22 -1.30 -19.09
C VAL A 646 -14.70 -1.83 -20.44
N HIS A 647 -13.75 -2.31 -21.25
CA HIS A 647 -14.07 -2.96 -22.50
C HIS A 647 -13.75 -4.45 -22.39
N THR A 648 -14.67 -5.28 -22.86
CA THR A 648 -14.59 -6.73 -22.70
C THR A 648 -14.42 -7.38 -24.07
N LEU A 649 -13.53 -8.37 -24.14
CA LEU A 649 -13.32 -9.15 -25.35
C LEU A 649 -12.87 -10.53 -24.90
N HIS A 650 -13.79 -11.49 -24.90
CA HIS A 650 -13.54 -12.80 -24.31
C HIS A 650 -14.00 -13.88 -25.26
N ILE A 651 -13.16 -14.91 -25.42
CA ILE A 651 -13.42 -16.02 -26.34
C ILE A 651 -13.43 -17.31 -25.53
N LEU A 652 -14.43 -18.15 -25.81
CA LEU A 652 -14.42 -19.55 -25.40
C LEU A 652 -14.72 -20.40 -26.63
N PRO A 653 -14.24 -21.66 -26.66
CA PRO A 653 -13.52 -22.39 -25.62
C PRO A 653 -12.00 -22.19 -25.66
N ALA A 654 -11.31 -22.89 -24.78
CA ALA A 654 -9.88 -23.08 -24.96
C ALA A 654 -9.65 -23.95 -26.20
N TRP A 655 -8.46 -23.83 -26.78
CA TRP A 655 -8.24 -24.39 -28.10
C TRP A 655 -7.27 -25.57 -28.08
N ASN A 656 -7.59 -26.60 -27.28
CA ASN A 656 -6.90 -27.88 -27.32
C ASN A 656 -7.87 -28.94 -27.82
N GLU A 657 -7.37 -29.90 -28.60
CA GLU A 657 -8.25 -30.87 -29.26
C GLU A 657 -9.00 -31.71 -28.24
N ASN A 658 -8.34 -32.07 -27.13
CA ASN A 658 -8.94 -32.97 -26.16
C ASN A 658 -9.96 -32.29 -25.25
N VAL A 659 -10.17 -30.97 -25.39
CA VAL A 659 -11.13 -30.26 -24.57
C VAL A 659 -12.24 -29.60 -25.38
N VAL A 660 -12.12 -29.52 -26.71
CA VAL A 660 -13.15 -28.88 -27.50
C VAL A 660 -14.28 -29.86 -27.79
N ALA A 661 -15.44 -29.32 -28.15
CA ALA A 661 -16.60 -30.13 -28.53
C ALA A 661 -16.75 -30.02 -30.03
N LYS A 662 -16.24 -31.03 -30.75
CA LYS A 662 -16.26 -31.04 -32.20
C LYS A 662 -17.57 -31.63 -32.68
N GLY A 663 -18.40 -30.81 -33.33
CA GLY A 663 -19.48 -31.37 -34.11
C GLY A 663 -18.92 -31.88 -35.43
N SER A 664 -19.61 -32.87 -36.00
CA SER A 664 -19.11 -33.48 -37.23
C SER A 664 -19.00 -32.44 -38.34
N GLY A 665 -17.87 -32.49 -39.05
CA GLY A 665 -17.36 -31.39 -39.82
C GLY A 665 -16.20 -30.70 -39.13
N ASN A 666 -15.83 -31.19 -37.94
CA ASN A 666 -14.78 -30.64 -37.09
C ASN A 666 -15.04 -29.20 -36.69
N ASN A 667 -16.30 -28.76 -36.74
CA ASN A 667 -16.64 -27.41 -36.32
C ASN A 667 -16.80 -27.36 -34.81
N VAL A 668 -16.11 -26.41 -34.19
CA VAL A 668 -16.23 -26.12 -32.76
C VAL A 668 -17.03 -24.83 -32.61
N PRO A 669 -18.08 -24.81 -31.78
CA PRO A 669 -18.80 -23.55 -31.53
C PRO A 669 -17.91 -22.60 -30.74
N VAL A 670 -17.61 -21.44 -31.35
CA VAL A 670 -16.80 -20.40 -30.73
C VAL A 670 -17.72 -19.25 -30.36
N VAL A 671 -17.60 -18.77 -29.12
CA VAL A 671 -18.46 -17.71 -28.58
C VAL A 671 -17.59 -16.53 -28.18
N VAL A 672 -18.05 -15.34 -28.50
CA VAL A 672 -17.36 -14.09 -28.15
C VAL A 672 -18.28 -13.26 -27.28
N TYR A 673 -17.82 -12.93 -26.08
CA TYR A 673 -18.49 -11.98 -25.19
C TYR A 673 -17.76 -10.65 -25.30
N THR A 674 -18.49 -9.60 -25.67
CA THR A 674 -17.87 -8.30 -25.85
C THR A 674 -18.92 -7.21 -25.77
N ASP A 675 -18.47 -6.01 -25.42
CA ASP A 675 -19.28 -4.81 -25.48
C ASP A 675 -18.96 -3.96 -26.70
N ALA A 676 -18.04 -4.41 -27.54
CA ALA A 676 -17.67 -3.65 -28.73
C ALA A 676 -18.81 -3.66 -29.74
N ALA A 677 -18.74 -2.72 -30.69
CA ALA A 677 -19.74 -2.63 -31.74
C ALA A 677 -19.50 -3.65 -32.85
N LYS A 678 -18.24 -3.97 -33.13
CA LYS A 678 -17.88 -4.87 -34.21
C LYS A 678 -16.73 -5.76 -33.76
N VAL A 679 -16.77 -7.02 -34.16
CA VAL A 679 -15.72 -7.98 -33.85
C VAL A 679 -15.33 -8.72 -35.13
N LYS A 680 -14.03 -8.77 -35.42
CA LYS A 680 -13.50 -9.58 -36.50
C LYS A 680 -12.76 -10.77 -35.89
N LEU A 681 -13.10 -11.98 -36.35
CA LEU A 681 -12.52 -13.19 -35.82
C LEU A 681 -11.47 -13.73 -36.78
N TYR A 682 -10.27 -13.99 -36.26
CA TYR A 682 -9.16 -14.46 -37.05
C TYR A 682 -8.67 -15.80 -36.54
N PHE A 683 -8.06 -16.58 -37.43
CA PHE A 683 -7.41 -17.83 -37.09
C PHE A 683 -6.00 -17.83 -37.66
N THR A 684 -5.03 -18.16 -36.80
CA THR A 684 -3.63 -18.27 -37.23
C THR A 684 -3.20 -19.72 -37.07
N PRO A 685 -2.95 -20.44 -38.17
CA PRO A 685 -2.48 -21.83 -38.05
C PRO A 685 -1.20 -21.93 -37.23
N LYS A 686 -1.02 -23.10 -36.63
CA LYS A 686 0.12 -23.36 -35.75
C LYS A 686 1.44 -23.04 -36.44
N GLY A 687 2.20 -22.13 -35.84
CA GLY A 687 3.50 -21.73 -36.38
C GLY A 687 3.44 -21.09 -37.75
N SER A 688 2.53 -20.14 -37.95
CA SER A 688 2.38 -19.47 -39.24
C SER A 688 2.70 -17.97 -39.19
N THR A 689 2.26 -17.27 -38.15
CA THR A 689 2.39 -15.82 -37.97
C THR A 689 1.60 -15.02 -39.00
N GLU A 690 0.75 -15.67 -39.80
CA GLU A 690 -0.13 -15.03 -40.76
C GLU A 690 -1.57 -15.37 -40.39
N LYS A 691 -2.33 -14.38 -39.91
CA LYS A 691 -3.71 -14.59 -39.48
C LYS A 691 -4.65 -14.49 -40.67
N ARG A 692 -5.68 -15.34 -40.69
CA ARG A 692 -6.67 -15.35 -41.76
C ARG A 692 -8.05 -15.09 -41.17
N LEU A 693 -8.78 -14.16 -41.79
CA LEU A 693 -10.07 -13.71 -41.29
C LEU A 693 -11.15 -14.79 -41.43
N ILE A 694 -11.85 -15.06 -40.33
CA ILE A 694 -12.98 -15.98 -40.34
C ILE A 694 -14.29 -15.25 -40.68
N GLY A 695 -14.46 -14.03 -40.20
CA GLY A 695 -15.66 -13.27 -40.46
C GLY A 695 -15.88 -12.22 -39.39
N GLU A 696 -16.75 -11.26 -39.70
CA GLU A 696 -17.06 -10.18 -38.79
C GLU A 696 -18.57 -10.08 -38.56
N LYS A 697 -18.93 -9.56 -37.38
CA LYS A 697 -20.32 -9.34 -36.99
C LYS A 697 -20.42 -8.03 -36.22
N SER A 698 -21.52 -7.31 -36.42
CA SER A 698 -21.75 -6.03 -35.77
C SER A 698 -23.03 -6.08 -34.94
N PHE A 699 -22.97 -5.51 -33.74
CA PHE A 699 -24.12 -5.43 -32.86
C PHE A 699 -25.03 -4.28 -33.26
N THR A 700 -26.33 -4.47 -32.99
CA THR A 700 -27.31 -3.40 -33.13
C THR A 700 -27.56 -2.77 -31.76
N LYS A 701 -27.65 -1.45 -31.74
CA LYS A 701 -27.86 -0.70 -30.50
C LYS A 701 -29.35 -0.47 -30.29
N LYS A 702 -29.86 -0.95 -29.15
CA LYS A 702 -31.24 -0.73 -28.76
C LYS A 702 -31.28 0.26 -27.61
N THR A 703 -32.34 1.07 -27.56
CA THR A 703 -32.49 2.08 -26.51
C THR A 703 -33.91 1.99 -25.97
N THR A 704 -34.04 1.78 -24.66
CA THR A 704 -35.35 1.68 -24.06
C THR A 704 -35.95 3.07 -23.83
N ALA A 705 -37.21 3.08 -23.38
CA ALA A 705 -37.91 4.33 -23.20
C ALA A 705 -37.25 5.20 -22.13
N ALA A 706 -36.74 4.58 -21.06
CA ALA A 706 -36.09 5.33 -19.99
C ALA A 706 -34.67 5.76 -20.34
N GLY A 707 -34.09 5.23 -21.41
CA GLY A 707 -32.76 5.61 -21.84
C GLY A 707 -31.70 4.53 -21.70
N TYR A 708 -32.04 3.34 -21.22
CA TYR A 708 -31.06 2.27 -21.14
C TYR A 708 -30.73 1.73 -22.53
N THR A 709 -29.48 1.27 -22.68
CA THR A 709 -29.00 0.75 -23.95
C THR A 709 -28.43 -0.65 -23.79
N TYR A 710 -28.60 -1.46 -24.83
CA TYR A 710 -28.04 -2.80 -24.88
C TYR A 710 -27.77 -3.15 -26.34
N GLN A 711 -27.03 -4.25 -26.55
CA GLN A 711 -26.61 -4.66 -27.88
C GLN A 711 -27.10 -6.06 -28.18
N VAL A 712 -27.62 -6.23 -29.41
CA VAL A 712 -28.11 -7.51 -29.90
C VAL A 712 -27.65 -7.67 -31.34
N TYR A 713 -27.32 -8.90 -31.72
CA TYR A 713 -26.89 -9.19 -33.09
C TYR A 713 -28.11 -9.47 -33.96
N GLU A 714 -28.21 -8.76 -35.08
CA GLU A 714 -29.37 -8.87 -35.97
C GLU A 714 -28.94 -9.20 -37.40
N GLY A 715 -27.83 -9.90 -37.56
CA GLY A 715 -27.39 -10.32 -38.87
C GLY A 715 -28.26 -11.42 -39.46
N SER A 716 -27.98 -11.75 -40.71
CA SER A 716 -28.76 -12.78 -41.40
C SER A 716 -28.56 -14.15 -40.76
N ASP A 717 -27.39 -14.39 -40.17
CA ASP A 717 -27.07 -15.64 -39.49
C ASP A 717 -27.30 -15.56 -37.99
N LYS A 718 -28.14 -14.65 -37.53
CA LYS A 718 -28.40 -14.54 -36.10
C LYS A 718 -29.07 -15.81 -35.59
N ASP A 719 -28.95 -16.03 -34.28
CA ASP A 719 -29.55 -17.21 -33.67
C ASP A 719 -31.07 -17.08 -33.66
N SER A 720 -31.74 -18.22 -33.85
CA SER A 720 -33.20 -18.23 -33.84
C SER A 720 -33.74 -17.83 -32.47
N THR A 721 -33.03 -18.18 -31.40
CA THR A 721 -33.41 -17.79 -30.05
C THR A 721 -32.89 -16.39 -29.78
N ALA A 722 -33.80 -15.46 -29.51
CA ALA A 722 -33.46 -14.03 -29.48
C ALA A 722 -32.32 -13.75 -28.49
N HIS A 723 -32.46 -14.21 -27.24
CA HIS A 723 -31.53 -13.81 -26.19
C HIS A 723 -30.11 -14.28 -26.45
N LYS A 724 -29.93 -15.35 -27.24
CA LYS A 724 -28.58 -15.79 -27.55
C LYS A 724 -27.84 -14.81 -28.44
N ASN A 725 -28.54 -13.85 -29.04
CA ASN A 725 -27.92 -12.82 -29.87
C ASN A 725 -27.36 -11.67 -29.06
N MET A 726 -27.40 -11.74 -27.73
CA MET A 726 -26.67 -10.77 -26.91
C MET A 726 -25.18 -11.01 -26.94
N TYR A 727 -24.72 -12.11 -27.55
CA TYR A 727 -23.32 -12.36 -27.82
C TYR A 727 -23.19 -12.89 -29.24
N LEU A 728 -21.96 -13.24 -29.63
CA LEU A 728 -21.66 -13.64 -30.99
C LEU A 728 -21.13 -15.06 -31.01
N THR A 729 -21.55 -15.83 -32.02
CA THR A 729 -21.13 -17.22 -32.16
C THR A 729 -20.64 -17.46 -33.58
N TRP A 730 -19.49 -18.12 -33.70
CA TRP A 730 -18.97 -18.61 -34.97
C TRP A 730 -18.77 -20.11 -34.88
N ASN A 731 -18.93 -20.80 -36.01
CA ASN A 731 -18.53 -22.20 -36.15
C ASN A 731 -17.16 -22.22 -36.83
N VAL A 732 -16.16 -22.74 -36.14
CA VAL A 732 -14.78 -22.74 -36.61
C VAL A 732 -14.31 -24.19 -36.68
N PRO A 733 -13.79 -24.64 -37.83
CA PRO A 733 -13.25 -26.00 -37.89
C PRO A 733 -12.01 -26.12 -37.01
N TRP A 734 -11.92 -27.23 -36.30
CA TRP A 734 -10.80 -27.42 -35.38
C TRP A 734 -9.49 -27.55 -36.15
N ALA A 735 -8.48 -26.81 -35.70
CA ALA A 735 -7.13 -26.92 -36.22
C ALA A 735 -6.20 -26.22 -35.24
N GLU A 736 -5.04 -26.83 -34.99
CA GLU A 736 -4.11 -26.29 -34.02
C GLU A 736 -3.63 -24.91 -34.45
N GLY A 737 -3.68 -23.96 -33.52
CA GLY A 737 -3.31 -22.59 -33.81
C GLY A 737 -3.91 -21.63 -32.79
N THR A 738 -4.20 -20.42 -33.25
CA THR A 738 -4.67 -19.35 -32.39
C THR A 738 -5.93 -18.73 -32.98
N ILE A 739 -6.99 -18.68 -32.16
CA ILE A 739 -8.20 -17.94 -32.48
C ILE A 739 -8.12 -16.60 -31.77
N SER A 740 -8.07 -15.52 -32.54
CA SER A 740 -7.98 -14.17 -31.98
C SER A 740 -9.14 -13.33 -32.47
N ALA A 741 -9.37 -12.22 -31.78
CA ALA A 741 -10.48 -11.32 -32.08
C ALA A 741 -10.02 -9.87 -31.97
N GLU A 742 -10.52 -9.04 -32.89
CA GLU A 742 -10.27 -7.60 -32.87
C GLU A 742 -11.60 -6.88 -32.70
N ALA A 743 -11.62 -5.92 -31.77
CA ALA A 743 -12.83 -5.21 -31.41
C ALA A 743 -12.79 -3.77 -31.92
N TYR A 744 -13.94 -3.29 -32.41
CA TYR A 744 -14.09 -1.93 -32.91
C TYR A 744 -15.27 -1.26 -32.21
N ASP A 745 -15.14 0.03 -31.93
CA ASP A 745 -16.17 0.77 -31.22
C ASP A 745 -17.19 1.32 -32.22
N GLU A 746 -18.06 2.24 -31.76
CA GLU A 746 -19.14 2.74 -32.61
C GLU A 746 -18.63 3.53 -33.80
N ASN A 747 -17.51 4.23 -33.64
CA ASN A 747 -16.94 5.04 -34.71
C ASN A 747 -15.97 4.26 -35.58
N ASN A 748 -15.92 2.94 -35.39
CA ASN A 748 -15.07 2.01 -36.13
C ASN A 748 -13.59 2.19 -35.83
N ARG A 749 -13.25 2.90 -34.75
CA ARG A 749 -11.86 2.94 -34.32
C ARG A 749 -11.55 1.66 -33.58
N LEU A 750 -10.41 1.05 -33.91
CA LEU A 750 -10.06 -0.24 -33.31
C LEU A 750 -9.82 -0.07 -31.82
N ILE A 751 -10.43 -0.93 -31.02
CA ILE A 751 -10.19 -0.97 -29.59
C ILE A 751 -8.81 -1.60 -29.40
N PRO A 752 -7.87 -0.91 -28.76
CA PRO A 752 -6.48 -1.36 -28.78
C PRO A 752 -6.33 -2.76 -28.20
N GLU A 753 -5.48 -3.56 -28.86
CA GLU A 753 -5.21 -4.91 -28.39
C GLU A 753 -4.58 -4.87 -27.00
N GLY A 754 -4.97 -5.81 -26.16
CA GLY A 754 -4.47 -5.89 -24.81
C GLY A 754 -5.16 -5.00 -23.81
N SER A 755 -6.03 -4.08 -24.26
CA SER A 755 -6.73 -3.17 -23.37
C SER A 755 -8.11 -3.66 -23.00
N THR A 756 -8.49 -4.85 -23.43
CA THR A 756 -9.80 -5.42 -23.15
C THR A 756 -9.66 -6.52 -22.09
N GLU A 757 -10.74 -6.70 -21.33
CA GLU A 757 -10.78 -7.74 -20.31
C GLU A 757 -11.27 -9.05 -20.93
N GLY A 758 -10.73 -10.15 -20.46
CA GLY A 758 -11.05 -11.46 -21.02
C GLY A 758 -10.00 -11.93 -22.01
N ASN A 759 -10.18 -13.18 -22.44
CA ASN A 759 -9.24 -13.82 -23.36
C ASN A 759 -9.59 -13.41 -24.79
N ALA A 760 -8.82 -12.47 -25.33
CA ALA A 760 -8.99 -12.08 -26.73
C ALA A 760 -8.34 -13.06 -27.69
N SER A 761 -7.64 -14.07 -27.20
CA SER A 761 -6.99 -15.06 -28.05
C SER A 761 -6.75 -16.34 -27.27
N VAL A 762 -7.09 -17.47 -27.88
CA VAL A 762 -6.84 -18.79 -27.32
C VAL A 762 -5.90 -19.53 -28.25
N THR A 763 -4.89 -20.18 -27.66
CA THR A 763 -3.82 -20.82 -28.42
C THR A 763 -3.70 -22.27 -27.99
N THR A 764 -3.45 -23.15 -28.95
CA THR A 764 -3.15 -24.54 -28.64
C THR A 764 -1.87 -24.61 -27.82
N THR A 765 -1.97 -25.24 -26.65
CA THR A 765 -0.87 -25.29 -25.70
C THR A 765 -0.14 -26.62 -25.79
N GLY A 766 1.09 -26.63 -25.28
CA GLY A 766 1.83 -27.85 -25.03
C GLY A 766 1.42 -28.45 -23.70
N LYS A 767 2.20 -29.44 -23.27
CA LYS A 767 1.93 -30.02 -21.96
C LYS A 767 2.45 -29.11 -20.85
N ALA A 768 2.00 -29.39 -19.64
CA ALA A 768 2.40 -28.62 -18.47
C ALA A 768 3.92 -28.61 -18.32
N ALA A 769 4.46 -27.43 -18.04
CA ALA A 769 5.91 -27.27 -17.91
C ALA A 769 6.28 -26.49 -16.65
N LYS A 770 5.42 -25.56 -16.22
CA LYS A 770 5.79 -24.72 -15.10
C LYS A 770 4.53 -24.18 -14.42
N LEU A 771 4.74 -23.66 -13.21
CA LEU A 771 3.70 -23.01 -12.43
C LEU A 771 3.93 -21.51 -12.43
N LYS A 772 2.84 -20.74 -12.38
CA LYS A 772 2.89 -19.29 -12.35
C LYS A 772 2.08 -18.80 -11.15
N ALA A 773 2.76 -18.43 -10.08
CA ALA A 773 2.11 -17.97 -8.86
C ALA A 773 2.10 -16.45 -8.81
N ASP A 774 0.99 -15.88 -8.32
CA ASP A 774 0.87 -14.44 -8.19
C ASP A 774 0.03 -14.11 -6.97
N ALA A 775 0.60 -13.35 -6.05
CA ALA A 775 -0.15 -12.85 -4.90
C ALA A 775 -0.93 -11.61 -5.31
N ASP A 776 -2.22 -11.59 -4.97
CA ASP A 776 -3.07 -10.46 -5.37
C ASP A 776 -2.62 -9.17 -4.69
N ARG A 777 -2.15 -9.27 -3.44
CA ARG A 777 -1.59 -8.13 -2.73
C ARG A 777 -0.22 -8.52 -2.21
N LYS A 778 0.81 -7.79 -2.65
CA LYS A 778 2.20 -8.07 -2.30
C LYS A 778 2.59 -7.57 -0.93
N THR A 779 1.73 -6.79 -0.26
CA THR A 779 1.97 -6.36 1.11
C THR A 779 0.63 -6.32 1.84
N ILE A 780 0.56 -6.97 3.00
CA ILE A 780 -0.67 -7.05 3.78
C ILE A 780 -0.36 -6.60 5.21
N THR A 781 -1.43 -6.47 6.00
CA THR A 781 -1.29 -6.00 7.38
C THR A 781 -0.95 -7.16 8.31
N ALA A 782 -0.01 -6.92 9.22
CA ALA A 782 0.44 -7.92 10.18
C ALA A 782 -0.40 -7.85 11.45
N ASP A 783 -1.69 -8.20 11.29
CA ASP A 783 -2.64 -8.18 12.40
C ASP A 783 -3.22 -9.55 12.70
N GLY A 784 -2.69 -10.61 12.08
CA GLY A 784 -3.24 -11.93 12.29
C GLY A 784 -4.59 -12.17 11.64
N LYS A 785 -5.07 -11.24 10.82
CA LYS A 785 -6.35 -11.34 10.15
C LYS A 785 -6.20 -11.25 8.65
N ASP A 786 -5.44 -10.26 8.16
CA ASP A 786 -5.36 -9.95 6.74
C ASP A 786 -4.88 -11.15 5.94
N LEU A 787 -5.21 -11.14 4.65
CA LEU A 787 -4.98 -12.27 3.77
C LEU A 787 -4.30 -11.83 2.49
N SER A 788 -3.55 -12.75 1.91
CA SER A 788 -3.05 -12.62 0.55
C SER A 788 -3.51 -13.85 -0.24
N TYR A 789 -4.10 -13.62 -1.40
CA TYR A 789 -4.60 -14.69 -2.26
C TYR A 789 -3.56 -14.95 -3.35
N ILE A 790 -3.10 -16.19 -3.42
CA ILE A 790 -2.05 -16.59 -4.35
C ILE A 790 -2.68 -17.47 -5.41
N GLU A 791 -2.92 -16.87 -6.58
CA GLU A 791 -3.42 -17.60 -7.73
C GLU A 791 -2.26 -18.26 -8.47
N VAL A 792 -2.39 -19.56 -8.72
CA VAL A 792 -1.35 -20.34 -9.38
C VAL A 792 -1.92 -20.94 -10.67
N ASP A 793 -1.20 -20.73 -11.78
CA ASP A 793 -1.58 -21.29 -13.06
C ASP A 793 -0.61 -22.40 -13.45
N VAL A 794 -1.13 -23.43 -14.10
CA VAL A 794 -0.32 -24.48 -14.70
C VAL A 794 -0.19 -24.15 -16.18
N THR A 795 1.00 -23.72 -16.58
CA THR A 795 1.24 -23.28 -17.95
C THR A 795 2.31 -24.15 -18.60
N ASP A 796 2.40 -24.03 -19.92
CA ASP A 796 3.43 -24.72 -20.69
C ASP A 796 4.68 -23.85 -20.73
N ALA A 797 5.64 -24.22 -21.60
CA ALA A 797 6.92 -23.49 -21.64
C ALA A 797 6.73 -22.05 -22.07
N ASN A 798 5.73 -21.77 -22.92
CA ASN A 798 5.49 -20.42 -23.40
C ASN A 798 4.52 -19.63 -22.53
N GLY A 799 4.11 -20.17 -21.39
CA GLY A 799 3.24 -19.46 -20.48
C GLY A 799 1.75 -19.58 -20.74
N HIS A 800 1.33 -20.43 -21.68
CA HIS A 800 -0.08 -20.63 -21.94
C HIS A 800 -0.67 -21.59 -20.92
N ILE A 801 -1.77 -21.18 -20.29
CA ILE A 801 -2.43 -22.02 -19.28
C ILE A 801 -2.95 -23.29 -19.95
N VAL A 802 -2.53 -24.44 -19.43
CA VAL A 802 -3.02 -25.73 -19.92
C VAL A 802 -4.48 -25.86 -19.49
N PRO A 803 -5.43 -25.94 -20.42
CA PRO A 803 -6.84 -25.78 -20.05
C PRO A 803 -7.39 -26.85 -19.14
N ASP A 804 -6.86 -28.08 -19.20
CA ASP A 804 -7.38 -29.20 -18.44
C ASP A 804 -6.40 -29.72 -17.40
N ALA A 805 -5.37 -28.94 -17.08
CA ALA A 805 -4.34 -29.42 -16.16
C ALA A 805 -4.92 -29.66 -14.77
N ALA A 806 -4.57 -30.81 -14.17
CA ALA A 806 -5.04 -31.20 -12.84
C ALA A 806 -3.89 -31.62 -11.95
N ASN A 807 -2.71 -31.05 -12.16
CA ASN A 807 -1.53 -31.40 -11.37
C ASN A 807 -1.74 -31.05 -9.90
N ARG A 808 -1.29 -31.94 -9.02
CA ARG A 808 -1.35 -31.68 -7.59
C ARG A 808 -0.26 -30.69 -7.21
N VAL A 809 -0.67 -29.54 -6.68
CA VAL A 809 0.25 -28.47 -6.32
C VAL A 809 0.41 -28.47 -4.81
N THR A 810 1.66 -28.43 -4.35
CA THR A 810 2.00 -28.36 -2.94
C THR A 810 2.50 -26.96 -2.62
N PHE A 811 2.03 -26.39 -1.52
CA PHE A 811 2.40 -25.05 -1.11
C PHE A 811 3.29 -25.11 0.13
N ASP A 812 4.48 -24.52 0.02
CA ASP A 812 5.37 -24.32 1.16
C ASP A 812 5.30 -22.85 1.57
N VAL A 813 4.85 -22.60 2.79
CA VAL A 813 4.67 -21.25 3.32
C VAL A 813 5.67 -21.04 4.44
N LYS A 814 6.52 -20.03 4.30
CA LYS A 814 7.51 -19.70 5.30
C LYS A 814 7.39 -18.22 5.68
N GLY A 815 7.88 -17.90 6.86
CA GLY A 815 7.90 -16.52 7.32
C GLY A 815 6.77 -16.20 8.27
N ALA A 816 6.43 -14.90 8.31
CA ALA A 816 5.43 -14.38 9.23
C ALA A 816 4.04 -14.52 8.64
N GLY A 817 3.66 -15.77 8.35
CA GLY A 817 2.38 -16.06 7.77
C GLY A 817 2.07 -17.54 7.89
N LYS A 818 0.81 -17.88 7.64
CA LYS A 818 0.34 -19.25 7.74
C LYS A 818 -0.61 -19.57 6.59
N LEU A 819 -0.52 -20.78 6.06
CA LEU A 819 -1.49 -21.26 5.08
C LEU A 819 -2.82 -21.54 5.77
N VAL A 820 -3.88 -20.91 5.30
CA VAL A 820 -5.20 -21.07 5.91
C VAL A 820 -6.22 -21.71 4.98
N GLY A 821 -5.90 -21.87 3.70
CA GLY A 821 -6.81 -22.54 2.79
C GLY A 821 -6.20 -22.80 1.43
N VAL A 822 -6.64 -23.90 0.80
CA VAL A 822 -6.31 -24.20 -0.58
C VAL A 822 -7.61 -24.54 -1.29
N ASP A 823 -7.71 -24.14 -2.55
CA ASP A 823 -8.98 -24.27 -3.25
C ASP A 823 -8.76 -24.42 -4.75
N ASN A 824 -9.68 -25.11 -5.40
CA ASN A 824 -9.74 -25.15 -6.85
C ASN A 824 -11.13 -24.96 -7.41
N GLY A 825 -12.16 -24.80 -6.57
CA GLY A 825 -13.51 -24.62 -7.02
C GLY A 825 -14.22 -25.87 -7.52
N SER A 826 -13.53 -27.00 -7.59
CA SER A 826 -14.11 -28.21 -8.15
C SER A 826 -15.09 -28.82 -7.14
N SER A 827 -16.35 -28.94 -7.55
CA SER A 827 -17.38 -29.41 -6.63
C SER A 827 -17.12 -30.82 -6.09
N PRO A 828 -16.75 -31.82 -6.88
CA PRO A 828 -16.55 -33.17 -6.33
C PRO A 828 -15.19 -33.41 -5.69
N ASP A 829 -14.37 -32.38 -5.48
CA ASP A 829 -13.06 -32.55 -4.87
C ASP A 829 -13.22 -32.51 -3.36
N HIS A 830 -12.97 -33.65 -2.70
CA HIS A 830 -13.12 -33.79 -1.26
C HIS A 830 -11.82 -33.61 -0.49
N ASP A 831 -10.73 -33.24 -1.17
CA ASP A 831 -9.48 -33.00 -0.48
C ASP A 831 -9.63 -31.87 0.53
N SER A 832 -8.97 -32.03 1.67
CA SER A 832 -9.12 -31.10 2.78
C SER A 832 -8.72 -29.68 2.39
N TYR A 833 -9.57 -28.72 2.75
CA TYR A 833 -9.23 -27.32 2.55
C TYR A 833 -8.05 -26.90 3.40
N GLN A 834 -7.73 -27.65 4.46
CA GLN A 834 -6.66 -27.32 5.40
C GLN A 834 -5.36 -28.02 5.08
N ALA A 835 -5.30 -28.81 4.03
CA ALA A 835 -4.06 -29.45 3.61
C ALA A 835 -3.17 -28.42 2.93
N ASP A 836 -1.91 -28.80 2.70
CA ASP A 836 -0.94 -27.97 2.01
C ASP A 836 -0.87 -28.27 0.53
N ASN A 837 -1.79 -29.07 0.00
CA ASN A 837 -1.74 -29.48 -1.39
C ASN A 837 -3.15 -29.75 -1.90
N ARG A 838 -3.33 -29.54 -3.21
CA ARG A 838 -4.61 -29.75 -3.86
C ARG A 838 -4.37 -29.81 -5.36
N LYS A 839 -5.12 -30.66 -6.05
CA LYS A 839 -5.04 -30.72 -7.50
C LYS A 839 -5.52 -29.40 -8.10
N ALA A 840 -4.86 -28.97 -9.17
CA ALA A 840 -5.44 -27.90 -9.97
C ALA A 840 -6.73 -28.39 -10.63
N PHE A 841 -7.60 -27.43 -10.98
CA PHE A 841 -8.78 -27.73 -11.77
C PHE A 841 -8.85 -26.71 -12.90
N SER A 842 -8.98 -27.21 -14.12
CA SER A 842 -8.95 -26.37 -15.31
C SER A 842 -7.79 -25.38 -15.27
N GLY A 843 -6.62 -25.88 -14.87
CA GLY A 843 -5.39 -25.13 -14.95
C GLY A 843 -5.07 -24.23 -13.78
N LYS A 844 -5.94 -24.11 -12.78
CA LYS A 844 -5.76 -23.14 -11.72
C LYS A 844 -5.94 -23.78 -10.35
N VAL A 845 -5.23 -23.22 -9.36
CA VAL A 845 -5.39 -23.57 -7.97
C VAL A 845 -5.07 -22.33 -7.15
N LEU A 846 -5.63 -22.26 -5.94
CA LEU A 846 -5.52 -21.09 -5.09
C LEU A 846 -4.97 -21.47 -3.74
N ALA A 847 -4.06 -20.64 -3.22
CA ALA A 847 -3.61 -20.71 -1.84
C ALA A 847 -3.97 -19.41 -1.15
N ILE A 848 -4.38 -19.52 0.12
CA ILE A 848 -4.72 -18.36 0.93
C ILE A 848 -3.78 -18.37 2.14
N VAL A 849 -3.04 -17.28 2.33
CA VAL A 849 -2.13 -17.13 3.46
C VAL A 849 -2.62 -16.00 4.34
N GLN A 850 -2.48 -16.18 5.65
CA GLN A 850 -2.87 -15.19 6.63
C GLN A 850 -1.63 -14.69 7.37
N SER A 851 -1.61 -13.39 7.65
CA SER A 851 -0.50 -12.84 8.39
C SER A 851 -0.54 -13.28 9.85
N THR A 852 0.59 -13.09 10.54
CA THR A 852 0.65 -13.18 11.98
C THR A 852 0.57 -11.76 12.53
N LYS A 853 0.78 -11.61 13.84
CA LYS A 853 0.66 -10.31 14.49
C LYS A 853 1.99 -9.59 14.66
N GLU A 854 3.04 -10.04 13.97
CA GLU A 854 4.35 -9.38 13.99
C GLU A 854 4.87 -9.25 12.56
N ALA A 855 5.33 -8.05 12.22
CA ALA A 855 5.73 -7.75 10.86
C ALA A 855 6.90 -8.62 10.42
N GLY A 856 7.01 -8.79 9.10
CA GLY A 856 8.03 -9.66 8.53
C GLY A 856 7.73 -9.96 7.08
N GLU A 857 8.12 -11.14 6.65
CA GLU A 857 7.98 -11.52 5.25
C GLU A 857 7.44 -12.94 5.15
N ILE A 858 6.51 -13.14 4.22
CA ILE A 858 5.94 -14.44 3.92
C ILE A 858 6.53 -14.93 2.61
N THR A 859 7.10 -16.13 2.63
CA THR A 859 7.64 -16.76 1.44
C THR A 859 6.77 -17.97 1.12
N VAL A 860 6.21 -18.01 -0.09
CA VAL A 860 5.32 -19.08 -0.53
C VAL A 860 5.88 -19.66 -1.82
N THR A 861 6.10 -20.98 -1.83
CA THR A 861 6.59 -21.70 -2.99
C THR A 861 5.56 -22.75 -3.42
N ALA A 862 5.15 -22.69 -4.67
CA ALA A 862 4.25 -23.67 -5.25
C ALA A 862 5.05 -24.65 -6.09
N LYS A 863 4.88 -25.94 -5.82
CA LYS A 863 5.64 -26.97 -6.53
C LYS A 863 4.73 -28.12 -6.92
N ALA A 864 5.17 -28.87 -7.93
CA ALA A 864 4.48 -30.04 -8.43
C ALA A 864 5.46 -30.89 -9.21
N ASP A 865 5.16 -32.19 -9.30
CA ASP A 865 6.08 -33.13 -9.93
C ASP A 865 6.23 -32.83 -11.42
N GLY A 866 7.48 -32.70 -11.87
CA GLY A 866 7.77 -32.50 -13.26
C GLY A 866 7.57 -31.09 -13.77
N LEU A 867 7.27 -30.13 -12.89
CA LEU A 867 7.00 -28.77 -13.29
C LEU A 867 7.98 -27.83 -12.61
N GLN A 868 8.21 -26.68 -13.24
CA GLN A 868 9.06 -25.66 -12.64
C GLN A 868 8.30 -24.96 -11.51
N SER A 869 8.93 -24.86 -10.35
CA SER A 869 8.28 -24.23 -9.20
C SER A 869 8.09 -22.73 -9.46
N SER A 870 7.29 -22.10 -8.60
CA SER A 870 7.07 -20.67 -8.60
C SER A 870 7.03 -20.18 -7.17
N THR A 871 7.59 -18.99 -6.94
CA THR A 871 7.71 -18.44 -5.59
C THR A 871 7.21 -17.00 -5.56
N VAL A 872 6.44 -16.67 -4.52
CA VAL A 872 6.02 -15.30 -4.27
C VAL A 872 6.47 -14.91 -2.87
N LYS A 873 6.75 -13.62 -2.70
CA LYS A 873 7.10 -13.05 -1.41
C LYS A 873 6.09 -11.98 -1.04
N ILE A 874 5.63 -11.99 0.20
CA ILE A 874 4.60 -11.08 0.67
C ILE A 874 5.11 -10.40 1.93
N ALA A 875 5.12 -9.06 1.91
CA ALA A 875 5.49 -8.30 3.10
C ALA A 875 4.27 -8.09 3.99
N THR A 876 4.52 -8.07 5.30
CA THR A 876 3.49 -7.78 6.28
C THR A 876 3.94 -6.60 7.13
N THR A 877 3.08 -5.59 7.24
CA THR A 877 3.40 -4.35 7.94
C THR A 877 2.63 -4.29 9.26
N ALA A 878 3.32 -3.82 10.30
CA ALA A 878 2.70 -3.72 11.61
C ALA A 878 1.57 -2.70 11.61
N VAL A 879 0.61 -2.89 12.51
CA VAL A 879 -0.46 -1.91 12.67
C VAL A 879 0.09 -0.64 13.32
N PRO A 880 -0.15 0.55 12.75
CA PRO A 880 0.37 1.83 13.26
C PRO A 880 -0.06 2.11 14.70
N SER B 22 -3.38 35.08 1.68
CA SER B 22 -4.34 34.00 1.49
C SER B 22 -4.19 32.93 2.59
N SER B 23 -2.95 32.49 2.83
CA SER B 23 -2.68 31.54 3.89
C SER B 23 -2.79 32.24 5.25
N ALA B 24 -2.91 31.44 6.30
CA ALA B 24 -3.18 31.99 7.63
C ALA B 24 -2.31 31.31 8.68
N VAL B 25 -1.85 32.11 9.63
CA VAL B 25 -1.07 31.65 10.78
C VAL B 25 -1.79 32.12 12.04
N ASP B 26 -2.10 31.17 12.94
CA ASP B 26 -2.76 31.50 14.21
C ASP B 26 -2.17 30.62 15.31
N SER B 27 -2.73 30.77 16.51
CA SER B 27 -2.20 30.12 17.71
C SER B 27 -2.54 28.63 17.77
N LYS B 28 -3.39 28.15 16.87
CA LYS B 28 -3.84 26.77 16.89
C LYS B 28 -2.99 25.86 16.00
N GLN B 29 -1.94 26.39 15.39
CA GLN B 29 -1.00 25.59 14.62
C GLN B 29 0.13 25.06 15.50
N ASN B 30 0.83 24.06 14.97
CA ASN B 30 1.95 23.48 15.69
C ASN B 30 3.05 24.52 15.91
N ARG B 31 3.87 24.28 16.94
CA ARG B 31 5.01 25.13 17.24
C ARG B 31 5.84 25.38 15.98
N THR B 32 6.17 24.31 15.26
CA THR B 32 6.82 24.40 13.96
C THR B 32 5.91 23.76 12.92
N SER B 33 5.55 24.51 11.89
CA SER B 33 4.57 24.05 10.92
C SER B 33 5.12 24.16 9.51
N ASP B 34 4.55 23.34 8.64
CA ASP B 34 4.94 23.30 7.24
C ASP B 34 4.56 24.62 6.56
N PHE B 35 5.54 25.28 5.94
CA PHE B 35 5.30 26.54 5.25
C PHE B 35 5.52 26.44 3.75
N ASP B 36 5.44 25.22 3.19
CA ASP B 36 5.76 24.98 1.78
C ASP B 36 4.71 25.48 0.82
N ALA B 37 3.45 25.61 1.24
CA ALA B 37 2.35 25.75 0.29
C ALA B 37 2.20 27.19 -0.20
N ASN B 38 1.72 27.33 -1.43
CA ASN B 38 1.13 28.56 -1.95
C ASN B 38 2.14 29.72 -1.98
N TRP B 39 3.23 29.51 -2.72
CA TRP B 39 4.18 30.57 -3.03
C TRP B 39 3.99 31.05 -4.45
N LYS B 40 4.39 32.30 -4.69
CA LYS B 40 4.46 32.86 -6.04
C LYS B 40 5.92 32.90 -6.47
N PHE B 41 6.16 32.53 -7.72
CA PHE B 41 7.52 32.48 -8.26
C PHE B 41 7.56 33.12 -9.63
N MET B 42 8.69 33.78 -9.92
CA MET B 42 9.02 34.20 -11.28
C MET B 42 10.52 34.29 -11.44
N LEU B 43 11.00 33.79 -12.58
CA LEU B 43 12.41 33.91 -12.96
C LEU B 43 12.59 35.26 -13.66
N SER B 44 13.38 36.14 -13.05
CA SER B 44 13.64 37.47 -13.62
C SER B 44 14.76 38.19 -12.89
N ASP B 45 15.75 38.71 -13.63
CA ASP B 45 16.82 39.49 -13.03
C ASP B 45 16.58 40.99 -13.11
N SER B 46 15.36 41.40 -13.46
CA SER B 46 15.07 42.82 -13.64
C SER B 46 13.92 43.31 -12.78
N VAL B 47 13.05 42.43 -12.33
CA VAL B 47 11.92 42.83 -11.51
C VAL B 47 12.42 43.14 -10.10
N GLN B 48 11.73 44.04 -9.41
CA GLN B 48 12.05 44.41 -8.03
C GLN B 48 10.79 44.19 -7.21
N ALA B 49 10.64 42.98 -6.67
CA ALA B 49 9.38 42.54 -6.08
C ALA B 49 9.48 42.36 -4.56
N GLN B 50 10.30 43.18 -3.89
CA GLN B 50 10.42 43.08 -2.45
C GLN B 50 9.32 43.84 -1.71
N ASP B 51 8.64 44.76 -2.37
CA ASP B 51 7.63 45.62 -1.75
C ASP B 51 6.34 44.82 -1.53
N PRO B 52 5.72 44.93 -0.36
CA PRO B 52 4.45 44.20 -0.14
C PRO B 52 3.38 44.50 -1.17
N ALA B 53 3.29 45.75 -1.62
CA ALA B 53 2.29 46.15 -2.60
C ALA B 53 2.60 45.66 -4.01
N PHE B 54 3.67 44.91 -4.23
CA PHE B 54 3.97 44.44 -5.59
C PHE B 54 2.88 43.50 -6.07
N ASP B 55 2.55 43.61 -7.37
CA ASP B 55 1.47 42.83 -7.98
C ASP B 55 2.06 41.55 -8.56
N ASP B 56 1.86 40.44 -7.86
CA ASP B 56 2.28 39.12 -8.32
C ASP B 56 1.09 38.25 -8.75
N SER B 57 -0.08 38.88 -8.97
CA SER B 57 -1.28 38.12 -9.27
C SER B 57 -1.12 37.26 -10.52
N ALA B 58 -0.30 37.69 -11.47
CA ALA B 58 -0.06 36.93 -12.68
C ALA B 58 1.07 35.91 -12.54
N TRP B 59 1.72 35.85 -11.37
CA TRP B 59 2.86 34.96 -11.19
C TRP B 59 2.42 33.51 -11.06
N GLN B 60 3.32 32.62 -11.45
CA GLN B 60 3.12 31.19 -11.29
C GLN B 60 3.05 30.83 -9.80
N GLN B 61 2.15 29.92 -9.46
CA GLN B 61 1.96 29.47 -8.09
C GLN B 61 2.59 28.09 -7.93
N VAL B 62 3.43 27.93 -6.91
CA VAL B 62 4.15 26.69 -6.69
C VAL B 62 4.08 26.29 -5.22
N ASP B 63 4.15 25.00 -4.97
CA ASP B 63 4.40 24.46 -3.63
C ASP B 63 5.86 24.07 -3.53
N LEU B 64 6.52 24.55 -2.47
CA LEU B 64 7.90 24.18 -2.22
C LEU B 64 7.98 22.73 -1.73
N PRO B 65 9.14 22.07 -1.87
CA PRO B 65 10.42 22.50 -2.48
C PRO B 65 10.33 22.62 -4.00
N HIS B 66 11.23 23.42 -4.57
CA HIS B 66 11.12 23.88 -5.94
C HIS B 66 12.52 24.12 -6.50
N ASP B 67 12.73 23.74 -7.76
CA ASP B 67 14.00 23.93 -8.47
C ASP B 67 13.69 24.59 -9.80
N TYR B 68 14.15 25.82 -9.99
CA TYR B 68 13.85 26.53 -11.23
C TYR B 68 14.97 26.41 -12.27
N SER B 69 16.00 25.62 -11.99
CA SER B 69 16.95 25.28 -13.06
C SER B 69 16.46 24.12 -13.91
N ILE B 70 15.79 23.13 -13.28
CA ILE B 70 15.48 21.88 -13.94
C ILE B 70 14.43 22.04 -15.05
N THR B 71 13.72 23.16 -15.08
CA THR B 71 12.70 23.40 -16.10
C THR B 71 13.23 24.20 -17.29
N GLN B 72 14.45 24.72 -17.22
CA GLN B 72 15.02 25.51 -18.30
C GLN B 72 15.71 24.59 -19.31
N LYS B 73 15.95 25.13 -20.50
CA LYS B 73 16.50 24.33 -21.58
C LYS B 73 18.01 24.16 -21.44
N TYR B 74 18.51 23.02 -21.92
CA TYR B 74 19.94 22.83 -22.01
C TYR B 74 20.53 23.78 -23.05
N SER B 75 21.74 24.26 -22.78
CA SER B 75 22.44 25.16 -23.70
C SER B 75 23.92 24.81 -23.70
N GLN B 76 24.48 24.61 -24.89
CA GLN B 76 25.88 24.26 -24.98
C GLN B 76 26.81 25.37 -24.48
N SER B 77 26.33 26.62 -24.46
CA SER B 77 27.17 27.70 -23.95
C SER B 77 27.22 27.73 -22.42
N ASN B 78 26.49 26.85 -21.74
CA ASN B 78 26.64 26.68 -20.29
C ASN B 78 27.78 25.69 -20.06
N GLU B 79 27.87 25.11 -18.87
CA GLU B 79 28.98 24.23 -18.52
C GLU B 79 28.49 22.80 -18.35
N ALA B 80 29.28 21.86 -18.89
CA ALA B 80 28.91 20.45 -18.85
C ALA B 80 28.88 19.92 -17.43
N GLU B 81 29.81 20.37 -16.59
CA GLU B 81 29.90 19.83 -15.23
C GLU B 81 28.66 20.16 -14.42
N SER B 82 27.95 21.25 -14.74
CA SER B 82 26.67 21.54 -14.10
C SER B 82 25.50 21.26 -15.05
N ALA B 83 25.67 20.27 -15.94
CA ALA B 83 24.61 19.70 -16.77
C ALA B 83 24.09 20.63 -17.84
N TYR B 84 24.89 21.62 -18.27
CA TYR B 84 24.51 22.58 -19.30
C TYR B 84 23.26 23.37 -18.95
N LEU B 85 22.82 23.33 -17.70
CA LEU B 85 21.59 24.03 -17.37
C LEU B 85 21.90 25.37 -16.73
N PRO B 86 21.08 26.39 -17.00
CA PRO B 86 21.32 27.71 -16.42
C PRO B 86 20.85 27.78 -14.97
N GLY B 87 21.26 28.85 -14.31
CA GLY B 87 20.74 29.18 -12.99
C GLY B 87 19.88 30.43 -13.10
N GLY B 88 20.39 31.57 -12.65
CA GLY B 88 19.70 32.82 -12.82
C GLY B 88 19.07 33.31 -11.53
N THR B 89 18.30 34.38 -11.66
CA THR B 89 17.65 35.05 -10.54
C THR B 89 16.19 34.65 -10.45
N GLY B 90 15.80 34.10 -9.31
CA GLY B 90 14.42 33.69 -9.06
C GLY B 90 13.86 34.41 -7.85
N TRP B 91 12.59 34.79 -7.94
CA TRP B 91 11.90 35.51 -6.87
C TRP B 91 10.77 34.65 -6.33
N TYR B 92 10.71 34.51 -5.01
CA TYR B 92 9.64 33.81 -4.32
C TYR B 92 8.90 34.79 -3.43
N ARG B 93 7.57 34.78 -3.52
CA ARG B 93 6.74 35.65 -2.70
C ARG B 93 5.63 34.83 -2.06
N LYS B 94 5.30 35.14 -0.81
CA LYS B 94 4.19 34.50 -0.13
C LYS B 94 3.49 35.52 0.76
N SER B 95 2.18 35.69 0.53
CA SER B 95 1.36 36.57 1.34
C SER B 95 0.50 35.74 2.29
N PHE B 96 0.44 36.17 3.55
CA PHE B 96 -0.30 35.42 4.55
C PHE B 96 -0.70 36.39 5.66
N THR B 97 -1.78 36.03 6.36
CA THR B 97 -2.20 36.80 7.51
C THR B 97 -1.62 36.19 8.79
N ILE B 98 -1.35 37.06 9.75
CA ILE B 98 -0.98 36.67 11.10
C ILE B 98 -2.11 37.07 12.02
N ASP B 99 -2.62 36.11 12.79
CA ASP B 99 -3.80 36.35 13.63
C ASP B 99 -3.46 37.29 14.79
N ARG B 100 -4.50 37.98 15.28
CA ARG B 100 -4.34 38.84 16.45
C ARG B 100 -3.78 38.06 17.64
N ASP B 101 -4.23 36.81 17.80
CA ASP B 101 -3.88 36.05 19.00
C ASP B 101 -2.41 35.63 19.03
N LEU B 102 -1.62 36.01 18.04
CA LEU B 102 -0.18 35.78 18.06
C LEU B 102 0.62 37.00 18.46
N ALA B 103 -0.04 38.13 18.72
CA ALA B 103 0.66 39.29 19.28
C ALA B 103 1.33 38.90 20.59
N GLY B 104 2.56 39.38 20.78
CA GLY B 104 3.34 38.97 21.93
C GLY B 104 4.03 37.63 21.80
N LYS B 105 3.88 36.95 20.67
CA LYS B 105 4.58 35.69 20.40
C LYS B 105 5.76 35.95 19.45
N ARG B 106 6.67 34.98 19.40
CA ARG B 106 7.83 35.03 18.52
C ARG B 106 7.56 34.22 17.25
N ILE B 107 7.96 34.77 16.11
CA ILE B 107 7.76 34.12 14.82
C ILE B 107 9.07 34.11 14.04
N ALA B 108 9.42 32.97 13.47
CA ALA B 108 10.62 32.84 12.64
C ALA B 108 10.32 31.94 11.44
N ILE B 109 11.02 32.21 10.35
CA ILE B 109 10.94 31.39 9.15
C ILE B 109 12.26 30.63 9.01
N ASN B 110 12.17 29.34 8.69
CA ASN B 110 13.32 28.46 8.65
C ASN B 110 13.47 27.86 7.25
N PHE B 111 14.65 28.01 6.68
CA PHE B 111 15.00 27.42 5.39
C PHE B 111 15.99 26.29 5.61
N ASP B 112 15.66 25.09 5.14
CA ASP B 112 16.62 24.00 5.23
C ASP B 112 17.67 24.09 4.13
N GLY B 113 17.42 24.87 3.09
CA GLY B 113 18.39 25.05 2.02
C GLY B 113 17.86 25.92 0.89
N VAL B 114 18.67 26.90 0.47
CA VAL B 114 18.35 27.78 -0.66
C VAL B 114 19.62 27.93 -1.49
N TYR B 115 19.58 27.51 -2.76
CA TYR B 115 20.72 27.59 -3.65
C TYR B 115 20.47 28.63 -4.73
N MET B 116 21.20 29.75 -4.70
CA MET B 116 22.10 30.15 -3.61
C MET B 116 22.00 31.67 -3.58
N ASN B 117 22.77 32.31 -2.70
CA ASN B 117 22.75 33.77 -2.57
C ASN B 117 21.32 34.29 -2.35
N ALA B 118 20.74 33.90 -1.22
CA ALA B 118 19.37 34.29 -0.91
C ALA B 118 19.34 35.68 -0.26
N THR B 119 18.32 36.46 -0.61
CA THR B 119 18.00 37.70 0.09
C THR B 119 16.55 37.62 0.55
N VAL B 120 16.30 37.98 1.81
CA VAL B 120 15.00 37.81 2.42
C VAL B 120 14.51 39.19 2.88
N TRP B 121 13.33 39.57 2.41
CA TRP B 121 12.60 40.73 2.90
C TRP B 121 11.34 40.24 3.61
N PHE B 122 10.92 40.99 4.63
CA PHE B 122 9.64 40.75 5.28
C PHE B 122 8.92 42.09 5.38
N ASN B 123 7.77 42.19 4.70
CA ASN B 123 7.00 43.42 4.66
C ASN B 123 7.84 44.60 4.19
N GLY B 124 8.65 44.37 3.16
CA GLY B 124 9.47 45.39 2.54
C GLY B 124 10.78 45.69 3.23
N VAL B 125 11.04 45.10 4.40
CA VAL B 125 12.25 45.38 5.16
C VAL B 125 13.25 44.25 4.90
N LYS B 126 14.47 44.63 4.50
CA LYS B 126 15.51 43.64 4.22
C LYS B 126 16.04 43.05 5.51
N LEU B 127 15.92 41.73 5.66
CA LEU B 127 16.40 41.08 6.88
C LEU B 127 17.86 40.64 6.77
N GLY B 128 18.28 40.19 5.60
CA GLY B 128 19.64 39.75 5.42
C GLY B 128 19.79 38.84 4.21
N THR B 129 20.95 38.20 4.13
CA THR B 129 21.33 37.38 2.99
C THR B 129 21.96 36.08 3.48
N HIS B 130 22.05 35.10 2.58
CA HIS B 130 22.79 33.87 2.86
C HIS B 130 23.41 33.30 1.58
N PRO B 131 24.75 33.26 1.49
CA PRO B 131 25.39 32.76 0.26
C PRO B 131 25.25 31.25 0.03
N TYR B 132 25.74 30.45 0.97
CA TYR B 132 25.90 29.01 0.72
C TYR B 132 24.58 28.34 0.38
N GLY B 133 24.61 27.47 -0.63
CA GLY B 133 23.38 26.87 -1.12
C GLY B 133 22.90 25.64 -0.39
N TYR B 134 23.70 25.10 0.54
CA TYR B 134 23.41 23.80 1.13
C TYR B 134 23.25 23.85 2.64
N SER B 135 23.48 25.00 3.29
CA SER B 135 23.33 24.94 4.73
C SER B 135 22.03 25.61 5.18
N PRO B 136 21.45 25.16 6.29
CA PRO B 136 20.19 25.75 6.75
C PRO B 136 20.38 27.06 7.48
N PHE B 137 19.35 27.89 7.44
CA PHE B 137 19.40 29.20 8.09
C PHE B 137 17.98 29.65 8.41
N SER B 138 17.88 30.73 9.19
CA SER B 138 16.59 31.22 9.66
C SER B 138 16.63 32.73 9.80
N PHE B 139 15.43 33.33 9.88
CA PHE B 139 15.28 34.75 10.12
C PHE B 139 14.14 34.97 11.11
N ASP B 140 14.38 35.83 12.09
CA ASP B 140 13.28 36.24 12.97
C ASP B 140 12.37 37.21 12.23
N LEU B 141 11.07 36.95 12.29
CA LEU B 141 10.07 37.79 11.66
C LEU B 141 9.32 38.67 12.65
N THR B 142 9.57 38.51 13.96
CA THR B 142 8.72 39.13 14.98
C THR B 142 8.71 40.65 14.86
N GLY B 143 9.90 41.26 14.74
CA GLY B 143 10.00 42.71 14.78
C GLY B 143 9.31 43.43 13.65
N ASN B 144 9.10 42.77 12.51
CA ASN B 144 8.46 43.38 11.36
C ASN B 144 7.11 42.77 11.04
N ALA B 145 6.60 41.91 11.92
CA ALA B 145 5.31 41.27 11.68
C ALA B 145 4.17 42.26 11.83
N LYS B 146 3.15 42.11 11.00
CA LYS B 146 1.91 42.85 11.14
C LYS B 146 0.90 41.92 11.78
N PHE B 147 0.78 42.01 13.10
CA PHE B 147 -0.14 41.13 13.83
C PHE B 147 -1.57 41.57 13.57
N GLY B 148 -2.44 40.61 13.23
CA GLY B 148 -3.78 40.95 12.84
C GLY B 148 -3.91 41.52 11.45
N GLY B 149 -2.93 41.27 10.58
CA GLY B 149 -3.00 41.81 9.23
C GLY B 149 -2.30 40.96 8.18
N GLU B 150 -2.18 41.51 6.97
CA GLU B 150 -1.48 40.85 5.88
C GLU B 150 0.02 41.02 6.02
N ASN B 151 0.76 39.96 5.67
CA ASN B 151 2.20 39.96 5.68
C ASN B 151 2.71 39.38 4.37
N THR B 152 3.91 39.80 3.97
CA THR B 152 4.51 39.31 2.73
C THR B 152 5.97 38.99 2.99
N ILE B 153 6.33 37.72 2.87
CA ILE B 153 7.72 37.28 2.90
C ILE B 153 8.20 37.15 1.46
N VAL B 154 9.41 37.63 1.18
CA VAL B 154 9.96 37.66 -0.16
C VAL B 154 11.38 37.11 -0.11
N VAL B 155 11.70 36.21 -1.03
CA VAL B 155 13.02 35.59 -1.11
C VAL B 155 13.53 35.73 -2.54
N LYS B 156 14.62 36.45 -2.71
CA LYS B 156 15.32 36.56 -3.98
C LYS B 156 16.47 35.57 -3.98
N VAL B 157 16.60 34.81 -5.06
CA VAL B 157 17.64 33.78 -5.21
C VAL B 157 18.47 34.13 -6.43
N GLU B 158 19.79 34.20 -6.26
CA GLU B 158 20.71 34.60 -7.32
C GLU B 158 21.76 33.50 -7.50
N ASN B 159 21.39 32.46 -8.26
CA ASN B 159 22.36 31.42 -8.61
C ASN B 159 23.06 31.87 -9.90
N ARG B 160 24.09 32.69 -9.72
CA ARG B 160 24.90 33.12 -10.84
C ARG B 160 25.89 32.01 -11.18
N LEU B 161 25.86 31.54 -12.42
CA LEU B 161 26.84 30.56 -12.85
C LEU B 161 28.17 31.25 -13.11
N PRO B 162 29.30 30.52 -12.99
CA PRO B 162 29.45 29.13 -12.57
C PRO B 162 29.74 29.00 -11.09
N SER B 163 29.05 28.08 -10.40
CA SER B 163 29.20 27.95 -8.96
C SER B 163 29.35 26.52 -8.48
N SER B 164 29.52 25.55 -9.38
CA SER B 164 29.44 24.16 -8.93
C SER B 164 30.13 23.21 -9.91
N ARG B 165 30.80 22.21 -9.35
CA ARG B 165 31.37 21.12 -10.14
C ARG B 165 30.35 20.06 -10.50
N TRP B 166 29.11 20.21 -10.04
CA TRP B 166 28.02 19.29 -10.35
C TRP B 166 26.75 20.13 -10.50
N TYR B 167 25.66 19.49 -10.90
CA TYR B 167 24.41 20.21 -11.03
C TYR B 167 23.89 20.61 -9.65
N SER B 168 23.70 21.90 -9.44
CA SER B 168 23.25 22.38 -8.14
C SER B 168 21.74 22.50 -8.06
N GLY B 169 21.10 22.90 -9.15
CA GLY B 169 19.74 23.37 -9.08
C GLY B 169 19.72 24.82 -8.65
N SER B 170 18.52 25.36 -8.53
CA SER B 170 18.36 26.74 -8.08
C SER B 170 17.04 26.91 -7.37
N GLY B 171 17.05 27.71 -6.31
CA GLY B 171 15.83 28.10 -5.64
C GLY B 171 15.70 27.47 -4.27
N ILE B 172 14.47 27.48 -3.78
CA ILE B 172 14.17 26.94 -2.45
C ILE B 172 13.85 25.46 -2.66
N TYR B 173 14.90 24.65 -2.71
CA TYR B 173 14.79 23.25 -3.07
C TYR B 173 14.63 22.34 -1.86
N ARG B 174 14.47 22.90 -0.67
CA ARG B 174 14.20 22.13 0.54
C ARG B 174 13.05 22.77 1.31
N ASP B 175 12.52 21.99 2.26
CA ASP B 175 11.34 22.40 3.02
C ASP B 175 11.58 23.73 3.74
N VAL B 176 10.50 24.50 3.86
CA VAL B 176 10.47 25.74 4.63
C VAL B 176 9.43 25.58 5.73
N THR B 177 9.78 25.97 6.93
CA THR B 177 8.90 25.86 8.09
C THR B 177 8.77 27.21 8.77
N LEU B 178 7.76 27.32 9.61
CA LEU B 178 7.50 28.51 10.41
C LEU B 178 7.47 28.10 11.88
N THR B 179 8.20 28.83 12.72
CA THR B 179 8.30 28.55 14.15
C THR B 179 7.61 29.67 14.92
N VAL B 180 6.62 29.31 15.74
CA VAL B 180 5.87 30.25 16.57
C VAL B 180 5.97 29.78 18.02
N THR B 181 6.46 30.65 18.90
CA THR B 181 6.66 30.29 20.31
C THR B 181 6.25 31.43 21.21
N ASP B 182 6.12 31.10 22.51
CA ASP B 182 6.01 32.09 23.57
C ASP B 182 7.27 32.94 23.63
N GLY B 183 7.16 34.09 24.29
CA GLY B 183 8.32 34.97 24.44
C GLY B 183 9.48 34.31 25.14
N VAL B 184 9.19 33.45 26.12
CA VAL B 184 10.20 32.61 26.76
C VAL B 184 10.14 31.25 26.08
N HIS B 185 11.29 30.78 25.57
CA HIS B 185 11.26 29.62 24.70
C HIS B 185 12.64 28.99 24.59
N VAL B 186 12.64 27.67 24.36
CA VAL B 186 13.87 27.00 23.98
C VAL B 186 14.38 27.60 22.68
N GLY B 187 15.69 27.84 22.61
CA GLY B 187 16.27 28.42 21.40
C GLY B 187 16.19 27.49 20.21
N ASN B 188 16.41 28.07 19.04
CA ASN B 188 16.48 27.29 17.81
C ASN B 188 17.61 26.26 17.91
N ASN B 189 17.27 25.01 17.63
CA ASN B 189 18.21 23.88 17.78
C ASN B 189 18.87 23.91 19.16
N GLY B 190 18.05 24.13 20.19
CA GLY B 190 18.58 24.56 21.45
C GLY B 190 18.94 23.50 22.46
N VAL B 191 18.85 22.21 22.13
CA VAL B 191 19.15 21.14 23.07
C VAL B 191 20.29 20.30 22.53
N ALA B 192 21.34 20.14 23.34
CA ALA B 192 22.46 19.27 23.02
C ALA B 192 22.51 18.15 24.04
N ILE B 193 22.65 16.92 23.58
CA ILE B 193 22.61 15.74 24.44
C ILE B 193 23.93 15.00 24.33
N LYS B 194 24.48 14.59 25.47
CA LYS B 194 25.69 13.77 25.52
C LYS B 194 25.45 12.56 26.41
N THR B 195 26.00 11.41 26.00
CA THR B 195 26.05 10.20 26.81
C THR B 195 27.50 9.74 26.89
N PRO B 196 28.33 10.45 27.65
CA PRO B 196 29.79 10.19 27.59
C PRO B 196 30.20 8.81 28.07
N SER B 197 29.41 8.15 28.89
CA SER B 197 29.76 6.84 29.43
C SER B 197 28.89 5.72 28.89
N LEU B 198 28.28 5.92 27.72
CA LEU B 198 27.35 4.92 27.20
C LEU B 198 28.02 3.57 26.99
N ALA B 199 29.30 3.57 26.59
CA ALA B 199 29.99 2.31 26.31
C ALA B 199 30.06 1.42 27.54
N THR B 200 30.27 2.01 28.72
CA THR B 200 30.38 1.25 29.96
C THR B 200 29.09 1.19 30.75
N GLN B 201 28.10 2.04 30.43
CA GLN B 201 26.81 2.00 31.12
C GLN B 201 25.75 1.25 30.33
N ASN B 202 26.03 0.85 29.09
CA ASN B 202 25.05 0.18 28.25
C ASN B 202 24.43 -1.02 28.96
N GLY B 203 23.09 -1.05 28.99
CA GLY B 203 22.35 -2.11 29.64
C GLY B 203 21.79 -1.74 30.99
N GLY B 204 22.34 -0.72 31.64
CA GLY B 204 21.81 -0.26 32.91
C GLY B 204 21.42 1.20 32.83
N ASP B 205 21.63 1.96 33.90
CA ASP B 205 21.33 3.38 33.87
C ASP B 205 22.39 4.11 33.06
N VAL B 206 21.94 4.93 32.11
CA VAL B 206 22.81 5.69 31.23
C VAL B 206 22.70 7.16 31.60
N THR B 207 23.84 7.79 31.84
CA THR B 207 23.86 9.21 32.19
C THR B 207 23.71 10.05 30.91
N MET B 208 22.69 10.91 30.89
CA MET B 208 22.51 11.87 29.81
C MET B 208 22.81 13.26 30.36
N ASN B 209 23.73 13.96 29.73
CA ASN B 209 24.07 15.33 30.09
C ASN B 209 23.53 16.26 29.01
N LEU B 210 22.62 17.14 29.40
CA LEU B 210 21.93 18.02 28.47
C LEU B 210 22.34 19.48 28.70
N THR B 211 22.33 20.26 27.62
CA THR B 211 22.50 21.70 27.69
C THR B 211 21.41 22.34 26.83
N THR B 212 20.63 23.22 27.44
CA THR B 212 19.45 23.79 26.79
C THR B 212 19.54 25.29 26.84
N LYS B 213 19.47 25.93 25.68
CA LYS B 213 19.46 27.39 25.60
C LYS B 213 18.01 27.87 25.71
N VAL B 214 17.74 28.71 26.70
CA VAL B 214 16.42 29.25 26.95
C VAL B 214 16.51 30.76 26.77
N ALA B 215 15.74 31.29 25.83
CA ALA B 215 15.75 32.71 25.52
C ALA B 215 14.54 33.39 26.15
N ASN B 216 14.77 34.56 26.73
CA ASN B 216 13.72 35.40 27.29
C ASN B 216 13.60 36.64 26.39
N ASP B 217 12.70 36.56 25.41
CA ASP B 217 12.48 37.64 24.46
C ASP B 217 11.30 38.52 24.86
N THR B 218 11.02 38.64 26.15
CA THR B 218 9.98 39.52 26.67
C THR B 218 10.63 40.73 27.34
N GLU B 219 9.78 41.63 27.84
CA GLU B 219 10.27 42.84 28.49
C GLU B 219 10.44 42.69 29.99
N ALA B 220 10.20 41.50 30.55
CA ALA B 220 10.30 41.30 31.97
C ALA B 220 11.17 40.09 32.27
N ALA B 221 11.85 40.15 33.41
CA ALA B 221 12.60 38.99 33.90
C ALA B 221 11.65 37.82 34.11
N ALA B 222 12.20 36.61 34.06
CA ALA B 222 11.39 35.40 34.19
C ALA B 222 12.16 34.35 34.96
N ASN B 223 11.44 33.63 35.81
CA ASN B 223 11.98 32.50 36.57
C ASN B 223 11.35 31.24 36.03
N ILE B 224 12.13 30.46 35.28
CA ILE B 224 11.60 29.28 34.61
C ILE B 224 12.28 28.04 35.17
N THR B 225 11.57 26.93 35.09
CA THR B 225 12.15 25.61 35.31
C THR B 225 11.98 24.79 34.04
N LEU B 226 12.83 23.78 33.89
CA LEU B 226 12.75 22.87 32.76
C LEU B 226 12.34 21.50 33.25
N LYS B 227 11.40 20.87 32.54
CA LYS B 227 11.06 19.47 32.74
C LYS B 227 11.38 18.73 31.45
N GLN B 228 12.32 17.80 31.51
CA GLN B 228 12.82 17.09 30.34
C GLN B 228 12.55 15.61 30.46
N THR B 229 12.10 15.01 29.36
CA THR B 229 11.59 13.64 29.37
C THR B 229 12.10 12.89 28.14
N VAL B 230 12.47 11.62 28.33
CA VAL B 230 13.00 10.77 27.27
C VAL B 230 12.08 9.56 27.16
N PHE B 231 11.48 9.36 25.99
CA PHE B 231 10.51 8.30 25.78
C PHE B 231 10.57 7.85 24.33
N PRO B 232 10.12 6.64 24.03
CA PRO B 232 10.20 6.13 22.66
C PRO B 232 9.49 7.03 21.66
N LYS B 233 10.11 7.21 20.50
CA LYS B 233 9.52 8.02 19.44
C LYS B 233 8.15 7.49 19.05
N GLY B 234 7.19 8.40 18.90
CA GLY B 234 5.83 8.04 18.59
C GLY B 234 5.02 7.55 19.77
N GLY B 235 5.66 7.25 20.90
CA GLY B 235 4.94 6.81 22.08
C GLY B 235 4.51 8.01 22.92
N LYS B 236 3.94 7.70 24.07
CA LYS B 236 3.46 8.71 25.01
C LYS B 236 4.43 8.86 26.19
N THR B 237 4.34 10.01 26.86
CA THR B 237 5.29 10.34 27.91
C THR B 237 5.19 9.42 29.13
N ASP B 238 4.10 8.69 29.29
CA ASP B 238 3.99 7.75 30.39
C ASP B 238 4.97 6.58 30.26
N ALA B 239 5.46 6.31 29.05
CA ALA B 239 6.46 5.28 28.80
C ALA B 239 7.89 5.80 28.93
N ALA B 240 8.08 6.93 29.61
CA ALA B 240 9.40 7.53 29.73
C ALA B 240 10.36 6.61 30.48
N ILE B 241 11.64 6.68 30.09
CA ILE B 241 12.71 5.97 30.77
C ILE B 241 13.60 6.92 31.55
N GLY B 242 13.23 8.19 31.63
CA GLY B 242 14.00 9.19 32.34
C GLY B 242 13.32 10.54 32.32
N THR B 243 13.43 11.26 33.44
CA THR B 243 12.79 12.56 33.59
C THR B 243 13.62 13.38 34.57
N VAL B 244 13.66 14.69 34.37
CA VAL B 244 14.32 15.58 35.30
C VAL B 244 13.56 16.89 35.32
N THR B 245 13.54 17.52 36.50
CA THR B 245 13.07 18.88 36.66
C THR B 245 14.24 19.68 37.21
N THR B 246 14.60 20.75 36.50
CA THR B 246 15.75 21.55 36.88
C THR B 246 15.38 22.56 37.96
N ALA B 247 16.40 23.07 38.63
CA ALA B 247 16.18 24.16 39.57
C ALA B 247 15.69 25.41 38.82
N SER B 248 15.04 26.29 39.58
CA SER B 248 14.53 27.52 38.99
C SER B 248 15.71 28.40 38.54
N LYS B 249 15.61 28.92 37.33
CA LYS B 249 16.62 29.78 36.71
C LYS B 249 16.01 31.14 36.41
N SER B 250 16.68 32.21 36.85
CA SER B 250 16.26 33.56 36.51
C SER B 250 16.92 33.98 35.21
N ILE B 251 16.12 34.52 34.28
CA ILE B 251 16.61 34.95 32.98
C ILE B 251 16.11 36.37 32.73
N ALA B 252 17.04 37.32 32.65
CA ALA B 252 16.65 38.71 32.48
C ALA B 252 15.98 38.94 31.12
N ALA B 253 15.26 40.04 31.01
CA ALA B 253 14.66 40.42 29.74
C ALA B 253 15.71 40.57 28.66
N GLY B 254 15.40 40.08 27.46
CA GLY B 254 16.32 40.19 26.35
C GLY B 254 17.57 39.33 26.44
N ALA B 255 17.69 38.49 27.47
CA ALA B 255 18.84 37.64 27.68
C ALA B 255 18.49 36.19 27.40
N SER B 256 19.52 35.37 27.37
CA SER B 256 19.42 33.93 27.21
C SER B 256 20.30 33.24 28.23
N ALA B 257 19.94 32.02 28.60
CA ALA B 257 20.72 31.25 29.53
C ALA B 257 20.91 29.83 29.01
N ASP B 258 22.06 29.26 29.32
CA ASP B 258 22.33 27.85 29.06
C ASP B 258 22.06 27.08 30.34
N VAL B 259 21.02 26.27 30.33
CA VAL B 259 20.63 25.47 31.49
C VAL B 259 21.17 24.06 31.27
N THR B 260 22.05 23.62 32.17
CA THR B 260 22.53 22.25 32.10
C THR B 260 21.68 21.36 32.99
N SER B 261 21.54 20.11 32.58
CA SER B 261 20.76 19.15 33.35
C SER B 261 21.27 17.75 33.08
N THR B 262 20.86 16.81 33.92
CA THR B 262 21.25 15.42 33.77
C THR B 262 20.01 14.55 33.89
N ILE B 263 19.85 13.63 32.94
CA ILE B 263 18.79 12.63 32.97
C ILE B 263 19.44 11.26 33.09
N THR B 264 18.95 10.46 34.02
CA THR B 264 19.35 9.07 34.13
C THR B 264 18.39 8.24 33.30
N ALA B 265 18.86 7.74 32.16
CA ALA B 265 18.02 6.94 31.27
C ALA B 265 18.11 5.49 31.69
N ALA B 266 16.96 4.88 31.97
CA ALA B 266 16.90 3.53 32.53
C ALA B 266 16.95 2.51 31.40
N SER B 267 18.12 1.90 31.21
CA SER B 267 18.38 0.85 30.23
C SER B 267 17.80 1.19 28.85
N PRO B 268 18.28 2.23 28.19
CA PRO B 268 17.73 2.58 26.87
C PRO B 268 18.12 1.54 25.83
N LYS B 269 17.21 1.34 24.87
CA LYS B 269 17.51 0.47 23.74
C LYS B 269 18.47 1.18 22.80
N LEU B 270 19.53 0.49 22.41
CA LEU B 270 20.53 1.08 21.54
C LEU B 270 19.99 1.32 20.14
N TRP B 271 20.52 2.35 19.50
CA TRP B 271 20.30 2.59 18.08
C TRP B 271 21.41 1.90 17.29
N SER B 272 21.02 1.09 16.30
CA SER B 272 22.00 0.36 15.50
C SER B 272 21.47 0.25 14.08
N ILE B 273 22.33 -0.28 13.20
CA ILE B 273 21.94 -0.47 11.80
C ILE B 273 20.76 -1.42 11.71
N LYS B 274 20.82 -2.53 12.45
CA LYS B 274 19.77 -3.53 12.43
C LYS B 274 18.53 -3.10 13.21
N ASN B 275 18.71 -2.33 14.29
CA ASN B 275 17.60 -1.91 15.14
C ASN B 275 17.72 -0.42 15.42
N PRO B 276 17.26 0.43 14.49
CA PRO B 276 17.37 1.89 14.67
C PRO B 276 16.36 2.47 15.65
N ASN B 277 16.52 2.12 16.93
CA ASN B 277 15.60 2.58 17.96
C ASN B 277 15.76 4.08 18.22
N LEU B 278 14.65 4.81 18.14
CA LEU B 278 14.68 6.26 18.31
C LEU B 278 13.89 6.66 19.56
N TYR B 279 14.32 7.76 20.17
CA TYR B 279 13.63 8.32 21.32
C TYR B 279 13.35 9.79 21.07
N THR B 280 12.29 10.28 21.70
CA THR B 280 12.01 11.71 21.73
C THR B 280 12.50 12.25 23.07
N VAL B 281 13.31 13.31 23.02
CA VAL B 281 13.75 14.02 24.21
C VAL B 281 12.97 15.33 24.24
N ARG B 282 12.02 15.42 25.17
CA ARG B 282 11.11 16.55 25.27
C ARG B 282 11.56 17.51 26.36
N THR B 283 11.58 18.80 26.03
CA THR B 283 11.88 19.85 26.99
C THR B 283 10.66 20.75 27.12
N GLU B 284 10.17 20.90 28.35
CA GLU B 284 9.10 21.84 28.67
C GLU B 284 9.66 22.96 29.54
N VAL B 285 9.35 24.20 29.16
CA VAL B 285 9.73 25.38 29.93
C VAL B 285 8.52 25.78 30.77
N LEU B 286 8.68 25.78 32.09
CA LEU B 286 7.58 26.05 33.00
C LEU B 286 7.78 27.35 33.76
N ASN B 287 6.69 28.07 33.98
CA ASN B 287 6.67 29.25 34.84
C ASN B 287 5.31 29.31 35.52
N GLY B 288 5.29 29.22 36.84
CA GLY B 288 4.02 29.28 37.56
C GLY B 288 3.08 28.14 37.24
N GLY B 289 3.61 26.92 37.13
CA GLY B 289 2.79 25.76 36.80
C GLY B 289 2.38 25.68 35.36
N LYS B 290 2.61 26.72 34.57
CA LYS B 290 2.18 26.78 33.17
C LYS B 290 3.33 26.41 32.26
N VAL B 291 3.07 25.51 31.32
CA VAL B 291 4.04 25.16 30.29
C VAL B 291 4.06 26.31 29.29
N LEU B 292 5.21 27.00 29.19
CA LEU B 292 5.32 28.10 28.25
C LEU B 292 5.73 27.64 26.86
N ASP B 293 6.56 26.60 26.77
CA ASP B 293 7.13 26.15 25.51
C ASP B 293 7.50 24.68 25.63
N THR B 294 7.23 23.93 24.56
CA THR B 294 7.57 22.51 24.49
C THR B 294 8.42 22.26 23.25
N TYR B 295 9.65 21.81 23.44
CA TYR B 295 10.60 21.59 22.35
C TYR B 295 11.05 20.14 22.35
N ASP B 296 10.90 19.47 21.21
CA ASP B 296 11.27 18.07 21.04
C ASP B 296 12.53 17.95 20.18
N THR B 297 13.34 16.95 20.48
CA THR B 297 14.47 16.60 19.64
C THR B 297 14.57 15.08 19.54
N GLU B 298 14.82 14.60 18.32
CA GLU B 298 14.93 13.18 18.06
C GLU B 298 16.33 12.70 18.43
N TYR B 299 16.42 11.53 19.07
CA TYR B 299 17.69 11.09 19.61
C TYR B 299 17.81 9.57 19.53
N GLY B 300 19.04 9.09 19.56
CA GLY B 300 19.31 7.67 19.62
C GLY B 300 20.56 7.40 20.42
N PHE B 301 20.56 6.27 21.13
CA PHE B 301 21.70 5.89 21.97
C PHE B 301 22.64 5.01 21.16
N ARG B 302 23.86 5.51 20.92
CA ARG B 302 24.88 4.77 20.20
C ARG B 302 26.25 5.40 20.40
N TRP B 303 27.29 4.58 20.26
CA TRP B 303 28.66 5.07 20.29
C TRP B 303 29.46 4.36 19.21
N THR B 304 30.51 5.04 18.72
CA THR B 304 31.34 4.52 17.65
C THR B 304 32.79 4.50 18.07
N GLY B 305 33.61 3.84 17.26
CA GLY B 305 35.04 3.84 17.48
C GLY B 305 35.79 3.66 16.17
N PHE B 306 36.88 4.39 16.01
CA PHE B 306 37.77 4.21 14.86
C PHE B 306 39.15 3.85 15.40
N ASP B 307 39.57 2.62 15.14
CA ASP B 307 40.86 2.12 15.57
C ASP B 307 41.82 2.07 14.39
N ALA B 308 43.06 2.50 14.62
CA ALA B 308 44.03 2.60 13.54
C ALA B 308 44.38 1.23 12.95
N THR B 309 44.16 0.14 13.68
CA THR B 309 44.53 -1.19 13.20
C THR B 309 43.34 -2.02 12.73
N SER B 310 42.23 -1.99 13.46
CA SER B 310 41.10 -2.87 13.15
C SER B 310 39.86 -2.14 12.66
N GLY B 311 39.91 -0.81 12.51
CA GLY B 311 38.85 -0.09 11.85
C GLY B 311 37.69 0.37 12.72
N PHE B 312 36.49 0.33 12.15
CA PHE B 312 35.31 0.97 12.72
C PHE B 312 34.49 0.00 13.57
N SER B 313 33.85 0.54 14.61
CA SER B 313 32.95 -0.21 15.46
C SER B 313 31.70 0.61 15.75
N LEU B 314 30.56 -0.08 15.86
CA LEU B 314 29.29 0.53 16.22
C LEU B 314 28.74 -0.20 17.43
N ASN B 315 28.59 0.51 18.55
CA ASN B 315 28.09 -0.06 19.81
C ASN B 315 28.95 -1.23 20.27
N GLY B 316 30.26 -1.11 20.06
CA GLY B 316 31.21 -2.13 20.49
C GLY B 316 31.38 -3.32 19.58
N GLU B 317 30.69 -3.35 18.43
CA GLU B 317 30.78 -4.45 17.49
C GLU B 317 31.43 -3.96 16.20
N LYS B 318 32.39 -4.74 15.69
CA LYS B 318 33.09 -4.38 14.46
C LYS B 318 32.13 -4.36 13.28
N VAL B 319 32.18 -3.28 12.51
CA VAL B 319 31.33 -3.11 11.33
C VAL B 319 32.19 -2.51 10.22
N LYS B 320 32.14 -3.11 9.04
CA LYS B 320 32.80 -2.54 7.87
C LYS B 320 31.90 -1.49 7.25
N LEU B 321 32.47 -0.31 6.97
CA LEU B 321 31.69 0.78 6.39
C LEU B 321 31.58 0.55 4.89
N LYS B 322 30.48 -0.07 4.49
CA LYS B 322 30.19 -0.30 3.07
C LYS B 322 29.36 0.89 2.61
N GLY B 323 30.03 1.94 2.13
CA GLY B 323 29.39 3.21 1.89
C GLY B 323 29.44 3.65 0.44
N VAL B 324 28.61 4.63 0.12
CA VAL B 324 28.57 5.25 -1.19
C VAL B 324 28.56 6.75 -0.99
N SER B 325 29.14 7.46 -1.95
CA SER B 325 28.96 8.89 -2.03
C SER B 325 27.65 9.19 -2.76
N MET B 326 26.99 10.26 -2.35
CA MET B 326 25.72 10.65 -2.93
C MET B 326 25.66 12.16 -3.08
N HIS B 327 25.39 12.62 -4.29
CA HIS B 327 25.01 14.02 -4.47
C HIS B 327 23.53 14.19 -4.14
N HIS B 328 23.10 15.46 -4.04
CA HIS B 328 21.82 15.76 -3.43
C HIS B 328 20.64 15.61 -4.39
N ASP B 329 20.84 15.81 -5.69
CA ASP B 329 19.71 15.92 -6.60
C ASP B 329 18.98 14.58 -6.70
N GLN B 330 17.73 14.65 -7.19
CA GLN B 330 16.88 13.47 -7.26
C GLN B 330 16.50 13.19 -8.71
N GLY B 331 17.49 13.16 -9.59
CA GLY B 331 17.24 12.72 -10.96
C GLY B 331 16.38 13.70 -11.73
N SER B 332 15.30 13.18 -12.33
CA SER B 332 14.43 14.00 -13.16
C SER B 332 13.70 15.06 -12.35
N LEU B 333 13.62 14.92 -11.03
CA LEU B 333 13.06 15.97 -10.18
C LEU B 333 14.01 17.13 -9.98
N GLY B 334 15.25 17.04 -10.44
CA GLY B 334 16.17 18.12 -10.17
C GLY B 334 16.59 18.09 -8.72
N ALA B 335 16.82 19.28 -8.17
CA ALA B 335 17.37 19.40 -6.82
C ALA B 335 16.34 19.24 -5.71
N VAL B 336 15.05 19.12 -6.02
CA VAL B 336 14.03 19.16 -4.97
C VAL B 336 14.23 18.00 -4.02
N ALA B 337 14.42 18.31 -2.73
CA ALA B 337 14.65 17.28 -1.72
C ALA B 337 13.31 16.73 -1.25
N ASN B 338 12.64 16.05 -2.18
CA ASN B 338 11.39 15.36 -1.87
C ASN B 338 11.68 14.18 -0.97
N ARG B 339 10.91 14.04 0.11
CA ARG B 339 11.22 13.03 1.12
C ARG B 339 11.09 11.61 0.56
N ARG B 340 10.05 11.35 -0.22
CA ARG B 340 9.88 10.00 -0.76
C ARG B 340 11.00 9.66 -1.74
N ALA B 341 11.37 10.60 -2.61
CA ALA B 341 12.49 10.38 -3.53
C ALA B 341 13.76 10.03 -2.76
N ILE B 342 14.06 10.81 -1.72
CA ILE B 342 15.22 10.55 -0.88
C ILE B 342 15.10 9.18 -0.21
N GLU B 343 13.92 8.88 0.31
CA GLU B 343 13.69 7.60 0.98
C GLU B 343 13.84 6.44 0.02
N ARG B 344 13.40 6.63 -1.23
CA ARG B 344 13.55 5.60 -2.26
C ARG B 344 15.02 5.34 -2.57
N GLN B 345 15.84 6.40 -2.65
CA GLN B 345 17.28 6.22 -2.86
C GLN B 345 17.87 5.35 -1.76
N VAL B 346 17.57 5.67 -0.50
CA VAL B 346 18.11 4.92 0.63
C VAL B 346 17.68 3.46 0.56
N GLU B 347 16.40 3.22 0.20
CA GLU B 347 15.91 1.84 0.13
C GLU B 347 16.64 1.05 -0.94
N ILE B 348 16.88 1.65 -2.10
CA ILE B 348 17.62 0.96 -3.16
C ILE B 348 19.06 0.71 -2.73
N LEU B 349 19.66 1.68 -2.03
CA LEU B 349 21.02 1.47 -1.52
C LEU B 349 21.06 0.37 -0.46
N GLN B 350 20.06 0.35 0.43
CA GLN B 350 20.04 -0.68 1.47
C GLN B 350 19.91 -2.07 0.89
N LYS B 351 19.14 -2.23 -0.19
CA LYS B 351 19.00 -3.54 -0.82
C LYS B 351 20.33 -4.00 -1.43
N MET B 352 21.23 -3.07 -1.74
CA MET B 352 22.58 -3.37 -2.20
C MET B 352 23.51 -3.77 -1.06
N GLY B 353 23.08 -3.61 0.19
CA GLY B 353 23.94 -3.87 1.32
C GLY B 353 24.65 -2.65 1.87
N VAL B 354 24.40 -1.46 1.30
CA VAL B 354 24.99 -0.23 1.82
C VAL B 354 24.54 -0.02 3.26
N ASN B 355 25.49 0.36 4.12
CA ASN B 355 25.16 0.76 5.48
C ASN B 355 25.65 2.17 5.82
N SER B 356 26.11 2.94 4.83
CA SER B 356 26.62 4.27 5.12
C SER B 356 26.56 5.14 3.88
N ILE B 357 26.31 6.43 4.10
CA ILE B 357 26.25 7.44 3.03
C ILE B 357 27.15 8.60 3.42
N ARG B 358 27.96 9.06 2.48
CA ARG B 358 28.75 10.29 2.62
C ARG B 358 28.08 11.39 1.80
N THR B 359 27.73 12.50 2.46
CA THR B 359 26.95 13.55 1.81
C THR B 359 27.89 14.48 1.03
N THR B 360 28.30 14.01 -0.14
CA THR B 360 29.27 14.71 -0.97
C THR B 360 28.59 15.79 -1.79
N HIS B 361 29.06 17.03 -1.69
CA HIS B 361 30.06 17.47 -0.72
C HIS B 361 29.50 18.69 0.02
N ASN B 362 28.46 18.47 0.81
CA ASN B 362 27.68 19.56 1.36
C ASN B 362 26.63 19.01 2.31
N PRO B 363 26.11 19.80 3.24
CA PRO B 363 25.13 19.29 4.19
C PRO B 363 23.94 18.66 3.47
N ALA B 364 23.44 17.57 4.05
CA ALA B 364 22.27 16.90 3.50
C ALA B 364 21.01 17.71 3.79
N ALA B 365 19.95 17.38 3.09
CA ALA B 365 18.63 17.81 3.51
C ALA B 365 18.28 17.15 4.83
N LYS B 366 17.57 17.87 5.70
CA LYS B 366 17.13 17.26 6.95
C LYS B 366 16.34 15.98 6.68
N ALA B 367 15.57 15.95 5.59
CA ALA B 367 14.81 14.76 5.24
C ALA B 367 15.71 13.54 5.10
N LEU B 368 16.91 13.70 4.55
CA LEU B 368 17.82 12.56 4.44
C LEU B 368 18.30 12.11 5.81
N ILE B 369 18.61 13.06 6.69
CA ILE B 369 19.01 12.72 8.05
C ILE B 369 17.86 12.00 8.77
N ASP B 370 16.63 12.48 8.57
CA ASP B 370 15.46 11.80 9.16
C ASP B 370 15.37 10.36 8.67
N VAL B 371 15.56 10.15 7.37
CA VAL B 371 15.44 8.82 6.79
C VAL B 371 16.52 7.90 7.36
N CYS B 372 17.75 8.40 7.46
CA CYS B 372 18.84 7.55 7.95
C CYS B 372 18.67 7.25 9.44
N ASN B 373 18.21 8.23 10.22
CA ASN B 373 17.83 7.94 11.60
C ASN B 373 16.82 6.81 11.67
N GLU B 374 15.84 6.82 10.77
CA GLU B 374 14.74 5.87 10.84
C GLU B 374 15.13 4.51 10.26
N LYS B 375 15.91 4.50 9.17
CA LYS B 375 16.21 3.24 8.49
C LYS B 375 17.54 2.62 8.91
N GLY B 376 18.35 3.31 9.70
CA GLY B 376 19.58 2.73 10.19
C GLY B 376 20.72 2.78 9.18
N VAL B 377 21.08 3.97 8.73
CA VAL B 377 22.17 4.18 7.79
C VAL B 377 23.13 5.19 8.39
N LEU B 378 24.40 4.82 8.50
CA LEU B 378 25.40 5.71 9.08
C LEU B 378 25.73 6.82 8.10
N VAL B 379 25.77 8.05 8.58
CA VAL B 379 25.97 9.21 7.72
C VAL B 379 27.30 9.86 8.06
N VAL B 380 28.15 10.01 7.06
CA VAL B 380 29.27 10.92 7.12
C VAL B 380 28.77 12.22 6.47
N GLU B 381 28.40 13.19 7.30
CA GLU B 381 27.86 14.43 6.77
C GLU B 381 29.00 15.39 6.48
N GLU B 382 29.22 15.66 5.19
CA GLU B 382 30.23 16.59 4.74
C GLU B 382 29.62 17.97 4.62
N VAL B 383 30.41 19.00 4.93
CA VAL B 383 29.91 20.37 4.99
C VAL B 383 30.39 21.21 3.80
N PHE B 384 31.61 20.97 3.33
CA PHE B 384 32.22 21.80 2.31
C PHE B 384 32.83 20.93 1.22
N ASP B 385 32.84 21.47 0.00
CA ASP B 385 33.64 20.93 -1.09
C ASP B 385 34.99 21.64 -1.08
N MET B 386 35.05 22.82 -1.68
CA MET B 386 36.23 23.65 -1.61
C MET B 386 36.25 24.46 -0.31
N TRP B 387 37.41 25.04 0.01
CA TRP B 387 37.52 25.97 1.12
C TRP B 387 37.64 27.38 0.59
N ASN B 388 38.78 28.04 0.83
CA ASN B 388 38.94 29.44 0.45
C ASN B 388 39.40 29.62 -1.00
N ARG B 389 39.61 28.54 -1.76
CA ARG B 389 40.02 28.62 -3.15
C ARG B 389 38.96 27.96 -4.02
N SER B 390 38.47 28.71 -5.02
CA SER B 390 37.45 28.18 -5.92
C SER B 390 38.03 27.09 -6.82
N LYS B 391 37.16 26.19 -7.25
CA LYS B 391 37.53 25.06 -8.09
C LYS B 391 37.00 25.23 -9.51
N ASN B 392 37.74 24.68 -10.47
CA ASN B 392 37.25 24.47 -11.85
C ASN B 392 36.77 25.77 -12.48
N GLY B 393 37.46 26.87 -12.17
CA GLY B 393 37.06 28.16 -12.71
C GLY B 393 35.71 28.65 -12.27
N ASN B 394 35.15 28.06 -11.21
CA ASN B 394 33.80 28.42 -10.74
C ASN B 394 33.91 29.61 -9.78
N THR B 395 33.96 30.80 -10.38
CA THR B 395 34.19 32.03 -9.64
C THR B 395 33.05 32.37 -8.68
N GLU B 396 31.89 31.74 -8.82
CA GLU B 396 30.75 32.01 -7.96
C GLU B 396 30.51 30.90 -6.94
N ASP B 397 31.39 29.90 -6.85
CA ASP B 397 31.18 28.85 -5.88
C ASP B 397 31.49 29.35 -4.48
N TYR B 398 31.38 28.46 -3.49
CA TYR B 398 31.46 28.89 -2.10
C TYR B 398 32.82 29.43 -1.72
N GLY B 399 33.87 29.10 -2.49
CA GLY B 399 35.19 29.64 -2.22
C GLY B 399 35.25 31.15 -2.30
N LYS B 400 34.30 31.78 -3.00
CA LYS B 400 34.19 33.22 -2.98
C LYS B 400 33.72 33.74 -1.62
N TRP B 401 33.02 32.91 -0.84
CA TRP B 401 32.41 33.32 0.42
C TRP B 401 33.07 32.73 1.66
N PHE B 402 33.79 31.61 1.53
CA PHE B 402 34.32 30.85 2.67
C PHE B 402 34.93 31.74 3.75
N GLY B 403 35.82 32.65 3.36
CA GLY B 403 36.53 33.49 4.28
C GLY B 403 35.99 34.89 4.49
N GLN B 404 34.79 35.20 3.97
CA GLN B 404 34.24 36.53 4.15
C GLN B 404 33.53 36.64 5.50
N ALA B 405 33.40 37.88 5.97
CA ALA B 405 32.69 38.14 7.21
C ALA B 405 31.23 38.47 6.93
N ILE B 406 30.40 38.34 7.96
CA ILE B 406 28.97 38.65 7.87
C ILE B 406 28.76 40.11 8.26
N ALA B 407 28.06 40.85 7.40
CA ALA B 407 27.78 42.25 7.67
C ALA B 407 26.97 42.41 8.95
N GLY B 408 27.17 43.53 9.64
CA GLY B 408 26.51 43.79 10.91
C GLY B 408 25.01 43.91 10.82
N ASP B 409 24.48 44.25 9.64
CA ASP B 409 23.05 44.38 9.43
C ASP B 409 22.42 43.13 8.83
N ASN B 410 23.16 42.02 8.81
CA ASN B 410 22.64 40.75 8.29
C ASN B 410 22.14 39.94 9.48
N ALA B 411 20.82 39.86 9.62
CA ALA B 411 20.19 39.21 10.77
C ALA B 411 20.01 37.70 10.56
N VAL B 412 20.71 37.11 9.58
CA VAL B 412 20.58 35.68 9.33
C VAL B 412 20.98 34.90 10.58
N LEU B 413 20.32 33.78 10.80
CA LEU B 413 20.49 32.98 12.01
C LEU B 413 20.74 31.53 11.67
N GLY B 414 21.41 30.82 12.58
CA GLY B 414 21.63 29.41 12.46
C GLY B 414 22.94 28.96 13.06
N GLY B 415 23.99 29.76 12.89
CA GLY B 415 25.29 29.42 13.43
C GLY B 415 26.06 30.61 13.98
N ASP B 416 27.31 30.41 14.37
CA ASP B 416 28.11 31.50 14.91
C ASP B 416 28.41 32.52 13.82
N LYS B 417 28.27 33.80 14.18
CA LYS B 417 28.40 34.90 13.23
C LYS B 417 29.62 35.78 13.48
N ASP B 418 30.46 35.43 14.45
CA ASP B 418 31.55 36.30 14.88
C ASP B 418 32.84 36.10 14.09
N GLU B 419 32.86 35.20 13.11
CA GLU B 419 34.07 35.02 12.32
C GLU B 419 33.77 35.07 10.82
N THR B 420 33.65 33.92 10.17
CA THR B 420 33.46 33.87 8.73
C THR B 420 32.22 33.06 8.38
N TRP B 421 31.84 33.12 7.10
CA TRP B 421 30.74 32.30 6.62
C TRP B 421 31.00 30.82 6.86
N ALA B 422 32.26 30.40 6.72
CA ALA B 422 32.60 29.00 6.94
C ALA B 422 32.20 28.54 8.34
N LYS B 423 32.50 29.36 9.35
CA LYS B 423 32.14 29.01 10.72
C LYS B 423 30.62 29.03 10.91
N PHE B 424 29.94 29.99 10.28
CA PHE B 424 28.48 30.03 10.34
C PHE B 424 27.88 28.76 9.77
N ASP B 425 28.24 28.43 8.52
CA ASP B 425 27.61 27.31 7.84
C ASP B 425 28.00 25.96 8.46
N LEU B 426 29.22 25.87 9.00
CA LEU B 426 29.61 24.67 9.73
C LEU B 426 28.78 24.49 11.00
N THR B 427 28.75 25.52 11.86
CA THR B 427 28.05 25.37 13.13
C THR B 427 26.55 25.29 12.93
N SER B 428 26.02 25.93 11.89
CA SER B 428 24.60 25.83 11.61
C SER B 428 24.21 24.40 11.25
N THR B 429 25.06 23.72 10.47
CA THR B 429 24.79 22.33 10.11
C THR B 429 24.89 21.43 11.33
N ILE B 430 25.92 21.63 12.16
CA ILE B 430 26.09 20.84 13.36
C ILE B 430 24.96 21.09 14.34
N ASN B 431 24.51 22.35 14.47
CA ASN B 431 23.40 22.66 15.36
C ASN B 431 22.15 21.86 14.97
N ARG B 432 21.90 21.73 13.67
CA ARG B 432 20.71 21.02 13.22
C ARG B 432 20.79 19.53 13.53
N ASP B 433 21.98 18.92 13.40
CA ASP B 433 22.10 17.47 13.37
C ASP B 433 22.86 16.89 14.55
N ARG B 434 23.20 17.70 15.56
CA ARG B 434 24.06 17.21 16.64
C ARG B 434 23.43 16.06 17.41
N ASN B 435 22.11 15.91 17.39
CA ASN B 435 21.45 14.84 18.12
C ASN B 435 21.09 13.67 17.22
N ALA B 436 21.36 13.73 15.93
CA ALA B 436 20.96 12.68 15.01
C ALA B 436 21.88 11.47 15.17
N PRO B 437 21.37 10.31 15.60
CA PRO B 437 22.26 9.15 15.78
C PRO B 437 22.86 8.62 14.49
N SER B 438 22.23 8.83 13.34
CA SER B 438 22.78 8.31 12.10
C SER B 438 24.07 9.02 11.70
N VAL B 439 24.28 10.25 12.16
CA VAL B 439 25.49 10.99 11.81
C VAL B 439 26.63 10.51 12.71
N ILE B 440 27.67 9.94 12.10
CA ILE B 440 28.81 9.45 12.86
C ILE B 440 30.04 10.34 12.74
N MET B 441 30.16 11.14 11.68
CA MET B 441 31.33 11.99 11.49
C MET B 441 30.92 13.28 10.80
N TRP B 442 31.66 14.35 11.09
CA TRP B 442 31.59 15.60 10.34
C TRP B 442 32.77 15.64 9.39
N SER B 443 32.50 15.69 8.08
CA SER B 443 33.54 15.84 7.09
C SER B 443 33.65 17.31 6.72
N LEU B 444 34.87 17.84 6.75
CA LEU B 444 35.09 19.27 6.70
C LEU B 444 35.47 19.78 5.32
N GLY B 445 35.71 18.91 4.36
CA GLY B 445 36.09 19.33 3.02
C GLY B 445 36.41 18.14 2.16
N ASN B 446 36.54 18.41 0.87
CA ASN B 446 36.82 17.35 -0.10
C ASN B 446 37.78 17.87 -1.16
N GLU B 447 38.90 17.17 -1.33
CA GLU B 447 39.92 17.50 -2.32
C GLU B 447 40.16 19.01 -2.37
N MET B 448 40.42 19.57 -1.18
CA MET B 448 40.45 21.01 -1.01
C MET B 448 41.50 21.68 -1.88
N MET B 449 42.57 20.97 -2.21
CA MET B 449 43.67 21.51 -3.01
C MET B 449 43.65 20.97 -4.43
N GLU B 450 42.52 20.47 -4.89
CA GLU B 450 42.37 19.90 -6.22
C GLU B 450 41.59 20.87 -7.10
N GLY B 451 42.12 21.14 -8.28
CA GLY B 451 41.41 21.99 -9.24
C GLY B 451 41.43 23.47 -8.91
N ILE B 452 42.41 23.94 -8.16
CA ILE B 452 42.48 25.33 -7.73
C ILE B 452 43.71 26.00 -8.34
N SER B 453 43.91 27.27 -7.99
CA SER B 453 45.10 28.02 -8.35
C SER B 453 45.71 28.59 -7.07
N GLY B 454 46.99 28.90 -7.14
CA GLY B 454 47.67 29.58 -6.05
C GLY B 454 48.38 28.64 -5.11
N SER B 455 49.00 29.24 -4.11
CA SER B 455 49.77 28.47 -3.13
C SER B 455 48.86 27.64 -2.25
N VAL B 456 49.37 26.49 -1.82
CA VAL B 456 48.66 25.60 -0.92
C VAL B 456 49.25 25.58 0.48
N SER B 457 50.25 26.42 0.75
CA SER B 457 50.91 26.39 2.06
C SER B 457 49.99 26.81 3.19
N GLY B 458 48.90 27.52 2.90
CA GLY B 458 47.97 27.96 3.92
C GLY B 458 46.87 26.99 4.29
N PHE B 459 46.79 25.84 3.63
CA PHE B 459 45.68 24.92 3.84
C PHE B 459 45.76 24.14 5.15
N PRO B 460 46.94 23.75 5.65
CA PRO B 460 46.99 23.16 6.99
C PRO B 460 46.40 24.05 8.08
N ALA B 461 46.62 25.36 8.00
CA ALA B 461 46.09 26.25 9.03
C ALA B 461 44.58 26.41 8.90
N THR B 462 44.07 26.45 7.67
CA THR B 462 42.63 26.46 7.48
C THR B 462 42.02 25.18 8.02
N SER B 463 42.67 24.05 7.76
CA SER B 463 42.19 22.77 8.26
C SER B 463 42.16 22.74 9.79
N ALA B 464 43.23 23.21 10.43
CA ALA B 464 43.29 23.21 11.89
C ALA B 464 42.21 24.09 12.48
N LYS B 465 41.91 25.21 11.81
CA LYS B 465 40.85 26.09 12.28
C LYS B 465 39.49 25.41 12.19
N LEU B 466 39.18 24.79 11.05
CA LEU B 466 37.92 24.06 10.91
C LEU B 466 37.83 22.93 11.91
N VAL B 467 38.95 22.25 12.18
CA VAL B 467 38.95 21.17 13.17
C VAL B 467 38.65 21.73 14.56
N ALA B 468 39.23 22.88 14.89
CA ALA B 468 38.99 23.47 16.21
C ALA B 468 37.54 23.93 16.35
N TRP B 469 37.00 24.61 15.34
CA TRP B 469 35.59 25.00 15.36
C TRP B 469 34.69 23.78 15.58
N THR B 470 34.97 22.69 14.86
CA THR B 470 34.12 21.51 14.93
C THR B 470 34.18 20.86 16.31
N LYS B 471 35.38 20.71 16.87
CA LYS B 471 35.50 20.10 18.18
C LYS B 471 34.76 20.91 19.24
N ALA B 472 34.78 22.24 19.12
CA ALA B 472 34.05 23.06 20.08
C ALA B 472 32.54 23.00 19.86
N ALA B 473 32.11 22.85 18.60
CA ALA B 473 30.68 22.82 18.31
C ALA B 473 30.05 21.49 18.73
N ASP B 474 30.75 20.38 18.52
CA ASP B 474 30.24 19.07 18.90
C ASP B 474 31.42 18.17 19.24
N SER B 475 31.61 17.90 20.53
CA SER B 475 32.69 17.06 20.99
C SER B 475 32.41 15.57 20.86
N THR B 476 31.17 15.18 20.58
CA THR B 476 30.79 13.78 20.62
C THR B 476 31.20 12.98 19.39
N ARG B 477 31.49 13.64 18.27
CA ARG B 477 31.80 12.94 17.03
C ARG B 477 33.19 13.29 16.51
N PRO B 478 33.89 12.35 15.88
CA PRO B 478 35.14 12.68 15.20
C PRO B 478 34.86 13.46 13.92
N MET B 479 35.80 14.34 13.57
CA MET B 479 35.75 15.06 12.32
C MET B 479 36.69 14.40 11.31
N THR B 480 36.49 14.74 10.04
CA THR B 480 37.24 14.09 8.97
C THR B 480 37.25 15.00 7.74
N TYR B 481 37.82 14.48 6.65
CA TYR B 481 37.73 15.09 5.33
C TYR B 481 38.13 14.04 4.31
N GLY B 482 37.94 14.38 3.03
CA GLY B 482 38.44 13.55 1.95
C GLY B 482 39.58 14.22 1.22
N ASP B 483 40.80 13.69 1.40
CA ASP B 483 42.00 14.26 0.81
C ASP B 483 42.54 13.29 -0.23
N ASN B 484 42.65 13.75 -1.47
CA ASN B 484 43.23 12.96 -2.55
C ASN B 484 44.72 13.20 -2.73
N LYS B 485 45.30 14.11 -1.97
CA LYS B 485 46.74 14.37 -2.06
C LYS B 485 47.53 13.53 -1.07
N ILE B 486 46.86 12.73 -0.24
CA ILE B 486 47.55 11.81 0.65
C ILE B 486 48.33 10.78 -0.17
N LYS B 487 47.71 10.25 -1.24
CA LYS B 487 48.42 9.30 -2.06
C LYS B 487 49.57 9.95 -2.83
N ALA B 488 49.57 11.28 -2.96
CA ALA B 488 50.68 12.00 -3.55
C ALA B 488 51.73 12.40 -2.52
N ASN B 489 51.52 12.07 -1.25
CA ASN B 489 52.48 12.35 -0.18
C ASN B 489 52.83 13.84 -0.09
N TRP B 490 51.82 14.69 -0.23
CA TRP B 490 52.05 16.12 -0.03
C TRP B 490 52.35 16.41 1.43
N ASN B 491 53.30 17.32 1.67
CA ASN B 491 53.60 17.74 3.03
C ASN B 491 52.36 18.30 3.71
N GLU B 492 51.57 19.09 2.99
CA GLU B 492 50.38 19.70 3.59
C GLU B 492 49.40 18.62 4.05
N SER B 493 49.23 17.57 3.25
CA SER B 493 48.33 16.48 3.62
C SER B 493 48.81 15.76 4.86
N ASN B 494 50.12 15.55 4.99
CA ASN B 494 50.66 14.91 6.19
C ASN B 494 50.42 15.78 7.42
N THR B 495 50.70 17.07 7.32
CA THR B 495 50.46 17.97 8.44
C THR B 495 48.99 17.99 8.84
N MET B 496 48.10 17.92 7.85
CA MET B 496 46.67 17.99 8.13
C MET B 496 46.16 16.69 8.77
N GLY B 497 46.64 15.54 8.28
CA GLY B 497 46.24 14.28 8.87
C GLY B 497 46.68 14.14 10.33
N ASP B 498 47.87 14.66 10.65
CA ASP B 498 48.33 14.65 12.04
C ASP B 498 47.45 15.51 12.92
N ASN B 499 47.02 16.68 12.42
CA ASN B 499 46.18 17.56 13.21
C ASN B 499 44.81 16.94 13.43
N LEU B 500 44.24 16.31 12.40
CA LEU B 500 43.05 15.49 12.57
C LEU B 500 43.23 14.47 13.69
N THR B 501 44.31 13.69 13.61
CA THR B 501 44.53 12.61 14.56
C THR B 501 44.65 13.14 15.98
N ALA B 502 45.37 14.26 16.16
CA ALA B 502 45.55 14.83 17.50
C ALA B 502 44.24 15.33 18.10
N ASN B 503 43.21 15.56 17.29
CA ASN B 503 41.93 16.05 17.77
C ASN B 503 40.85 14.98 17.74
N GLY B 504 41.24 13.71 17.72
CA GLY B 504 40.26 12.64 17.69
C GLY B 504 39.59 12.42 16.36
N GLY B 505 40.18 12.90 15.27
CA GLY B 505 39.58 12.76 13.96
C GLY B 505 40.04 11.51 13.23
N VAL B 506 39.43 11.29 12.07
CA VAL B 506 39.67 10.13 11.23
C VAL B 506 40.08 10.63 9.85
N VAL B 507 41.11 10.02 9.27
CA VAL B 507 41.68 10.50 8.02
C VAL B 507 41.03 9.76 6.85
N GLY B 508 40.40 10.50 5.95
CA GLY B 508 39.83 9.94 4.74
C GLY B 508 40.72 10.23 3.55
N THR B 509 41.14 9.17 2.86
CA THR B 509 41.97 9.28 1.67
C THR B 509 41.12 8.97 0.43
N ASN B 510 41.23 9.82 -0.58
CA ASN B 510 40.51 9.64 -1.84
C ASN B 510 41.40 8.89 -2.84
N TYR B 511 40.87 7.78 -3.38
CA TYR B 511 41.45 7.09 -4.53
C TYR B 511 42.84 6.53 -4.25
N SER B 512 43.02 5.97 -3.06
CA SER B 512 44.19 5.14 -2.80
C SER B 512 43.94 3.73 -3.30
N ASP B 513 45.01 3.05 -3.70
CA ASP B 513 44.93 1.63 -4.02
C ASP B 513 45.51 0.83 -2.85
N GLY B 514 45.52 -0.49 -3.01
CA GLY B 514 45.99 -1.36 -1.93
C GLY B 514 47.38 -0.99 -1.44
N ALA B 515 48.31 -0.77 -2.38
CA ALA B 515 49.68 -0.43 -2.01
C ALA B 515 49.74 0.88 -1.24
N ASN B 516 48.97 1.87 -1.67
CA ASN B 516 49.02 3.17 -0.99
C ASN B 516 48.36 3.11 0.39
N TYR B 517 47.31 2.29 0.54
CA TYR B 517 46.76 2.03 1.87
C TYR B 517 47.85 1.51 2.81
N ASP B 518 48.65 0.55 2.34
CA ASP B 518 49.73 0.00 3.15
C ASP B 518 50.79 1.05 3.46
N LYS B 519 51.11 1.91 2.49
CA LYS B 519 52.09 2.97 2.72
C LYS B 519 51.61 3.95 3.79
N ILE B 520 50.32 4.30 3.76
CA ILE B 520 49.76 5.18 4.77
C ILE B 520 49.85 4.54 6.15
N ARG B 521 49.43 3.28 6.25
CA ARG B 521 49.49 2.56 7.51
C ARG B 521 50.91 2.51 8.06
N THR B 522 51.88 2.27 7.19
CA THR B 522 53.28 2.18 7.63
C THR B 522 53.84 3.57 7.96
N THR B 523 53.58 4.55 7.09
CA THR B 523 54.18 5.87 7.26
C THR B 523 53.50 6.66 8.37
N HIS B 524 52.20 6.50 8.55
CA HIS B 524 51.45 7.23 9.57
C HIS B 524 50.70 6.24 10.45
N PRO B 525 51.42 5.50 11.31
CA PRO B 525 50.77 4.43 12.08
C PRO B 525 49.73 4.92 13.07
N SER B 526 49.76 6.21 13.45
CA SER B 526 48.75 6.75 14.36
C SER B 526 47.42 7.05 13.70
N TRP B 527 47.38 7.16 12.37
CA TRP B 527 46.15 7.55 11.69
C TRP B 527 45.14 6.40 11.67
N ALA B 528 43.89 6.72 11.99
CA ALA B 528 42.77 5.85 11.65
C ALA B 528 42.23 6.32 10.30
N ILE B 529 42.20 5.42 9.32
CA ILE B 529 41.90 5.82 7.95
C ILE B 529 40.75 5.01 7.39
N TYR B 530 40.22 5.49 6.27
CA TYR B 530 39.17 4.82 5.51
C TYR B 530 39.19 5.41 4.11
N GLY B 531 38.56 4.70 3.18
CA GLY B 531 38.47 5.19 1.82
C GLY B 531 37.33 6.18 1.66
N SER B 532 37.64 7.48 1.78
CA SER B 532 36.60 8.51 1.73
C SER B 532 36.00 8.66 0.33
N GLU B 533 36.71 8.27 -0.72
CA GLU B 533 36.15 8.31 -2.06
C GLU B 533 36.91 7.31 -2.92
N THR B 534 36.19 6.37 -3.52
CA THR B 534 36.81 5.22 -4.17
C THR B 534 36.13 4.94 -5.51
N ALA B 535 36.83 4.14 -6.32
CA ALA B 535 36.32 3.62 -7.59
C ALA B 535 36.23 4.68 -8.68
N SER B 536 35.12 5.42 -8.72
CA SER B 536 34.81 6.26 -9.88
C SER B 536 34.82 5.44 -11.16
N ALA B 537 34.24 4.25 -11.11
CA ALA B 537 33.96 3.52 -12.33
C ALA B 537 32.90 4.28 -13.13
N ILE B 538 33.01 4.18 -14.45
CA ILE B 538 32.13 4.92 -15.34
C ILE B 538 31.48 3.93 -16.30
N ASN B 539 30.17 3.77 -16.18
CA ASN B 539 29.40 2.80 -16.94
C ASN B 539 28.02 3.37 -17.27
N SER B 540 27.49 2.99 -18.42
CA SER B 540 26.08 3.17 -18.71
C SER B 540 25.29 1.94 -18.26
N ARG B 541 23.97 2.05 -18.29
CA ARG B 541 23.09 0.93 -17.98
C ARG B 541 22.75 0.18 -19.27
N GLY B 542 23.08 -1.11 -19.31
CA GLY B 542 22.62 -1.98 -20.37
C GLY B 542 23.43 -1.99 -21.65
N ILE B 543 24.73 -1.71 -21.58
CA ILE B 543 25.59 -1.63 -22.76
C ILE B 543 26.56 -2.80 -22.71
N TYR B 544 26.52 -3.64 -23.75
CA TYR B 544 27.31 -4.87 -23.76
C TYR B 544 28.08 -5.11 -25.05
N ASN B 545 27.90 -4.27 -26.08
CA ASN B 545 28.57 -4.58 -27.35
C ASN B 545 30.07 -4.33 -27.32
N ARG B 546 30.62 -3.97 -26.16
CA ARG B 546 32.06 -3.79 -25.99
C ARG B 546 32.36 -3.96 -24.50
N THR B 547 33.53 -4.52 -24.23
CA THR B 547 33.95 -4.76 -22.84
C THR B 547 34.92 -3.69 -22.34
N THR B 548 35.37 -2.79 -23.20
CA THR B 548 36.33 -1.76 -22.84
C THR B 548 35.62 -0.43 -22.61
N GLY B 549 36.27 0.44 -21.84
CA GLY B 549 35.74 1.77 -21.60
C GLY B 549 36.79 2.76 -21.14
N GLY B 550 36.49 3.51 -20.07
CA GLY B 550 37.45 4.42 -19.49
C GLY B 550 37.74 5.67 -20.28
N ALA B 551 37.04 5.90 -21.40
CA ALA B 551 37.28 7.07 -22.22
C ALA B 551 36.05 7.32 -23.09
N GLN B 552 36.05 8.46 -23.77
CA GLN B 552 34.92 8.83 -24.60
C GLN B 552 34.70 7.81 -25.71
N SER B 553 33.43 7.55 -26.01
CA SER B 553 33.02 6.64 -27.07
C SER B 553 32.28 7.43 -28.14
N SER B 554 31.96 6.74 -29.24
CA SER B 554 31.26 7.38 -30.34
C SER B 554 29.75 7.42 -30.12
N ASP B 555 29.19 6.45 -29.39
CA ASP B 555 27.75 6.41 -29.19
C ASP B 555 27.31 7.12 -27.90
N LYS B 556 28.21 7.87 -27.28
CA LYS B 556 27.93 8.64 -26.06
C LYS B 556 27.52 7.76 -24.89
N GLN B 557 27.89 6.48 -24.91
CA GLN B 557 27.59 5.57 -23.81
C GLN B 557 28.86 4.84 -23.40
N LEU B 558 28.76 4.07 -22.32
CA LEU B 558 29.90 3.33 -21.79
C LEU B 558 29.49 1.91 -21.44
N THR B 559 30.44 0.99 -21.57
CA THR B 559 30.20 -0.42 -21.29
C THR B 559 29.67 -0.62 -19.87
N SER B 560 28.84 -1.65 -19.71
CA SER B 560 28.33 -2.05 -18.41
C SER B 560 29.24 -3.06 -17.71
N TYR B 561 30.16 -3.68 -18.44
CA TYR B 561 31.19 -4.48 -17.80
C TYR B 561 32.01 -3.61 -16.85
N ASP B 562 32.51 -4.21 -15.78
CA ASP B 562 33.30 -3.47 -14.79
C ASP B 562 34.78 -3.46 -15.20
N ASN B 563 35.03 -2.93 -16.39
CA ASN B 563 36.37 -2.74 -16.92
C ASN B 563 36.64 -1.28 -17.26
N SER B 564 35.87 -0.35 -16.67
CA SER B 564 35.85 1.04 -17.11
C SER B 564 35.91 1.96 -15.91
N ALA B 565 36.94 2.80 -15.84
CA ALA B 565 37.09 3.74 -14.74
C ALA B 565 37.91 4.92 -15.21
N VAL B 566 37.87 5.99 -14.43
CA VAL B 566 38.67 7.17 -14.74
C VAL B 566 40.15 6.86 -14.48
N GLY B 567 41.02 7.68 -15.08
CA GLY B 567 42.45 7.41 -15.00
C GLY B 567 42.98 7.36 -13.57
N TRP B 568 42.42 8.19 -12.68
CA TRP B 568 42.81 8.22 -11.28
C TRP B 568 41.99 7.28 -10.40
N GLY B 569 41.04 6.55 -10.97
CA GLY B 569 40.16 5.69 -10.21
C GLY B 569 40.51 4.22 -10.36
N ALA B 570 39.52 3.38 -10.09
CA ALA B 570 39.67 1.93 -10.19
C ALA B 570 38.30 1.32 -10.40
N VAL B 571 38.28 0.16 -11.07
CA VAL B 571 37.02 -0.56 -11.24
C VAL B 571 36.50 -1.04 -9.89
N ALA B 572 35.20 -1.36 -9.86
CA ALA B 572 34.53 -1.67 -8.60
C ALA B 572 35.21 -2.83 -7.87
N SER B 573 35.52 -3.90 -8.59
CA SER B 573 36.14 -5.06 -7.93
C SER B 573 37.50 -4.70 -7.38
N SER B 574 38.24 -3.82 -8.05
CA SER B 574 39.57 -3.45 -7.57
C SER B 574 39.47 -2.61 -6.29
N ALA B 575 38.61 -1.59 -6.30
CA ALA B 575 38.53 -0.71 -5.15
C ALA B 575 37.97 -1.42 -3.92
N TRP B 576 37.15 -2.45 -4.11
CA TRP B 576 36.62 -3.20 -2.96
C TRP B 576 37.58 -4.28 -2.49
N TYR B 577 38.24 -4.96 -3.43
CA TYR B 577 39.24 -5.96 -3.07
C TYR B 577 40.34 -5.34 -2.21
N ASP B 578 40.78 -4.14 -2.56
CA ASP B 578 41.84 -3.48 -1.79
C ASP B 578 41.36 -3.07 -0.40
N VAL B 579 40.06 -2.90 -0.21
CA VAL B 579 39.50 -2.45 1.07
C VAL B 579 39.14 -3.64 1.95
N VAL B 580 38.51 -4.67 1.37
CA VAL B 580 38.02 -5.79 2.18
C VAL B 580 39.16 -6.58 2.78
N GLN B 581 40.34 -6.55 2.16
CA GLN B 581 41.50 -7.27 2.69
C GLN B 581 42.11 -6.60 3.91
N ARG B 582 41.88 -5.31 4.11
CA ARG B 582 42.63 -4.53 5.09
C ARG B 582 41.70 -4.05 6.19
N ASP B 583 41.85 -4.64 7.38
CA ASP B 583 41.03 -4.25 8.53
C ASP B 583 41.30 -2.83 8.99
N PHE B 584 42.46 -2.27 8.68
CA PHE B 584 42.77 -0.90 9.06
C PHE B 584 42.15 0.12 8.13
N VAL B 585 41.59 -0.30 6.99
CA VAL B 585 40.81 0.58 6.13
C VAL B 585 39.35 0.39 6.53
N ALA B 586 38.86 1.30 7.37
CA ALA B 586 37.57 1.11 8.04
C ALA B 586 36.42 0.88 7.06
N GLY B 587 36.54 1.37 5.83
CA GLY B 587 35.50 1.13 4.85
C GLY B 587 35.76 1.93 3.59
N THR B 588 34.71 2.07 2.78
CA THR B 588 34.79 2.71 1.49
C THR B 588 33.53 3.53 1.25
N TYR B 589 33.67 4.60 0.47
CA TYR B 589 32.53 5.41 0.02
C TYR B 589 32.63 5.54 -1.50
N VAL B 590 32.04 4.55 -2.19
CA VAL B 590 32.18 4.45 -3.63
C VAL B 590 31.53 5.63 -4.33
N TRP B 591 32.24 6.18 -5.31
CA TRP B 591 31.75 7.28 -6.13
C TRP B 591 31.19 6.71 -7.43
N THR B 592 29.86 6.70 -7.58
CA THR B 592 28.84 7.12 -6.61
C THR B 592 27.74 6.05 -6.46
N GLY B 593 26.87 6.22 -5.47
CA GLY B 593 25.74 5.31 -5.33
C GLY B 593 24.72 5.48 -6.44
N PHE B 594 24.33 6.72 -6.70
CA PHE B 594 23.40 7.07 -7.77
C PHE B 594 24.08 8.00 -8.74
N ASP B 595 23.73 7.87 -10.01
CA ASP B 595 24.08 8.92 -10.97
C ASP B 595 23.43 10.23 -10.54
N TYR B 596 24.08 11.33 -10.93
CA TYR B 596 23.60 12.67 -10.60
C TYR B 596 23.76 13.53 -11.83
N LEU B 597 23.03 14.64 -11.85
CA LEU B 597 23.10 15.54 -12.98
C LEU B 597 24.45 16.27 -12.99
N GLY B 598 24.91 16.60 -14.19
CA GLY B 598 26.22 17.22 -14.34
C GLY B 598 27.34 16.19 -14.35
N GLU B 599 28.55 16.69 -14.11
CA GLU B 599 29.84 15.99 -14.18
C GLU B 599 29.79 14.74 -15.06
N PRO B 600 29.58 14.90 -16.37
CA PRO B 600 29.41 13.72 -17.23
C PRO B 600 30.72 13.11 -17.72
N THR B 601 31.70 13.01 -16.83
CA THR B 601 32.97 12.37 -17.16
C THR B 601 32.70 10.99 -17.78
N PRO B 602 33.42 10.60 -18.85
CA PRO B 602 34.55 11.27 -19.50
C PRO B 602 34.21 12.38 -20.51
N TRP B 603 32.95 12.82 -20.55
CA TRP B 603 32.56 13.99 -21.33
C TRP B 603 32.45 15.25 -20.48
N ASN B 604 33.29 15.39 -19.46
CA ASN B 604 33.15 16.52 -18.56
C ASN B 604 33.72 17.78 -19.21
N GLY B 605 33.21 18.92 -18.76
CA GLY B 605 33.70 20.20 -19.21
C GLY B 605 33.68 21.20 -18.06
N THR B 606 34.85 21.75 -17.75
CA THR B 606 34.94 22.72 -16.66
C THR B 606 34.73 24.14 -17.13
N GLY B 607 34.80 24.39 -18.44
CA GLY B 607 34.38 25.65 -19.02
C GLY B 607 33.08 25.49 -19.79
N SER B 608 32.73 26.55 -20.51
CA SER B 608 31.54 26.49 -21.35
C SER B 608 31.85 25.78 -22.66
N GLY B 609 30.80 25.34 -23.33
CA GLY B 609 30.97 24.71 -24.62
C GLY B 609 30.57 23.23 -24.60
N ALA B 610 30.08 22.76 -25.74
CA ALA B 610 29.68 21.36 -25.84
C ALA B 610 30.90 20.46 -25.85
N VAL B 611 30.78 19.31 -25.19
CA VAL B 611 31.83 18.30 -25.18
C VAL B 611 31.43 17.19 -26.13
N GLY B 612 32.21 17.00 -27.19
CA GLY B 612 31.80 16.06 -28.22
C GLY B 612 30.67 16.63 -29.06
N SER B 613 29.93 15.72 -29.69
CA SER B 613 28.82 16.07 -30.55
C SER B 613 27.58 16.40 -29.74
N TRP B 614 27.01 17.57 -29.96
CA TRP B 614 25.78 17.95 -29.29
C TRP B 614 24.61 17.15 -29.87
N PRO B 615 23.69 16.64 -29.02
CA PRO B 615 23.54 16.80 -27.58
C PRO B 615 24.60 16.06 -26.77
N SER B 616 25.25 16.75 -25.87
CA SER B 616 26.33 16.14 -25.11
C SER B 616 25.81 15.49 -23.84
N PRO B 617 26.51 14.49 -23.33
CA PRO B 617 26.14 13.91 -22.03
C PRO B 617 26.00 14.99 -20.98
N LYS B 618 24.92 14.90 -20.18
CA LYS B 618 24.61 15.92 -19.20
C LYS B 618 24.45 15.40 -17.79
N ASN B 619 24.47 14.09 -17.57
CA ASN B 619 24.55 13.55 -16.21
C ASN B 619 25.70 12.55 -16.13
N SER B 620 25.94 12.04 -14.93
CA SER B 620 27.15 11.28 -14.63
C SER B 620 27.02 9.84 -15.11
N TYR B 621 28.18 9.15 -15.13
CA TYR B 621 28.25 7.72 -15.36
C TYR B 621 28.81 6.98 -14.15
N PHE B 622 29.15 7.69 -13.07
CA PHE B 622 29.75 7.08 -11.89
C PHE B 622 28.76 6.22 -11.12
N GLY B 623 27.47 6.39 -11.34
CA GLY B 623 26.48 5.84 -10.43
C GLY B 623 26.39 4.33 -10.54
N ILE B 624 26.35 3.66 -9.39
CA ILE B 624 26.00 2.25 -9.36
C ILE B 624 24.56 2.07 -9.83
N VAL B 625 23.72 3.05 -9.57
CA VAL B 625 22.33 3.11 -10.01
C VAL B 625 22.17 4.38 -10.84
N ASP B 626 21.34 4.31 -11.87
CA ASP B 626 21.21 5.48 -12.74
C ASP B 626 20.27 6.50 -12.10
N THR B 627 20.07 7.65 -12.77
CA THR B 627 19.27 8.72 -12.18
C THR B 627 17.84 8.28 -11.91
N ALA B 628 17.33 7.34 -12.70
CA ALA B 628 15.95 6.88 -12.57
C ALA B 628 15.76 5.82 -11.50
N GLY B 629 16.82 5.45 -10.78
CA GLY B 629 16.71 4.38 -9.82
C GLY B 629 16.87 2.99 -10.40
N PHE B 630 17.18 2.86 -11.69
CA PHE B 630 17.37 1.55 -12.32
C PHE B 630 18.80 1.10 -12.11
N PRO B 631 19.04 -0.04 -11.45
CA PRO B 631 20.42 -0.46 -11.17
C PRO B 631 21.16 -0.87 -12.43
N LYS B 632 22.45 -0.57 -12.45
CA LYS B 632 23.36 -1.15 -13.44
C LYS B 632 23.84 -2.51 -12.95
N ASP B 633 24.56 -3.23 -13.83
CA ASP B 633 24.94 -4.60 -13.50
C ASP B 633 25.84 -4.67 -12.28
N THR B 634 26.74 -3.71 -12.11
CA THR B 634 27.67 -3.73 -10.99
C THR B 634 26.94 -3.68 -9.64
N TYR B 635 25.70 -3.18 -9.63
CA TYR B 635 24.87 -3.20 -8.42
C TYR B 635 24.87 -4.57 -7.76
N TYR B 636 24.80 -5.63 -8.56
CA TYR B 636 24.74 -6.98 -8.02
C TYR B 636 26.11 -7.50 -7.62
N PHE B 637 27.19 -6.95 -8.17
CA PHE B 637 28.51 -7.25 -7.61
C PHE B 637 28.57 -6.76 -6.16
N TYR B 638 28.28 -5.48 -5.93
CA TYR B 638 28.27 -4.93 -4.59
C TYR B 638 27.34 -5.72 -3.68
N GLN B 639 26.13 -6.04 -4.18
CA GLN B 639 25.18 -6.81 -3.37
C GLN B 639 25.77 -8.16 -2.97
N SER B 640 26.48 -8.82 -3.90
CA SER B 640 27.12 -10.08 -3.55
C SER B 640 28.20 -9.89 -2.51
N GLN B 641 28.78 -8.69 -2.43
CA GLN B 641 29.84 -8.41 -1.48
C GLN B 641 29.33 -7.89 -0.14
N TRP B 642 28.17 -7.23 -0.12
CA TRP B 642 27.78 -6.41 1.01
C TRP B 642 26.51 -6.85 1.73
N ASN B 643 25.53 -7.42 1.04
CA ASN B 643 24.22 -7.67 1.62
C ASN B 643 24.19 -9.10 2.15
N ASP B 644 24.36 -9.25 3.46
CA ASP B 644 24.39 -10.57 4.09
C ASP B 644 23.00 -11.13 4.39
N ASP B 645 21.94 -10.37 4.15
CA ASP B 645 20.58 -10.82 4.37
C ASP B 645 19.91 -11.29 3.10
N VAL B 646 20.68 -11.47 2.02
CA VAL B 646 20.13 -11.74 0.70
C VAL B 646 21.14 -12.60 -0.05
N HIS B 647 20.65 -13.41 -0.99
CA HIS B 647 21.51 -14.19 -1.86
C HIS B 647 21.41 -13.63 -3.28
N THR B 648 22.57 -13.49 -3.93
CA THR B 648 22.68 -12.83 -5.23
C THR B 648 23.14 -13.83 -6.28
N LEU B 649 22.52 -13.77 -7.45
CA LEU B 649 22.93 -14.58 -8.60
C LEU B 649 22.54 -13.79 -9.84
N HIS B 650 23.53 -13.13 -10.45
CA HIS B 650 23.28 -12.19 -11.53
C HIS B 650 24.24 -12.41 -12.69
N ILE B 651 23.68 -12.40 -13.90
CA ILE B 651 24.42 -12.69 -15.13
C ILE B 651 24.37 -11.47 -16.03
N LEU B 652 25.53 -11.12 -16.59
CA LEU B 652 25.64 -10.23 -17.74
C LEU B 652 26.51 -10.90 -18.77
N PRO B 653 26.32 -10.59 -20.07
CA PRO B 653 25.42 -9.60 -20.66
C PRO B 653 24.01 -10.10 -20.94
N ALA B 654 23.19 -9.24 -21.53
CA ALA B 654 21.97 -9.70 -22.18
C ALA B 654 22.34 -10.55 -23.39
N TRP B 655 21.41 -11.41 -23.81
CA TRP B 655 21.76 -12.42 -24.79
C TRP B 655 21.04 -12.23 -26.12
N ASN B 656 21.21 -11.06 -26.74
CA ASN B 656 20.81 -10.81 -28.12
C ASN B 656 22.06 -10.59 -28.95
N GLU B 657 22.01 -11.05 -30.20
CA GLU B 657 23.21 -11.01 -31.05
C GLU B 657 23.67 -9.58 -31.29
N ASN B 658 22.74 -8.66 -31.45
CA ASN B 658 23.11 -7.28 -31.79
C ASN B 658 23.60 -6.48 -30.58
N VAL B 659 23.63 -7.05 -29.38
CA VAL B 659 24.11 -6.34 -28.20
C VAL B 659 25.32 -6.99 -27.56
N VAL B 660 25.69 -8.21 -27.92
CA VAL B 660 26.83 -8.88 -27.31
C VAL B 660 28.12 -8.46 -28.01
N ALA B 661 29.24 -8.68 -27.33
CA ALA B 661 30.58 -8.39 -27.84
C ALA B 661 31.28 -9.71 -28.18
N LYS B 662 31.34 -10.04 -29.46
CA LYS B 662 31.91 -11.32 -29.88
C LYS B 662 33.42 -11.20 -29.95
N GLY B 663 34.10 -11.94 -29.06
CA GLY B 663 35.54 -12.09 -29.15
C GLY B 663 35.97 -13.09 -30.20
N SER B 664 37.24 -13.04 -30.56
CA SER B 664 37.75 -13.93 -31.60
C SER B 664 37.48 -15.38 -31.20
N GLY B 665 36.82 -16.11 -32.08
CA GLY B 665 36.19 -17.36 -31.71
C GLY B 665 34.70 -17.27 -31.48
N ASN B 666 34.10 -16.09 -31.64
CA ASN B 666 32.67 -15.85 -31.35
C ASN B 666 32.31 -16.13 -29.90
N ASN B 667 33.29 -16.09 -29.01
CA ASN B 667 33.04 -16.24 -27.59
C ASN B 667 32.61 -14.90 -27.01
N VAL B 668 31.54 -14.90 -26.24
CA VAL B 668 31.08 -13.72 -25.52
C VAL B 668 31.50 -13.85 -24.06
N PRO B 669 32.17 -12.86 -23.47
CA PRO B 669 32.51 -12.92 -22.05
C PRO B 669 31.25 -12.82 -21.19
N VAL B 670 30.98 -13.87 -20.42
CA VAL B 670 29.84 -13.90 -19.51
C VAL B 670 30.35 -13.78 -18.09
N VAL B 671 29.73 -12.91 -17.31
CA VAL B 671 30.14 -12.61 -15.94
C VAL B 671 29.00 -12.95 -14.99
N VAL B 672 29.34 -13.58 -13.87
CA VAL B 672 28.39 -13.96 -12.84
C VAL B 672 28.79 -13.29 -11.53
N TYR B 673 27.87 -12.50 -10.96
CA TYR B 673 28.03 -11.93 -9.63
C TYR B 673 27.21 -12.73 -8.64
N THR B 674 27.86 -13.28 -7.61
CA THR B 674 27.15 -14.11 -6.66
C THR B 674 27.91 -14.18 -5.35
N ASP B 675 27.17 -14.43 -4.27
CA ASP B 675 27.72 -14.74 -2.96
C ASP B 675 27.71 -16.23 -2.66
N ALA B 676 27.24 -17.05 -3.60
CA ALA B 676 27.19 -18.49 -3.41
C ALA B 676 28.61 -19.08 -3.42
N ALA B 677 28.71 -20.30 -2.91
CA ALA B 677 30.01 -20.95 -2.86
C ALA B 677 30.41 -21.55 -4.20
N LYS B 678 29.44 -22.07 -4.96
CA LYS B 678 29.71 -22.71 -6.23
C LYS B 678 28.61 -22.36 -7.21
N VAL B 679 28.98 -22.18 -8.47
CA VAL B 679 28.04 -21.85 -9.54
C VAL B 679 28.27 -22.78 -10.72
N LYS B 680 27.20 -23.37 -11.22
CA LYS B 680 27.21 -24.13 -12.47
C LYS B 680 26.50 -23.31 -13.54
N LEU B 681 27.16 -23.12 -14.68
CA LEU B 681 26.64 -22.32 -15.77
C LEU B 681 26.15 -23.24 -16.89
N TYR B 682 24.92 -23.03 -17.34
CA TYR B 682 24.30 -23.85 -18.37
C TYR B 682 23.91 -23.01 -19.57
N PHE B 683 23.83 -23.67 -20.73
CA PHE B 683 23.27 -23.07 -21.93
C PHE B 683 22.22 -24.01 -22.52
N THR B 684 21.05 -23.47 -22.79
CA THR B 684 19.97 -24.23 -23.43
C THR B 684 19.67 -23.62 -24.78
N PRO B 685 19.94 -24.31 -25.89
CA PRO B 685 19.60 -23.76 -27.21
C PRO B 685 18.13 -23.42 -27.30
N LYS B 686 17.81 -22.42 -28.12
CA LYS B 686 16.43 -21.96 -28.24
C LYS B 686 15.51 -23.10 -28.63
N GLY B 687 14.48 -23.33 -27.82
CA GLY B 687 13.52 -24.39 -28.06
C GLY B 687 14.11 -25.78 -28.01
N SER B 688 14.92 -26.06 -26.99
CA SER B 688 15.52 -27.37 -26.81
C SER B 688 15.08 -28.06 -25.54
N THR B 689 14.96 -27.33 -24.43
CA THR B 689 14.61 -27.85 -23.11
C THR B 689 15.66 -28.81 -22.55
N GLU B 690 16.81 -28.93 -23.21
CA GLU B 690 17.90 -29.76 -22.74
C GLU B 690 19.07 -28.83 -22.42
N LYS B 691 19.36 -28.66 -21.13
CA LYS B 691 20.40 -27.75 -20.71
C LYS B 691 21.75 -28.46 -20.81
N ARG B 692 22.75 -27.71 -21.24
CA ARG B 692 24.10 -28.25 -21.39
C ARG B 692 25.02 -27.53 -20.42
N LEU B 693 25.74 -28.31 -19.62
CA LEU B 693 26.61 -27.73 -18.61
C LEU B 693 27.82 -27.11 -19.29
N ILE B 694 28.07 -25.83 -19.01
CA ILE B 694 29.23 -25.14 -19.56
C ILE B 694 30.45 -25.32 -18.66
N GLY B 695 30.22 -25.35 -17.35
CA GLY B 695 31.29 -25.52 -16.40
C GLY B 695 30.90 -24.98 -15.05
N GLU B 696 31.64 -25.39 -14.03
CA GLU B 696 31.39 -24.96 -12.67
C GLU B 696 32.67 -24.36 -12.08
N LYS B 697 32.49 -23.43 -11.15
CA LYS B 697 33.59 -22.78 -10.46
C LYS B 697 33.20 -22.58 -9.00
N SER B 698 34.17 -22.74 -8.11
CA SER B 698 33.93 -22.62 -6.67
C SER B 698 34.80 -21.52 -6.08
N PHE B 699 34.21 -20.73 -5.19
CA PHE B 699 34.93 -19.68 -4.50
C PHE B 699 35.71 -20.24 -3.32
N THR B 700 36.83 -19.60 -3.02
CA THR B 700 37.58 -19.85 -1.80
C THR B 700 37.21 -18.78 -0.78
N LYS B 701 36.96 -19.19 0.47
CA LYS B 701 36.54 -18.28 1.51
C LYS B 701 37.75 -17.81 2.28
N LYS B 702 37.95 -16.49 2.33
CA LYS B 702 39.06 -15.86 3.04
C LYS B 702 38.56 -15.18 4.30
N THR B 703 39.40 -15.13 5.33
CA THR B 703 39.07 -14.52 6.61
C THR B 703 40.22 -13.62 7.04
N THR B 704 39.92 -12.36 7.33
CA THR B 704 40.93 -11.40 7.77
C THR B 704 41.21 -11.59 9.25
N ALA B 705 42.17 -10.83 9.77
CA ALA B 705 42.57 -10.94 11.17
C ALA B 705 41.43 -10.56 12.11
N ALA B 706 40.66 -9.53 11.74
CA ALA B 706 39.56 -9.06 12.58
C ALA B 706 38.31 -9.92 12.48
N GLY B 707 38.24 -10.83 11.49
CA GLY B 707 37.12 -11.73 11.35
C GLY B 707 36.24 -11.49 10.14
N TYR B 708 36.55 -10.50 9.30
CA TYR B 708 35.77 -10.29 8.09
C TYR B 708 36.08 -11.39 7.08
N THR B 709 35.07 -11.74 6.28
CA THR B 709 35.20 -12.78 5.28
C THR B 709 34.83 -12.25 3.90
N TYR B 710 35.49 -12.80 2.88
CA TYR B 710 35.19 -12.47 1.50
C TYR B 710 35.53 -13.69 0.65
N GLN B 711 35.08 -13.67 -0.61
CA GLN B 711 35.23 -14.80 -1.50
C GLN B 711 36.01 -14.40 -2.75
N VAL B 712 36.96 -15.25 -3.15
CA VAL B 712 37.77 -15.04 -4.33
C VAL B 712 37.94 -16.37 -5.04
N TYR B 713 37.94 -16.33 -6.37
CA TYR B 713 38.11 -17.54 -7.17
C TYR B 713 39.59 -17.81 -7.37
N GLU B 714 40.02 -19.02 -7.01
CA GLU B 714 41.44 -19.40 -7.06
C GLU B 714 41.66 -20.66 -7.88
N GLY B 715 40.82 -20.90 -8.88
CA GLY B 715 41.03 -22.04 -9.75
C GLY B 715 42.22 -21.86 -10.68
N SER B 716 42.54 -22.93 -11.41
CA SER B 716 43.68 -22.87 -12.32
C SER B 716 43.45 -21.90 -13.46
N ASP B 717 42.19 -21.69 -13.87
CA ASP B 717 41.86 -20.75 -14.93
C ASP B 717 41.45 -19.38 -14.37
N LYS B 718 41.87 -19.05 -13.16
CA LYS B 718 41.57 -17.76 -12.58
C LYS B 718 42.21 -16.64 -13.38
N ASP B 719 41.67 -15.43 -13.21
CA ASP B 719 42.21 -14.28 -13.89
C ASP B 719 43.56 -13.89 -13.28
N SER B 720 44.49 -13.46 -14.14
CA SER B 720 45.80 -13.06 -13.64
C SER B 720 45.70 -11.84 -12.72
N THR B 721 44.74 -10.95 -12.98
CA THR B 721 44.50 -9.80 -12.12
C THR B 721 43.65 -10.23 -10.94
N ALA B 722 44.20 -10.11 -9.73
CA ALA B 722 43.59 -10.73 -8.55
C ALA B 722 42.15 -10.26 -8.34
N HIS B 723 41.92 -8.95 -8.35
CA HIS B 723 40.61 -8.43 -7.93
C HIS B 723 39.48 -8.88 -8.86
N LYS B 724 39.79 -9.22 -10.12
CA LYS B 724 38.74 -9.71 -11.00
C LYS B 724 38.22 -11.07 -10.59
N ASN B 725 38.91 -11.77 -9.68
CA ASN B 725 38.46 -13.06 -9.19
C ASN B 725 37.42 -12.94 -8.07
N MET B 726 37.00 -11.73 -7.71
CA MET B 726 35.87 -11.58 -6.80
C MET B 726 34.53 -11.87 -7.47
N TYR B 727 34.55 -12.13 -8.78
CA TYR B 727 33.41 -12.65 -9.52
C TYR B 727 33.91 -13.73 -10.47
N LEU B 728 33.00 -14.28 -11.28
CA LEU B 728 33.29 -15.41 -12.14
C LEU B 728 33.04 -15.05 -13.59
N THR B 729 33.93 -15.49 -14.49
CA THR B 729 33.80 -15.23 -15.92
C THR B 729 33.96 -16.53 -16.69
N TRP B 730 33.06 -16.74 -17.65
CA TRP B 730 33.15 -17.81 -18.63
C TRP B 730 33.13 -17.21 -20.03
N ASN B 731 33.80 -17.88 -20.97
CA ASN B 731 33.68 -17.57 -22.38
C ASN B 731 32.66 -18.52 -23.00
N VAL B 732 31.59 -17.96 -23.56
CA VAL B 732 30.47 -18.74 -24.08
C VAL B 732 30.32 -18.38 -25.55
N PRO B 733 30.32 -19.35 -26.46
CA PRO B 733 30.08 -19.03 -27.88
C PRO B 733 28.65 -18.56 -28.09
N TRP B 734 28.50 -17.52 -28.91
CA TRP B 734 27.18 -16.96 -29.17
C TRP B 734 26.29 -17.96 -29.90
N ALA B 735 25.07 -18.11 -29.40
CA ALA B 735 24.03 -18.91 -30.04
C ALA B 735 22.71 -18.58 -29.38
N GLU B 736 21.64 -18.51 -30.17
CA GLU B 736 20.33 -18.16 -29.63
C GLU B 736 19.90 -19.20 -28.61
N GLY B 737 19.45 -18.73 -27.45
CA GLY B 737 19.02 -19.62 -26.39
C GLY B 737 19.03 -18.92 -25.04
N THR B 738 19.24 -19.71 -23.99
CA THR B 738 19.18 -19.22 -22.62
C THR B 738 20.44 -19.64 -21.87
N ILE B 739 21.11 -18.68 -21.27
CA ILE B 739 22.22 -18.93 -20.35
C ILE B 739 21.69 -18.81 -18.94
N SER B 740 21.72 -19.90 -18.18
CA SER B 740 21.23 -19.92 -16.80
C SER B 740 22.34 -20.36 -15.87
N ALA B 741 22.15 -20.09 -14.58
CA ALA B 741 23.14 -20.40 -13.56
C ALA B 741 22.45 -20.99 -12.34
N GLU B 742 23.11 -21.96 -11.72
CA GLU B 742 22.65 -22.57 -10.48
C GLU B 742 23.67 -22.34 -9.38
N ALA B 743 23.19 -21.91 -8.22
CA ALA B 743 24.04 -21.56 -7.10
C ALA B 743 23.96 -22.62 -6.01
N TYR B 744 25.11 -22.91 -5.41
CA TYR B 744 25.21 -23.88 -4.32
C TYR B 744 25.91 -23.23 -3.13
N ASP B 745 25.47 -23.59 -1.93
CA ASP B 745 26.01 -22.99 -0.71
C ASP B 745 27.24 -23.79 -0.26
N GLU B 746 27.69 -23.52 0.97
CA GLU B 746 28.93 -24.12 1.46
C GLU B 746 28.80 -25.63 1.63
N ASN B 747 27.59 -26.13 1.89
CA ASN B 747 27.35 -27.55 2.08
C ASN B 747 27.03 -28.27 0.78
N ASN B 748 27.19 -27.60 -0.36
CA ASN B 748 26.88 -28.14 -1.69
C ASN B 748 25.38 -28.36 -1.88
N ARG B 749 24.55 -27.80 -1.01
CA ARG B 749 23.11 -27.81 -1.19
C ARG B 749 22.69 -26.72 -2.17
N LEU B 750 21.80 -27.08 -3.10
CA LEU B 750 21.36 -26.14 -4.11
C LEU B 750 20.59 -24.99 -3.48
N ILE B 751 20.97 -23.76 -3.85
CA ILE B 751 20.22 -22.57 -3.44
C ILE B 751 18.98 -22.53 -4.33
N PRO B 752 17.78 -22.57 -3.77
CA PRO B 752 16.58 -22.79 -4.59
C PRO B 752 16.39 -21.73 -5.67
N GLU B 753 15.98 -22.19 -6.85
CA GLU B 753 15.71 -21.28 -7.96
C GLU B 753 14.61 -20.30 -7.59
N GLY B 754 14.73 -19.07 -8.09
CA GLY B 754 13.76 -18.03 -7.82
C GLY B 754 13.93 -17.30 -6.51
N SER B 755 14.82 -17.75 -5.64
CA SER B 755 15.04 -17.10 -4.36
C SER B 755 16.24 -16.16 -4.35
N THR B 756 16.92 -15.98 -5.49
CA THR B 756 18.09 -15.13 -5.57
C THR B 756 17.77 -13.83 -6.29
N GLU B 757 18.51 -12.78 -5.94
CA GLU B 757 18.38 -11.47 -6.57
C GLU B 757 19.30 -11.39 -7.78
N GLY B 758 18.84 -10.70 -8.81
CA GLY B 758 19.55 -10.61 -10.07
C GLY B 758 19.02 -11.59 -11.11
N ASN B 759 19.54 -11.44 -12.32
CA ASN B 759 19.13 -12.27 -13.45
C ASN B 759 19.93 -13.57 -13.42
N ALA B 760 19.30 -14.64 -12.94
CA ALA B 760 19.91 -15.97 -12.93
C ALA B 760 19.82 -16.66 -14.28
N SER B 761 19.15 -16.06 -15.26
CA SER B 761 19.05 -16.64 -16.59
C SER B 761 18.75 -15.52 -17.59
N VAL B 762 19.49 -15.50 -18.69
CA VAL B 762 19.29 -14.53 -19.76
C VAL B 762 18.92 -15.27 -21.03
N THR B 763 17.92 -14.75 -21.74
CA THR B 763 17.34 -15.42 -22.90
C THR B 763 17.34 -14.48 -24.10
N THR B 764 17.63 -15.04 -25.28
CA THR B 764 17.46 -14.28 -26.51
C THR B 764 15.99 -13.91 -26.67
N THR B 765 15.72 -12.62 -26.84
CA THR B 765 14.37 -12.12 -26.87
C THR B 765 13.90 -11.92 -28.30
N GLY B 766 12.58 -11.82 -28.45
CA GLY B 766 11.98 -11.39 -29.70
C GLY B 766 11.99 -9.88 -29.81
N LYS B 767 11.26 -9.38 -30.79
CA LYS B 767 11.18 -7.95 -31.01
C LYS B 767 10.22 -7.32 -29.99
N ALA B 768 10.33 -6.00 -29.84
CA ALA B 768 9.48 -5.29 -28.89
C ALA B 768 8.02 -5.53 -29.21
N ALA B 769 7.22 -5.84 -28.19
CA ALA B 769 5.82 -6.14 -28.42
C ALA B 769 4.89 -5.41 -27.45
N LYS B 770 5.32 -5.18 -26.21
CA LYS B 770 4.42 -4.60 -25.23
C LYS B 770 5.21 -3.94 -24.10
N LEU B 771 4.49 -3.14 -23.32
CA LEU B 771 5.01 -2.43 -22.16
C LEU B 771 4.52 -3.09 -20.88
N LYS B 772 5.36 -3.04 -19.84
CA LYS B 772 4.99 -3.57 -18.53
C LYS B 772 5.24 -2.47 -17.50
N ALA B 773 4.16 -1.84 -17.04
CA ALA B 773 4.24 -0.76 -16.07
C ALA B 773 4.00 -1.29 -14.67
N ASP B 774 4.76 -0.76 -13.71
CA ASP B 774 4.63 -1.20 -12.33
C ASP B 774 4.87 -0.03 -11.40
N ALA B 775 3.87 0.27 -10.55
CA ALA B 775 4.02 1.28 -9.52
C ALA B 775 4.71 0.68 -8.31
N ASP B 776 5.77 1.35 -7.81
CA ASP B 776 6.49 0.80 -6.66
C ASP B 776 5.62 0.79 -5.41
N ARG B 777 4.75 1.78 -5.23
CA ARG B 777 3.79 1.81 -4.14
C ARG B 777 2.40 2.04 -4.72
N LYS B 778 1.50 1.09 -4.48
CA LYS B 778 0.15 1.16 -5.05
C LYS B 778 -0.78 2.09 -4.27
N THR B 779 -0.36 2.58 -3.11
CA THR B 779 -1.14 3.56 -2.38
C THR B 779 -0.17 4.53 -1.73
N ILE B 780 -0.39 5.83 -1.95
CA ILE B 780 0.46 6.88 -1.44
C ILE B 780 -0.42 7.88 -0.69
N THR B 781 0.23 8.82 -0.01
CA THR B 781 -0.48 9.79 0.80
C THR B 781 -0.93 10.97 -0.05
N ALA B 782 -2.16 11.42 0.19
CA ALA B 782 -2.76 12.54 -0.55
C ALA B 782 -2.41 13.86 0.15
N ASP B 783 -1.12 14.17 0.13
CA ASP B 783 -0.61 15.38 0.77
C ASP B 783 0.06 16.35 -0.21
N GLY B 784 -0.02 16.08 -1.51
CA GLY B 784 0.67 16.93 -2.46
C GLY B 784 2.17 16.80 -2.44
N LYS B 785 2.71 15.83 -1.69
CA LYS B 785 4.15 15.60 -1.59
C LYS B 785 4.53 14.19 -2.01
N ASP B 786 3.83 13.18 -1.51
CA ASP B 786 4.21 11.79 -1.71
C ASP B 786 4.25 11.46 -3.20
N LEU B 787 5.03 10.44 -3.53
CA LEU B 787 5.28 10.08 -4.91
C LEU B 787 5.08 8.58 -5.11
N SER B 788 4.72 8.21 -6.32
CA SER B 788 4.75 6.83 -6.77
C SER B 788 5.63 6.77 -8.02
N TYR B 789 6.55 5.81 -8.04
CA TYR B 789 7.48 5.62 -9.15
C TYR B 789 6.95 4.51 -10.06
N ILE B 790 6.80 4.82 -11.34
CA ILE B 790 6.23 3.90 -12.32
C ILE B 790 7.37 3.41 -13.20
N GLU B 791 7.84 2.20 -12.92
CA GLU B 791 8.84 1.54 -13.74
C GLU B 791 8.17 0.84 -14.92
N VAL B 792 8.62 1.16 -16.13
CA VAL B 792 8.04 0.59 -17.35
C VAL B 792 9.14 -0.15 -18.12
N ASP B 793 8.85 -1.39 -18.48
CA ASP B 793 9.76 -2.22 -19.27
C ASP B 793 9.22 -2.39 -20.68
N VAL B 794 10.12 -2.45 -21.66
CA VAL B 794 9.79 -2.79 -23.03
C VAL B 794 10.13 -4.27 -23.22
N THR B 795 9.11 -5.11 -23.34
CA THR B 795 9.29 -6.55 -23.43
C THR B 795 8.74 -7.06 -24.75
N ASP B 796 9.10 -8.31 -25.06
CA ASP B 796 8.58 -9.00 -26.23
C ASP B 796 7.27 -9.68 -25.85
N ALA B 797 6.79 -10.58 -26.73
CA ALA B 797 5.53 -11.26 -26.48
C ALA B 797 5.60 -12.17 -25.26
N ASN B 798 6.78 -12.71 -24.95
CA ASN B 798 6.96 -13.60 -23.81
C ASN B 798 7.36 -12.85 -22.54
N GLY B 799 7.36 -11.53 -22.57
CA GLY B 799 7.64 -10.74 -21.40
C GLY B 799 9.11 -10.49 -21.11
N HIS B 800 10.01 -10.90 -22.00
CA HIS B 800 11.43 -10.64 -21.81
C HIS B 800 11.75 -9.21 -22.23
N ILE B 801 12.43 -8.48 -21.35
CA ILE B 801 12.82 -7.10 -21.64
C ILE B 801 13.79 -7.08 -22.82
N VAL B 802 13.45 -6.32 -23.85
CA VAL B 802 14.32 -6.13 -25.01
C VAL B 802 15.53 -5.29 -24.58
N PRO B 803 16.74 -5.84 -24.63
CA PRO B 803 17.88 -5.16 -23.96
C PRO B 803 18.24 -3.80 -24.51
N ASP B 804 17.98 -3.53 -25.79
CA ASP B 804 18.38 -2.27 -26.41
C ASP B 804 17.17 -1.42 -26.83
N ALA B 805 15.98 -1.75 -26.34
CA ALA B 805 14.79 -1.05 -26.79
C ALA B 805 14.82 0.41 -26.36
N ALA B 806 14.48 1.30 -27.28
CA ALA B 806 14.48 2.73 -27.04
C ALA B 806 13.18 3.38 -27.51
N ASN B 807 12.08 2.63 -27.47
CA ASN B 807 10.80 3.15 -27.93
C ASN B 807 10.38 4.35 -27.09
N ARG B 808 9.82 5.35 -27.75
CA ARG B 808 9.31 6.53 -27.06
C ARG B 808 8.00 6.18 -26.35
N VAL B 809 8.00 6.31 -25.02
CA VAL B 809 6.84 5.97 -24.20
C VAL B 809 6.15 7.25 -23.77
N THR B 810 4.83 7.30 -23.96
CA THR B 810 3.99 8.41 -23.55
C THR B 810 3.14 7.97 -22.35
N PHE B 811 3.05 8.83 -21.35
CA PHE B 811 2.30 8.55 -20.13
C PHE B 811 1.05 9.41 -20.08
N ASP B 812 -0.11 8.76 -19.92
CA ASP B 812 -1.37 9.45 -19.69
C ASP B 812 -1.69 9.37 -18.20
N VAL B 813 -1.72 10.53 -17.54
CA VAL B 813 -1.97 10.61 -16.11
C VAL B 813 -3.27 11.37 -15.90
N LYS B 814 -4.27 10.71 -15.33
CA LYS B 814 -5.52 11.34 -14.97
C LYS B 814 -5.92 10.93 -13.55
N GLY B 815 -6.76 11.74 -12.93
CA GLY B 815 -7.20 11.51 -11.58
C GLY B 815 -6.50 12.43 -10.59
N ALA B 816 -6.47 11.98 -9.34
CA ALA B 816 -5.97 12.79 -8.23
C ALA B 816 -4.44 12.71 -8.10
N GLY B 817 -3.77 13.08 -9.19
CA GLY B 817 -2.32 13.07 -9.21
C GLY B 817 -1.80 13.85 -10.40
N LYS B 818 -0.49 14.08 -10.38
CA LYS B 818 0.18 14.79 -11.46
C LYS B 818 1.52 14.14 -11.76
N LEU B 819 1.83 14.06 -13.06
CA LEU B 819 3.16 13.63 -13.50
C LEU B 819 4.15 14.76 -13.22
N VAL B 820 5.21 14.45 -12.50
CA VAL B 820 6.22 15.44 -12.13
C VAL B 820 7.58 15.16 -12.74
N GLY B 821 7.78 14.01 -13.36
CA GLY B 821 9.04 13.72 -14.01
C GLY B 821 9.02 12.46 -14.85
N VAL B 822 9.82 12.43 -15.91
CA VAL B 822 10.06 11.22 -16.70
C VAL B 822 11.56 11.07 -16.87
N ASP B 823 12.04 9.83 -16.84
CA ASP B 823 13.48 9.59 -16.83
C ASP B 823 13.80 8.26 -17.47
N ASN B 824 15.01 8.16 -18.03
CA ASN B 824 15.58 6.91 -18.49
C ASN B 824 17.03 6.72 -18.07
N GLY B 825 17.62 7.70 -17.38
CA GLY B 825 19.00 7.61 -16.92
C GLY B 825 20.05 7.84 -17.99
N SER B 826 19.66 8.00 -19.25
CA SER B 826 20.62 8.11 -20.35
C SER B 826 21.24 9.50 -20.34
N SER B 827 22.57 9.55 -20.18
CA SER B 827 23.25 10.83 -20.02
C SER B 827 23.06 11.79 -21.18
N PRO B 828 23.21 11.41 -22.45
CA PRO B 828 23.07 12.37 -23.55
C PRO B 828 21.63 12.66 -23.98
N ASP B 829 20.62 12.22 -23.24
CA ASP B 829 19.23 12.47 -23.61
C ASP B 829 18.81 13.83 -23.07
N HIS B 830 18.55 14.78 -23.96
CA HIS B 830 18.20 16.14 -23.59
C HIS B 830 16.70 16.41 -23.55
N ASP B 831 15.87 15.39 -23.76
CA ASP B 831 14.42 15.59 -23.70
C ASP B 831 14.01 16.11 -22.33
N SER B 832 13.02 17.00 -22.32
CA SER B 832 12.60 17.65 -21.09
C SER B 832 12.13 16.63 -20.07
N TYR B 833 12.61 16.78 -18.83
CA TYR B 833 12.15 15.95 -17.73
C TYR B 833 10.68 16.19 -17.41
N GLN B 834 10.11 17.32 -17.85
CA GLN B 834 8.74 17.68 -17.53
C GLN B 834 7.76 17.32 -18.63
N ALA B 835 8.21 16.68 -19.71
CA ALA B 835 7.32 16.23 -20.76
C ALA B 835 6.55 14.99 -20.33
N ASP B 836 5.55 14.63 -21.13
CA ASP B 836 4.77 13.44 -20.85
C ASP B 836 5.27 12.22 -21.62
N ASN B 837 6.44 12.32 -22.25
CA ASN B 837 6.96 11.24 -23.08
C ASN B 837 8.48 11.29 -23.08
N ARG B 838 9.09 10.11 -23.22
CA ARG B 838 10.54 9.99 -23.23
C ARG B 838 10.91 8.62 -23.80
N LYS B 839 12.03 8.57 -24.54
CA LYS B 839 12.49 7.28 -25.02
C LYS B 839 12.88 6.39 -23.85
N ALA B 840 12.58 5.10 -23.98
CA ALA B 840 13.18 4.15 -23.07
C ALA B 840 14.67 4.06 -23.35
N PHE B 841 15.43 3.62 -22.36
CA PHE B 841 16.86 3.37 -22.56
C PHE B 841 17.20 2.00 -22.00
N SER B 842 17.85 1.18 -22.82
CA SER B 842 18.16 -0.21 -22.47
C SER B 842 16.92 -0.90 -21.91
N GLY B 843 15.78 -0.68 -22.56
CA GLY B 843 14.56 -1.39 -22.27
C GLY B 843 13.70 -0.80 -21.17
N LYS B 844 14.12 0.28 -20.50
CA LYS B 844 13.40 0.78 -19.34
C LYS B 844 13.18 2.29 -19.43
N VAL B 845 12.07 2.74 -18.82
CA VAL B 845 11.77 4.17 -18.66
C VAL B 845 10.96 4.32 -17.38
N LEU B 846 11.01 5.52 -16.79
CA LEU B 846 10.39 5.78 -15.51
C LEU B 846 9.43 6.96 -15.59
N ALA B 847 8.29 6.83 -14.92
CA ALA B 847 7.37 7.93 -14.67
C ALA B 847 7.25 8.16 -13.18
N ILE B 848 7.19 9.42 -12.77
CA ILE B 848 7.03 9.82 -11.38
C ILE B 848 5.74 10.62 -11.27
N VAL B 849 4.84 10.17 -10.41
CA VAL B 849 3.57 10.87 -10.19
C VAL B 849 3.54 11.36 -8.75
N GLN B 850 2.95 12.52 -8.56
CA GLN B 850 2.79 13.13 -7.24
C GLN B 850 1.31 13.23 -6.92
N SER B 851 0.97 12.96 -5.67
CA SER B 851 -0.43 13.07 -5.24
C SER B 851 -0.84 14.54 -5.17
N THR B 852 -2.14 14.75 -5.11
CA THR B 852 -2.70 16.05 -4.76
C THR B 852 -3.08 16.03 -3.29
N LYS B 853 -3.76 17.08 -2.83
CA LYS B 853 -4.16 17.21 -1.44
C LYS B 853 -5.57 16.72 -1.19
N GLU B 854 -6.13 15.96 -2.14
CA GLU B 854 -7.47 15.40 -1.99
C GLU B 854 -7.40 13.92 -2.38
N ALA B 855 -7.95 13.07 -1.52
CA ALA B 855 -7.86 11.64 -1.73
C ALA B 855 -8.59 11.26 -3.02
N GLY B 856 -8.19 10.12 -3.58
CA GLY B 856 -8.76 9.68 -4.85
C GLY B 856 -7.92 8.58 -5.45
N GLU B 857 -7.92 8.54 -6.78
CA GLU B 857 -7.22 7.50 -7.51
C GLU B 857 -6.48 8.11 -8.69
N ILE B 858 -5.26 7.64 -8.92
CA ILE B 858 -4.43 8.05 -10.03
C ILE B 858 -4.42 6.95 -11.06
N THR B 859 -4.70 7.29 -12.32
CA THR B 859 -4.63 6.34 -13.42
C THR B 859 -3.49 6.75 -14.35
N VAL B 860 -2.55 5.82 -14.56
CA VAL B 860 -1.38 6.05 -15.41
C VAL B 860 -1.37 4.99 -16.49
N THR B 861 -1.34 5.42 -17.75
CA THR B 861 -1.29 4.53 -18.90
C THR B 861 -0.01 4.81 -19.66
N ALA B 862 0.82 3.78 -19.85
CA ALA B 862 2.04 3.89 -20.65
C ALA B 862 1.76 3.28 -22.03
N LYS B 863 1.99 4.06 -23.07
CA LYS B 863 1.72 3.60 -24.43
C LYS B 863 2.86 3.99 -25.36
N ALA B 864 2.95 3.26 -26.46
CA ALA B 864 3.97 3.48 -27.49
C ALA B 864 3.49 2.87 -28.80
N ASP B 865 4.00 3.40 -29.90
CA ASP B 865 3.54 3.01 -31.22
C ASP B 865 3.86 1.54 -31.50
N GLY B 866 2.83 0.77 -31.84
CA GLY B 866 3.01 -0.63 -32.17
C GLY B 866 3.15 -1.58 -31.00
N LEU B 867 2.99 -1.10 -29.76
CA LEU B 867 3.12 -1.92 -28.57
C LEU B 867 1.82 -1.88 -27.77
N GLN B 868 1.60 -2.94 -27.00
CA GLN B 868 0.44 -2.99 -26.11
C GLN B 868 0.66 -2.07 -24.93
N SER B 869 -0.35 -1.25 -24.63
CA SER B 869 -0.27 -0.32 -23.51
C SER B 869 -0.20 -1.08 -22.18
N SER B 870 0.14 -0.34 -21.14
CA SER B 870 0.10 -0.86 -19.78
C SER B 870 -0.45 0.23 -18.88
N THR B 871 -1.29 -0.16 -17.92
CA THR B 871 -1.97 0.77 -17.05
C THR B 871 -1.81 0.32 -15.60
N VAL B 872 -1.52 1.27 -14.72
CA VAL B 872 -1.50 1.04 -13.29
C VAL B 872 -2.44 2.02 -12.62
N LYS B 873 -2.98 1.61 -11.47
CA LYS B 873 -3.84 2.46 -10.67
C LYS B 873 -3.20 2.65 -9.30
N ILE B 874 -3.18 3.89 -8.83
CA ILE B 874 -2.57 4.26 -7.56
C ILE B 874 -3.61 5.02 -6.74
N ALA B 875 -3.91 4.52 -5.55
CA ALA B 875 -4.81 5.18 -4.63
C ALA B 875 -4.04 6.19 -3.78
N THR B 876 -4.72 7.27 -3.40
CA THR B 876 -4.17 8.27 -2.51
C THR B 876 -5.08 8.41 -1.30
N THR B 877 -4.49 8.32 -0.10
CA THR B 877 -5.23 8.32 1.15
C THR B 877 -5.01 9.64 1.89
N ALA B 878 -6.07 10.12 2.51
CA ALA B 878 -6.03 11.40 3.21
C ALA B 878 -5.08 11.32 4.40
N VAL B 879 -4.55 12.47 4.79
CA VAL B 879 -3.69 12.57 5.97
C VAL B 879 -4.55 12.36 7.22
N PRO B 880 -4.17 11.46 8.13
CA PRO B 880 -4.95 11.15 9.34
C PRO B 880 -5.21 12.36 10.23
CA CA C . -18.08 -2.03 -21.14
CA CA D . -32.62 -31.31 4.40
N1 IMD E . -24.02 -12.49 3.46
C2 IMD E . -24.19 -13.00 2.21
N3 IMD E . -25.33 -13.73 2.18
C4 IMD E . -25.88 -13.69 3.41
C5 IMD E . -25.06 -12.90 4.21
N1 IMD F . -52.31 -21.92 -3.26
C2 IMD F . -51.63 -23.07 -3.04
N3 IMD F . -51.56 -23.75 -4.21
C4 IMD F . -52.18 -23.02 -5.16
C5 IMD F . -52.67 -21.87 -4.56
N1 IMD G . -32.73 -21.01 -5.49
C2 IMD G . -31.52 -21.56 -5.22
N3 IMD G . -31.71 -22.77 -4.63
C4 IMD G . -33.04 -22.98 -4.53
C5 IMD G . -33.68 -21.88 -5.08
CA CA H . 24.52 -12.16 0.29
CA CA I . 33.59 25.57 -14.25
N1 IMD J . 22.87 15.21 0.05
C2 IMD J . 23.54 14.37 -0.77
N3 IMD J . 24.80 14.84 -0.95
C4 IMD J . 24.94 15.96 -0.23
C5 IMD J . 23.72 16.21 0.40
N1 IMD K . 36.12 13.17 -7.95
C2 IMD K . 36.27 14.13 -8.89
N3 IMD K . 35.13 14.24 -9.60
C4 IMD K . 34.24 13.35 -9.11
C5 IMD K . 34.86 12.67 -8.07
N1 IMD L . 34.43 11.87 19.55
C2 IMD L . 35.58 12.55 19.32
N3 IMD L . 36.46 11.72 18.72
C4 IMD L . 35.88 10.52 18.57
C5 IMD L . 34.59 10.61 19.09
#